data_4MIO
#
_entry.id   4MIO
#
_cell.length_a   106.693
_cell.length_b   110.480
_cell.length_c   126.738
_cell.angle_alpha   90.000
_cell.angle_beta   90.000
_cell.angle_gamma   90.000
#
_symmetry.space_group_name_H-M   'P 21 21 21'
#
loop_
_entity.id
_entity.type
_entity.pdbx_description
1 polymer 'Inositol 2-dehydrogenase/D-chiro-inositol 3-dehydrogenase'
2 non-polymer '1,4-DIHYDRONICOTINAMIDE ADENINE DINUCLEOTIDE'
3 non-polymer GLYCEROL
4 non-polymer 'SULFATE ION'
5 non-polymer 1,2,3,4,5,6-HEXAHYDROXY-CYCLOHEXANE
6 water water
#
_entity_poly.entity_id   1
_entity_poly.type   'polypeptide(L)'
_entity_poly.pdbx_seq_one_letter_code
;MVVKVGVIGTGAMGRAHIDRLTNVLTGAEVVAVTDIDHEAAEAAVRDFHLNAKVYPDDTSLLQDPDIDAVFVVSFGGAHE
ATVLKALDTDKFIFTEKPLATTLEGAKRIVDKELTKSKKVIQVGFMRRYDQGIRALKEKLDTGIIGAPLVVRASHINPNV
ASNYSNEMAITDTLIHEIDEMHWLLDDEYTSIQITYPRQSAEVRNEGLHDPQLATLTTKKGTVIQVLVHVTAQYGYEVKL
EVIGETGELQLPNYGLGPILRSNANQQTAVEMSWINRFIQAYNTEVQEFIDEVAKSEPPVGPSAWDGYIAAITAAAANRS
QKDQETVLINVAGTPTFYQ
;
_entity_poly.pdbx_strand_id   A,B,C,D
#
loop_
_chem_comp.id
_chem_comp.type
_chem_comp.name
_chem_comp.formula
GOL non-polymer GLYCEROL 'C3 H8 O3'
INS non-polymer 1,2,3,4,5,6-HEXAHYDROXY-CYCLOHEXANE 'C6 H12 O6'
NAI non-polymer '1,4-DIHYDRONICOTINAMIDE ADENINE DINUCLEOTIDE' 'C21 H29 N7 O14 P2'
SO4 non-polymer 'SULFATE ION' 'O4 S -2'
#
# COMPACT_ATOMS: atom_id res chain seq x y z
N MET A 1 -9.32 -36.16 26.68
CA MET A 1 -10.75 -36.39 26.74
C MET A 1 -11.56 -35.28 26.01
N VAL A 2 -12.69 -35.67 25.44
CA VAL A 2 -13.46 -34.75 24.59
C VAL A 2 -14.44 -33.94 25.41
N VAL A 3 -14.59 -32.66 25.11
CA VAL A 3 -15.52 -31.79 25.79
C VAL A 3 -16.93 -31.98 25.21
N LYS A 4 -17.84 -32.41 26.06
CA LYS A 4 -19.22 -32.63 25.64
C LYS A 4 -20.07 -31.38 25.81
N VAL A 5 -20.63 -30.94 24.69
CA VAL A 5 -21.30 -29.67 24.60
C VAL A 5 -22.82 -29.78 24.35
N GLY A 6 -23.56 -28.95 25.06
CA GLY A 6 -24.95 -28.71 24.73
C GLY A 6 -25.16 -27.33 24.10
N VAL A 7 -25.97 -27.27 23.08
CA VAL A 7 -26.27 -26.03 22.41
C VAL A 7 -27.73 -25.61 22.57
N ILE A 8 -27.93 -24.45 23.14
CA ILE A 8 -29.24 -23.87 23.37
C ILE A 8 -29.48 -22.74 22.34
N GLY A 9 -30.34 -23.04 21.38
CA GLY A 9 -30.63 -22.18 20.27
C GLY A 9 -29.88 -22.65 19.05
N THR A 10 -30.57 -23.26 18.13
CA THR A 10 -29.96 -23.80 16.94
C THR A 10 -30.42 -23.10 15.65
N GLY A 11 -30.25 -21.79 15.65
CA GLY A 11 -30.55 -20.95 14.51
C GLY A 11 -29.32 -20.73 13.68
N ALA A 12 -29.20 -19.55 13.09
CA ALA A 12 -28.08 -19.23 12.24
C ALA A 12 -26.71 -19.40 12.94
N MET A 13 -26.52 -18.69 14.03
CA MET A 13 -25.23 -18.71 14.74
C MET A 13 -25.05 -19.99 15.53
N GLY A 14 -26.17 -20.51 16.04
CA GLY A 14 -26.16 -21.79 16.71
C GLY A 14 -25.65 -22.88 15.81
N ARG A 15 -26.14 -22.93 14.58
CA ARG A 15 -25.71 -23.92 13.64
C ARG A 15 -24.25 -23.69 13.22
N ALA A 16 -23.88 -22.42 13.16
CA ALA A 16 -22.51 -22.07 12.86
C ALA A 16 -21.52 -22.56 13.95
N HIS A 17 -21.93 -22.44 15.19
CA HIS A 17 -21.13 -22.93 16.30
C HIS A 17 -21.09 -24.45 16.32
N ILE A 18 -22.22 -25.07 16.03
CA ILE A 18 -22.25 -26.53 15.88
C ILE A 18 -21.30 -27.02 14.81
N ASP A 19 -21.32 -26.38 13.67
CA ASP A 19 -20.41 -26.68 12.61
C ASP A 19 -18.95 -26.52 13.05
N ARG A 20 -18.68 -25.45 13.76
CA ARG A 20 -17.35 -25.23 14.29
C ARG A 20 -16.92 -26.37 15.21
N LEU A 21 -17.80 -26.74 16.10
CA LEU A 21 -17.50 -27.77 17.10
C LEU A 21 -17.39 -29.15 16.47
N THR A 22 -18.10 -29.35 15.37
CA THR A 22 -18.23 -30.67 14.75
C THR A 22 -17.26 -30.92 13.64
N ASN A 23 -17.06 -29.92 12.83
CA ASN A 23 -16.27 -30.07 11.64
C ASN A 23 -14.93 -29.33 11.66
N VAL A 24 -14.89 -28.16 12.26
CA VAL A 24 -13.77 -27.25 12.13
C VAL A 24 -12.70 -27.44 13.22
N LEU A 25 -13.13 -27.48 14.46
CA LEU A 25 -12.24 -27.42 15.59
C LEU A 25 -11.99 -28.79 16.23
N THR A 26 -11.03 -28.85 17.14
CA THR A 26 -10.66 -30.10 17.78
C THR A 26 -11.03 -30.15 19.24
N GLY A 27 -11.48 -31.31 19.69
CA GLY A 27 -11.63 -31.58 21.10
C GLY A 27 -13.02 -31.48 21.69
N ALA A 28 -14.03 -31.33 20.84
CA ALA A 28 -15.39 -31.21 21.34
C ALA A 28 -16.38 -32.09 20.56
N GLU A 29 -17.52 -32.34 21.18
CA GLU A 29 -18.64 -33.00 20.54
C GLU A 29 -19.97 -32.44 21.03
N VAL A 30 -20.86 -32.16 20.09
CA VAL A 30 -22.19 -31.72 20.43
C VAL A 30 -23.07 -32.94 20.71
N VAL A 31 -23.49 -33.08 21.95
CA VAL A 31 -24.24 -34.24 22.39
C VAL A 31 -25.66 -33.93 22.81
N ALA A 32 -26.02 -32.66 22.84
CA ALA A 32 -27.36 -32.19 23.19
C ALA A 32 -27.69 -30.85 22.55
N VAL A 33 -28.94 -30.69 22.13
CA VAL A 33 -29.44 -29.44 21.59
C VAL A 33 -30.84 -29.14 22.11
N THR A 34 -31.21 -27.89 22.10
CA THR A 34 -32.57 -27.47 22.38
C THR A 34 -32.90 -26.16 21.64
N ASP A 35 -34.15 -26.01 21.24
CA ASP A 35 -34.63 -24.82 20.56
C ASP A 35 -36.16 -24.73 20.78
N ILE A 36 -36.69 -23.54 20.93
CA ILE A 36 -38.14 -23.38 21.07
C ILE A 36 -38.81 -23.87 19.83
N ASP A 37 -38.07 -23.87 18.75
CA ASP A 37 -38.49 -24.46 17.54
C ASP A 37 -37.94 -25.84 17.42
N HIS A 38 -38.69 -26.79 17.97
CA HIS A 38 -38.27 -28.15 18.04
C HIS A 38 -37.85 -28.74 16.69
N GLU A 39 -38.42 -28.27 15.61
CA GLU A 39 -37.96 -28.69 14.32
C GLU A 39 -36.57 -28.19 13.94
N ALA A 40 -36.21 -27.02 14.44
CA ALA A 40 -34.87 -26.52 14.22
C ALA A 40 -33.86 -27.38 14.95
N ALA A 41 -34.23 -27.82 16.12
CA ALA A 41 -33.34 -28.65 16.89
C ALA A 41 -33.11 -29.94 16.18
N GLU A 42 -34.19 -30.51 15.66
CA GLU A 42 -34.11 -31.75 14.94
C GLU A 42 -33.28 -31.64 13.67
N ALA A 43 -33.42 -30.52 12.99
CA ALA A 43 -32.67 -30.26 11.78
C ALA A 43 -31.16 -30.15 12.07
N ALA A 44 -30.84 -29.55 13.20
CA ALA A 44 -29.45 -29.40 13.59
C ALA A 44 -28.81 -30.79 13.75
N VAL A 45 -29.49 -31.65 14.47
CA VAL A 45 -28.96 -32.95 14.74
C VAL A 45 -28.81 -33.68 13.45
N ARG A 46 -29.79 -33.53 12.60
CA ARG A 46 -29.82 -34.21 11.35
C ARG A 46 -28.76 -33.72 10.33
N ASP A 47 -28.71 -32.43 10.11
CA ASP A 47 -27.83 -31.86 9.14
C ASP A 47 -26.38 -32.05 9.48
N PHE A 48 -26.08 -32.04 10.75
CA PHE A 48 -24.70 -32.20 11.18
C PHE A 48 -24.32 -33.61 11.61
N HIS A 49 -25.23 -34.55 11.42
CA HIS A 49 -24.98 -35.95 11.73
C HIS A 49 -24.55 -36.15 13.18
N LEU A 50 -25.24 -35.50 14.08
CA LEU A 50 -24.90 -35.55 15.48
C LEU A 50 -25.44 -36.79 16.16
N ASN A 51 -24.75 -37.22 17.19
CA ASN A 51 -25.19 -38.25 18.10
C ASN A 51 -25.61 -37.49 19.31
N ALA A 52 -26.77 -36.85 19.24
CA ALA A 52 -27.21 -35.95 20.26
C ALA A 52 -28.68 -36.08 20.60
N LYS A 53 -29.00 -35.74 21.82
CA LYS A 53 -30.34 -35.74 22.32
C LYS A 53 -30.96 -34.38 22.08
N VAL A 54 -32.20 -34.38 21.64
CA VAL A 54 -32.96 -33.15 21.55
C VAL A 54 -33.79 -32.98 22.80
N TYR A 55 -33.54 -31.95 23.56
CA TYR A 55 -34.22 -31.66 24.79
C TYR A 55 -35.36 -30.63 24.57
N PRO A 56 -36.47 -30.79 25.30
CA PRO A 56 -37.64 -29.91 25.10
C PRO A 56 -37.37 -28.47 25.49
N ASP A 57 -36.45 -28.26 26.40
CA ASP A 57 -36.14 -26.91 26.85
C ASP A 57 -34.73 -26.80 27.46
N ASP A 58 -34.33 -25.61 27.86
CA ASP A 58 -33.03 -25.42 28.43
C ASP A 58 -32.89 -26.07 29.80
N THR A 59 -33.98 -26.08 30.56
CA THR A 59 -33.95 -26.64 31.90
C THR A 59 -33.60 -28.11 31.87
N SER A 60 -34.22 -28.86 30.98
CA SER A 60 -33.95 -30.26 30.88
C SER A 60 -32.54 -30.55 30.37
N LEU A 61 -32.06 -29.71 29.47
CA LEU A 61 -30.75 -29.87 28.91
C LEU A 61 -29.69 -29.67 29.97
N LEU A 62 -29.89 -28.68 30.79
CA LEU A 62 -28.96 -28.29 31.81
C LEU A 62 -28.85 -29.32 32.94
N GLN A 63 -29.84 -30.20 33.04
CA GLN A 63 -29.83 -31.21 34.08
C GLN A 63 -29.06 -32.47 33.65
N ASP A 64 -28.58 -32.51 32.41
CA ASP A 64 -27.89 -33.67 31.88
C ASP A 64 -26.45 -33.62 32.39
N PRO A 65 -26.05 -34.62 33.20
CA PRO A 65 -24.78 -34.55 33.88
C PRO A 65 -23.61 -34.88 32.97
N ASP A 66 -23.87 -35.38 31.79
CA ASP A 66 -22.80 -35.72 30.87
C ASP A 66 -22.28 -34.50 30.11
N ILE A 67 -23.01 -33.39 30.20
CA ILE A 67 -22.66 -32.19 29.45
C ILE A 67 -21.67 -31.34 30.23
N ASP A 68 -20.53 -31.04 29.62
CA ASP A 68 -19.47 -30.28 30.23
C ASP A 68 -19.66 -28.76 30.10
N ALA A 69 -20.20 -28.36 28.95
CA ALA A 69 -20.34 -26.98 28.64
C ALA A 69 -21.59 -26.73 27.77
N VAL A 70 -22.18 -25.56 27.97
CA VAL A 70 -23.28 -25.15 27.15
C VAL A 70 -22.97 -23.89 26.34
N PHE A 71 -23.47 -23.87 25.12
CA PHE A 71 -23.44 -22.69 24.27
C PHE A 71 -24.85 -22.08 24.24
N VAL A 72 -24.96 -20.82 24.58
CA VAL A 72 -26.24 -20.12 24.59
C VAL A 72 -26.28 -19.24 23.34
N VAL A 73 -27.09 -19.65 22.38
CA VAL A 73 -27.17 -19.01 21.08
C VAL A 73 -28.62 -18.73 20.65
N SER A 74 -29.43 -18.45 21.63
CA SER A 74 -30.82 -18.09 21.42
C SER A 74 -30.96 -16.60 21.15
N PHE A 75 -32.19 -16.10 21.05
CA PHE A 75 -32.43 -14.68 20.94
C PHE A 75 -31.72 -13.96 22.07
N GLY A 76 -31.21 -12.78 21.79
CA GLY A 76 -30.49 -12.05 22.79
C GLY A 76 -31.24 -11.89 24.07
N GLY A 77 -32.53 -11.59 23.95
CA GLY A 77 -33.38 -11.36 25.08
C GLY A 77 -33.59 -12.61 25.94
N ALA A 78 -33.18 -13.74 25.42
CA ALA A 78 -33.34 -15.01 26.10
C ALA A 78 -32.08 -15.50 26.82
N HIS A 79 -30.99 -14.76 26.72
CA HIS A 79 -29.73 -15.18 27.32
C HIS A 79 -29.73 -15.12 28.82
N GLU A 80 -30.23 -14.01 29.38
CA GLU A 80 -30.15 -13.74 30.78
C GLU A 80 -30.72 -14.91 31.59
N ALA A 81 -31.96 -15.25 31.28
CA ALA A 81 -32.67 -16.32 31.98
C ALA A 81 -31.94 -17.63 31.87
N THR A 82 -31.49 -17.96 30.67
CA THR A 82 -30.78 -19.20 30.43
C THR A 82 -29.43 -19.23 31.14
N VAL A 83 -28.72 -18.12 31.14
CA VAL A 83 -27.48 -18.06 31.81
C VAL A 83 -27.60 -18.25 33.31
N LEU A 84 -28.57 -17.57 33.91
CA LEU A 84 -28.81 -17.66 35.33
C LEU A 84 -29.16 -19.09 35.72
N LYS A 85 -29.89 -19.79 34.88
CA LYS A 85 -30.22 -21.20 35.09
C LYS A 85 -28.98 -22.07 35.08
N ALA A 86 -28.16 -21.90 34.04
CA ALA A 86 -26.94 -22.66 33.91
C ALA A 86 -26.00 -22.42 35.07
N LEU A 87 -26.10 -21.26 35.68
CA LEU A 87 -25.31 -20.96 36.85
C LEU A 87 -25.74 -21.76 38.10
N ASP A 88 -26.87 -22.39 38.01
CA ASP A 88 -27.32 -23.34 39.05
C ASP A 88 -26.64 -24.70 38.88
N THR A 89 -25.98 -24.91 37.75
CA THR A 89 -25.17 -26.09 37.51
C THR A 89 -23.69 -25.75 37.64
N ASP A 90 -22.84 -26.72 37.41
CA ASP A 90 -21.41 -26.53 37.47
C ASP A 90 -20.80 -26.43 36.04
N LYS A 91 -21.66 -26.33 35.05
CA LYS A 91 -21.23 -26.35 33.68
C LYS A 91 -20.54 -25.05 33.27
N PHE A 92 -19.61 -25.17 32.33
CA PHE A 92 -19.02 -24.01 31.73
C PHE A 92 -20.06 -23.42 30.73
N ILE A 93 -19.99 -22.11 30.55
CA ILE A 93 -20.98 -21.41 29.78
C ILE A 93 -20.33 -20.47 28.73
N PHE A 94 -20.61 -20.73 27.48
CA PHE A 94 -20.29 -19.82 26.39
C PHE A 94 -21.61 -19.21 25.90
N THR A 95 -21.78 -17.94 26.15
CA THR A 95 -22.92 -17.23 25.65
C THR A 95 -22.52 -16.26 24.55
N GLU A 96 -23.26 -16.29 23.48
CA GLU A 96 -23.13 -15.25 22.49
C GLU A 96 -23.47 -13.92 23.11
N LYS A 97 -22.96 -12.84 22.52
CA LYS A 97 -23.42 -11.51 22.87
C LYS A 97 -24.91 -11.40 22.55
N PRO A 98 -25.63 -10.58 23.31
CA PRO A 98 -25.21 -9.91 24.52
C PRO A 98 -25.28 -10.85 25.76
N LEU A 99 -24.67 -10.48 26.84
CA LEU A 99 -24.81 -11.23 28.07
C LEU A 99 -26.27 -11.16 28.51
N ALA A 100 -26.81 -9.98 28.41
CA ALA A 100 -28.21 -9.71 28.67
C ALA A 100 -28.59 -8.47 27.87
N THR A 101 -29.89 -8.30 27.64
CA THR A 101 -30.37 -7.14 26.89
C THR A 101 -30.61 -5.93 27.74
N THR A 102 -30.47 -6.08 29.05
CA THR A 102 -30.52 -4.97 29.96
C THR A 102 -29.34 -5.01 30.89
N LEU A 103 -28.88 -3.87 31.35
CA LEU A 103 -27.79 -3.82 32.29
C LEU A 103 -28.18 -4.43 33.61
N GLU A 104 -29.46 -4.42 33.87
CA GLU A 104 -29.98 -5.05 35.07
C GLU A 104 -29.83 -6.54 35.02
N GLY A 105 -30.23 -7.12 33.90
CA GLY A 105 -30.01 -8.51 33.67
C GLY A 105 -28.56 -8.89 33.74
N ALA A 106 -27.71 -8.05 33.18
CA ALA A 106 -26.30 -8.32 33.18
C ALA A 106 -25.76 -8.28 34.61
N LYS A 107 -26.27 -7.36 35.39
CA LYS A 107 -25.81 -7.22 36.75
C LYS A 107 -26.18 -8.44 37.58
N ARG A 108 -27.31 -9.03 37.25
CA ARG A 108 -27.74 -10.16 38.02
C ARG A 108 -26.79 -11.34 37.78
N ILE A 109 -26.45 -11.55 36.52
CA ILE A 109 -25.51 -12.60 36.14
C ILE A 109 -24.18 -12.39 36.82
N VAL A 110 -23.66 -11.19 36.78
CA VAL A 110 -22.43 -10.86 37.44
C VAL A 110 -22.46 -11.16 38.96
N ASP A 111 -23.60 -10.86 39.57
CA ASP A 111 -23.77 -11.06 40.99
C ASP A 111 -23.80 -12.54 41.31
N LYS A 112 -24.55 -13.30 40.55
CA LYS A 112 -24.65 -14.73 40.74
C LYS A 112 -23.33 -15.46 40.55
N GLU A 113 -22.72 -15.28 39.38
CA GLU A 113 -21.43 -15.88 39.13
C GLU A 113 -20.39 -15.55 40.20
N LEU A 114 -20.51 -14.37 40.77
CA LEU A 114 -19.60 -13.93 41.81
C LEU A 114 -19.72 -14.76 43.10
N THR A 115 -20.78 -15.52 43.22
CA THR A 115 -20.97 -16.39 44.36
C THR A 115 -20.32 -17.77 44.17
N LYS A 116 -19.96 -18.09 42.94
CA LYS A 116 -19.43 -19.39 42.60
C LYS A 116 -17.97 -19.49 42.93
N SER A 117 -17.47 -20.71 42.98
CA SER A 117 -16.10 -20.96 43.39
C SER A 117 -15.10 -20.60 42.30
N LYS A 118 -15.58 -20.58 41.07
CA LYS A 118 -14.74 -20.23 39.95
C LYS A 118 -15.56 -19.67 38.77
N LYS A 119 -14.91 -18.90 37.94
CA LYS A 119 -15.53 -18.32 36.76
C LYS A 119 -15.85 -19.39 35.71
N VAL A 120 -17.02 -19.30 35.11
CA VAL A 120 -17.44 -20.24 34.12
C VAL A 120 -17.97 -19.65 32.80
N ILE A 121 -18.20 -18.35 32.79
CA ILE A 121 -18.82 -17.72 31.63
C ILE A 121 -17.82 -17.01 30.70
N GLN A 122 -17.95 -17.32 29.42
CA GLN A 122 -17.29 -16.56 28.36
C GLN A 122 -18.37 -15.97 27.46
N VAL A 123 -18.20 -14.71 27.10
CA VAL A 123 -19.13 -14.04 26.20
C VAL A 123 -18.51 -13.90 24.79
N GLY A 124 -19.32 -14.12 23.78
CA GLY A 124 -18.83 -14.18 22.41
C GLY A 124 -18.40 -12.92 21.68
N PHE A 125 -17.62 -12.09 22.34
CA PHE A 125 -17.02 -10.92 21.69
C PHE A 125 -15.75 -11.36 20.92
N MET A 126 -15.93 -11.75 19.68
CA MET A 126 -14.85 -12.35 18.91
C MET A 126 -13.76 -11.40 18.43
N ARG A 127 -14.01 -10.11 18.44
CA ARG A 127 -13.01 -9.16 17.94
C ARG A 127 -11.65 -9.33 18.59
N ARG A 128 -11.66 -9.68 19.86
CA ARG A 128 -10.45 -9.78 20.61
C ARG A 128 -9.55 -10.91 20.10
N TYR A 129 -10.11 -11.80 19.31
CA TYR A 129 -9.38 -12.93 18.80
C TYR A 129 -8.92 -12.73 17.35
N ASP A 130 -9.34 -11.64 16.75
CA ASP A 130 -8.95 -11.36 15.40
C ASP A 130 -7.47 -11.07 15.37
N GLN A 131 -6.77 -11.73 14.48
CA GLN A 131 -5.31 -11.65 14.47
C GLN A 131 -4.78 -10.25 14.30
N GLY A 132 -5.39 -9.50 13.42
CA GLY A 132 -4.95 -8.16 13.15
C GLY A 132 -5.19 -7.20 14.30
N ILE A 133 -6.35 -7.31 14.90
CA ILE A 133 -6.66 -6.46 16.01
C ILE A 133 -5.77 -6.79 17.21
N ARG A 134 -5.52 -8.07 17.44
CA ARG A 134 -4.63 -8.43 18.51
C ARG A 134 -3.21 -7.95 18.27
N ALA A 135 -2.77 -8.07 17.03
CA ALA A 135 -1.42 -7.67 16.71
C ALA A 135 -1.24 -6.18 16.93
N LEU A 136 -2.27 -5.41 16.64
CA LEU A 136 -2.21 -3.98 16.86
C LEU A 136 -2.15 -3.67 18.36
N LYS A 137 -3.00 -4.31 19.15
CA LYS A 137 -2.99 -4.11 20.58
C LYS A 137 -1.62 -4.41 21.17
N GLU A 138 -1.05 -5.51 20.72
CA GLU A 138 0.23 -5.89 21.23
C GLU A 138 1.32 -4.88 20.91
N LYS A 139 1.30 -4.36 19.70
CA LYS A 139 2.26 -3.37 19.34
C LYS A 139 2.07 -2.11 20.16
N LEU A 140 0.82 -1.74 20.37
CA LEU A 140 0.51 -0.59 21.18
C LEU A 140 1.09 -0.72 22.60
N ASP A 141 0.96 -1.91 23.13
CA ASP A 141 1.40 -2.20 24.48
C ASP A 141 2.91 -2.20 24.66
N THR A 142 3.68 -2.20 23.57
CA THR A 142 5.13 -2.09 23.65
C THR A 142 5.58 -0.70 24.02
N GLY A 143 4.69 0.26 23.89
CA GLY A 143 5.04 1.63 24.15
C GLY A 143 5.62 2.43 22.97
N ILE A 144 5.70 1.79 21.82
CA ILE A 144 6.38 2.37 20.70
C ILE A 144 5.80 3.69 20.18
N ILE A 145 4.51 3.91 20.38
CA ILE A 145 3.90 5.17 20.01
C ILE A 145 3.48 6.02 21.22
N GLY A 146 3.97 5.63 22.38
CA GLY A 146 3.63 6.38 23.57
C GLY A 146 2.20 6.14 23.95
N ALA A 147 1.62 7.07 24.68
CA ALA A 147 0.28 6.93 25.17
C ALA A 147 -0.74 7.19 24.07
N PRO A 148 -1.81 6.30 24.14
CA PRO A 148 -2.90 6.57 23.17
C PRO A 148 -3.78 7.77 23.47
N LEU A 149 -3.89 8.66 22.51
CA LEU A 149 -4.55 9.93 22.71
C LEU A 149 -5.94 9.93 22.11
N VAL A 150 -6.02 9.42 20.90
CA VAL A 150 -7.23 9.33 20.13
C VAL A 150 -7.28 7.96 19.40
N VAL A 151 -8.47 7.39 19.29
CA VAL A 151 -8.69 6.23 18.47
C VAL A 151 -9.75 6.57 17.42
N ARG A 152 -9.46 6.26 16.18
CA ARG A 152 -10.42 6.44 15.13
C ARG A 152 -10.74 5.11 14.49
N ALA A 153 -12.03 4.78 14.40
CA ALA A 153 -12.44 3.48 13.91
C ALA A 153 -13.66 3.60 12.99
N SER A 154 -13.81 2.61 12.15
CA SER A 154 -14.98 2.49 11.26
C SER A 154 -15.51 1.08 11.32
N HIS A 155 -16.82 0.98 11.35
CA HIS A 155 -17.52 -0.25 11.24
C HIS A 155 -18.49 -0.08 10.04
N ILE A 156 -18.04 -0.60 8.91
CA ILE A 156 -18.66 -0.42 7.62
C ILE A 156 -19.33 -1.73 7.16
N ASN A 157 -20.60 -1.64 6.78
CA ASN A 157 -21.38 -2.78 6.35
C ASN A 157 -22.17 -2.35 5.10
N PRO A 158 -22.33 -3.27 4.15
CA PRO A 158 -22.88 -2.88 2.86
C PRO A 158 -24.39 -2.56 2.85
N ASN A 159 -25.18 -3.42 3.49
CA ASN A 159 -26.63 -3.24 3.58
CA ASN A 159 -26.62 -3.22 3.59
C ASN A 159 -27.20 -4.01 4.75
N VAL A 160 -28.41 -3.67 5.13
CA VAL A 160 -29.07 -4.36 6.25
C VAL A 160 -30.42 -4.96 5.87
N ALA A 161 -30.82 -5.97 6.63
CA ALA A 161 -32.10 -6.63 6.43
C ALA A 161 -33.21 -5.70 6.87
N SER A 162 -34.43 -6.00 6.45
CA SER A 162 -35.57 -5.19 6.78
C SER A 162 -35.91 -5.09 8.27
N ASN A 163 -35.40 -5.99 9.07
CA ASN A 163 -35.62 -5.96 10.49
C ASN A 163 -34.61 -5.13 11.32
N TYR A 164 -33.67 -4.52 10.65
CA TYR A 164 -32.61 -3.82 11.33
C TYR A 164 -33.06 -2.44 11.81
N SER A 165 -32.97 -2.23 13.11
CA SER A 165 -33.48 -1.04 13.74
C SER A 165 -32.40 -0.05 14.14
N ASN A 166 -32.79 1.16 14.45
CA ASN A 166 -31.86 2.15 14.97
C ASN A 166 -31.08 1.62 16.19
N GLU A 167 -31.77 0.91 17.07
CA GLU A 167 -31.13 0.41 18.27
C GLU A 167 -30.09 -0.67 17.95
N MET A 168 -30.31 -1.40 16.89
CA MET A 168 -29.39 -2.44 16.49
C MET A 168 -28.05 -1.87 16.00
N ALA A 169 -28.06 -0.62 15.59
CA ALA A 169 -26.82 0.04 15.26
C ALA A 169 -25.88 0.00 16.45
N ILE A 170 -26.46 0.06 17.62
CA ILE A 170 -25.68 -0.12 18.84
C ILE A 170 -25.55 -1.61 19.22
N THR A 171 -26.67 -2.28 19.38
CA THR A 171 -26.64 -3.58 19.99
C THR A 171 -26.05 -4.72 19.14
N ASP A 172 -26.09 -4.58 17.84
CA ASP A 172 -25.61 -5.61 16.97
C ASP A 172 -24.28 -5.21 16.28
N THR A 173 -24.07 -3.93 16.15
CA THR A 173 -23.00 -3.43 15.34
C THR A 173 -21.92 -2.75 16.19
N LEU A 174 -22.22 -1.59 16.75
CA LEU A 174 -21.26 -0.85 17.58
C LEU A 174 -20.80 -1.66 18.80
N ILE A 175 -21.62 -2.61 19.19
CA ILE A 175 -21.34 -3.41 20.36
C ILE A 175 -19.95 -4.04 20.29
N HIS A 176 -19.51 -4.34 19.10
CA HIS A 176 -18.20 -4.92 18.92
C HIS A 176 -17.06 -3.94 19.27
N GLU A 177 -17.21 -2.70 18.84
CA GLU A 177 -16.31 -1.66 19.21
C GLU A 177 -16.42 -1.34 20.71
N ILE A 178 -17.63 -1.39 21.22
CA ILE A 178 -17.85 -1.15 22.64
C ILE A 178 -17.07 -2.14 23.52
N ASP A 179 -17.08 -3.41 23.17
CA ASP A 179 -16.23 -4.35 23.88
C ASP A 179 -14.75 -4.17 23.61
N GLU A 180 -14.41 -3.88 22.38
CA GLU A 180 -13.03 -3.87 21.95
C GLU A 180 -12.20 -2.74 22.55
N MET A 181 -12.74 -1.55 22.60
CA MET A 181 -11.95 -0.41 22.92
C MET A 181 -11.37 -0.38 24.35
N HIS A 182 -12.17 -0.72 25.34
CA HIS A 182 -11.70 -0.68 26.70
C HIS A 182 -10.64 -1.74 26.92
N TRP A 183 -10.78 -2.86 26.24
CA TRP A 183 -9.77 -3.90 26.19
C TRP A 183 -8.48 -3.47 25.49
N LEU A 184 -8.65 -2.89 24.32
CA LEU A 184 -7.51 -2.37 23.56
C LEU A 184 -6.66 -1.39 24.37
N LEU A 185 -7.34 -0.48 25.04
CA LEU A 185 -6.73 0.61 25.74
C LEU A 185 -6.41 0.32 27.24
N ASP A 186 -6.85 -0.82 27.72
CA ASP A 186 -6.82 -1.14 29.16
C ASP A 186 -7.33 0.05 29.99
N ASP A 187 -8.49 0.55 29.64
CA ASP A 187 -9.02 1.74 30.26
C ASP A 187 -10.52 1.59 30.48
N GLU A 188 -11.13 2.51 31.18
CA GLU A 188 -12.56 2.46 31.43
C GLU A 188 -13.27 3.63 30.74
N TYR A 189 -14.48 3.39 30.29
CA TYR A 189 -15.26 4.44 29.66
C TYR A 189 -15.84 5.40 30.69
N THR A 190 -15.89 6.66 30.31
CA THR A 190 -16.51 7.69 31.12
C THR A 190 -17.73 8.35 30.47
N SER A 191 -17.90 8.16 29.19
CA SER A 191 -19.03 8.72 28.48
C SER A 191 -19.14 8.21 27.04
N ILE A 192 -20.32 8.34 26.49
CA ILE A 192 -20.62 8.00 25.12
C ILE A 192 -21.62 9.00 24.53
N GLN A 193 -21.44 9.39 23.28
CA GLN A 193 -22.33 10.30 22.60
C GLN A 193 -22.52 9.85 21.16
N ILE A 194 -23.76 9.72 20.75
CA ILE A 194 -24.14 9.34 19.42
C ILE A 194 -24.64 10.55 18.69
N THR A 195 -24.06 10.85 17.56
CA THR A 195 -24.54 11.94 16.73
C THR A 195 -24.88 11.48 15.30
N TYR A 196 -25.80 12.18 14.66
CA TYR A 196 -26.30 11.81 13.37
C TYR A 196 -25.90 12.80 12.29
N PRO A 197 -25.03 12.38 11.36
CA PRO A 197 -24.79 13.17 10.18
C PRO A 197 -26.02 13.17 9.28
N ARG A 198 -25.98 13.80 8.12
CA ARG A 198 -27.09 13.68 7.22
C ARG A 198 -27.44 12.22 6.92
N GLN A 199 -28.73 11.98 6.77
CA GLN A 199 -29.24 10.66 6.53
C GLN A 199 -28.90 10.17 5.13
N SER A 200 -28.38 8.97 5.02
CA SER A 200 -28.11 8.40 3.74
C SER A 200 -29.38 8.07 2.98
N ALA A 201 -29.38 8.38 1.70
CA ALA A 201 -30.46 8.01 0.83
C ALA A 201 -30.62 6.50 0.64
N GLU A 202 -29.66 5.73 1.13
CA GLU A 202 -29.71 4.29 0.97
C GLU A 202 -30.53 3.59 2.04
N VAL A 203 -30.91 4.31 3.08
CA VAL A 203 -31.65 3.73 4.17
C VAL A 203 -33.08 3.41 3.75
N ARG A 204 -33.52 2.19 4.02
CA ARG A 204 -34.84 1.72 3.64
C ARG A 204 -35.65 1.28 4.87
N ASN A 205 -35.12 1.52 6.05
CA ASN A 205 -35.69 1.02 7.27
C ASN A 205 -36.24 2.11 8.16
N GLU A 206 -37.51 1.99 8.56
CA GLU A 206 -38.10 2.97 9.45
C GLU A 206 -37.29 3.17 10.71
N GLY A 207 -37.01 4.42 11.01
CA GLY A 207 -36.38 4.76 12.25
C GLY A 207 -34.87 4.67 12.27
N LEU A 208 -34.31 4.01 11.28
CA LEU A 208 -32.86 3.83 11.24
C LEU A 208 -32.12 5.05 10.75
N HIS A 209 -31.25 5.57 11.62
CA HIS A 209 -30.32 6.62 11.23
C HIS A 209 -29.03 5.97 10.75
N ASP A 210 -28.58 6.36 9.59
CA ASP A 210 -27.32 5.87 9.05
C ASP A 210 -26.74 6.93 8.13
N PRO A 211 -25.45 7.28 8.35
CA PRO A 211 -24.54 6.75 9.34
C PRO A 211 -24.77 7.29 10.75
N GLN A 212 -24.03 6.73 11.69
CA GLN A 212 -23.98 7.23 13.05
C GLN A 212 -22.52 7.45 13.48
N LEU A 213 -22.30 8.46 14.26
CA LEU A 213 -21.00 8.74 14.83
C LEU A 213 -21.04 8.53 16.33
N ALA A 214 -20.16 7.71 16.84
CA ALA A 214 -20.09 7.46 18.26
C ALA A 214 -18.79 8.00 18.82
N THR A 215 -18.89 8.81 19.83
CA THR A 215 -17.75 9.33 20.52
C THR A 215 -17.72 8.82 21.97
N LEU A 216 -16.67 8.12 22.32
CA LEU A 216 -16.47 7.64 23.68
C LEU A 216 -15.25 8.28 24.33
N THR A 217 -15.34 8.50 25.61
CA THR A 217 -14.23 9.02 26.35
C THR A 217 -13.84 7.98 27.40
N THR A 218 -12.55 7.98 27.74
CA THR A 218 -12.05 7.08 28.74
C THR A 218 -11.50 7.88 29.92
N LYS A 219 -11.26 7.14 31.01
CA LYS A 219 -10.78 7.75 32.21
C LYS A 219 -9.45 8.43 32.07
N LYS A 220 -8.57 7.84 31.28
CA LYS A 220 -7.30 8.50 31.01
C LYS A 220 -7.39 9.65 30.00
N GLY A 221 -8.53 9.80 29.38
CA GLY A 221 -8.80 10.92 28.53
C GLY A 221 -8.77 10.62 27.02
N THR A 222 -8.54 9.37 26.69
CA THR A 222 -8.53 8.97 25.30
C THR A 222 -9.93 9.17 24.72
N VAL A 223 -9.96 9.75 23.53
CA VAL A 223 -11.20 9.93 22.82
C VAL A 223 -11.26 8.94 21.64
N ILE A 224 -12.35 8.20 21.58
CA ILE A 224 -12.62 7.25 20.55
C ILE A 224 -13.74 7.75 19.62
N GLN A 225 -13.43 7.88 18.34
CA GLN A 225 -14.38 8.28 17.33
C GLN A 225 -14.70 7.11 16.39
N VAL A 226 -15.90 6.57 16.48
CA VAL A 226 -16.29 5.46 15.65
C VAL A 226 -17.34 5.90 14.62
N LEU A 227 -17.08 5.59 13.37
CA LEU A 227 -18.09 5.74 12.31
C LEU A 227 -18.78 4.42 12.10
N VAL A 228 -20.09 4.42 12.27
CA VAL A 228 -20.92 3.27 12.00
C VAL A 228 -21.72 3.57 10.73
N HIS A 229 -21.53 2.76 9.72
CA HIS A 229 -22.15 2.99 8.43
C HIS A 229 -22.59 1.66 7.85
N VAL A 230 -23.88 1.37 7.96
CA VAL A 230 -24.41 0.04 7.69
C VAL A 230 -25.11 -0.15 6.34
N THR A 231 -25.26 0.95 5.60
CA THR A 231 -25.78 0.92 4.24
C THR A 231 -24.73 1.46 3.24
N ALA A 232 -23.47 1.16 3.54
CA ALA A 232 -22.36 1.73 2.80
C ALA A 232 -22.18 1.27 1.38
N GLN A 233 -22.87 0.17 1.06
CA GLN A 233 -22.89 -0.43 -0.26
C GLN A 233 -21.63 -1.17 -0.72
N TYR A 234 -20.48 -0.56 -0.53
CA TYR A 234 -19.28 -1.04 -1.20
C TYR A 234 -18.69 -2.34 -0.66
N GLY A 235 -18.87 -2.57 0.62
CA GLY A 235 -18.29 -3.70 1.28
C GLY A 235 -18.45 -3.72 2.79
N TYR A 236 -17.95 -4.77 3.40
CA TYR A 236 -17.83 -4.88 4.84
C TYR A 236 -16.36 -4.60 5.23
N GLU A 237 -16.17 -3.66 6.13
CA GLU A 237 -14.83 -3.29 6.53
C GLU A 237 -14.75 -2.77 7.95
N VAL A 238 -13.72 -3.22 8.64
CA VAL A 238 -13.41 -2.77 9.98
C VAL A 238 -12.06 -2.05 9.95
N LYS A 239 -12.08 -0.80 10.36
CA LYS A 239 -10.88 0.04 10.34
C LYS A 239 -10.58 0.50 11.76
N LEU A 240 -9.30 0.63 12.08
CA LEU A 240 -8.86 0.97 13.40
C LEU A 240 -7.52 1.68 13.34
N GLU A 241 -7.48 2.86 13.92
CA GLU A 241 -6.31 3.68 13.98
C GLU A 241 -6.14 4.22 15.39
N VAL A 242 -4.96 4.03 15.96
CA VAL A 242 -4.65 4.57 17.25
C VAL A 242 -3.64 5.68 17.11
N ILE A 243 -3.97 6.86 17.60
CA ILE A 243 -3.09 8.01 17.57
C ILE A 243 -2.35 8.12 18.89
N GLY A 244 -1.05 7.94 18.84
CA GLY A 244 -0.23 8.02 20.02
C GLY A 244 0.55 9.31 20.12
N GLU A 245 1.20 9.49 21.25
CA GLU A 245 2.03 10.66 21.47
C GLU A 245 3.17 10.80 20.48
N THR A 246 3.74 9.67 20.07
CA THR A 246 4.92 9.72 19.25
C THR A 246 4.81 8.96 17.91
N GLY A 247 3.64 8.44 17.63
CA GLY A 247 3.39 7.76 16.39
C GLY A 247 1.95 7.30 16.30
N GLU A 248 1.66 6.54 15.26
CA GLU A 248 0.34 5.97 15.03
C GLU A 248 0.41 4.50 14.66
N LEU A 249 -0.66 3.78 14.95
CA LEU A 249 -0.83 2.41 14.53
C LEU A 249 -2.18 2.23 13.85
N GLN A 250 -2.19 1.51 12.73
CA GLN A 250 -3.44 1.18 12.09
C GLN A 250 -3.51 -0.23 11.53
N LEU A 251 -4.71 -0.76 11.40
CA LEU A 251 -4.87 -2.05 10.77
C LEU A 251 -4.46 -1.98 9.30
N PRO A 252 -3.82 -3.03 8.80
CA PRO A 252 -3.40 -3.07 7.42
C PRO A 252 -4.58 -3.39 6.51
N ASN A 253 -4.33 -3.35 5.13
CA ASN A 253 -5.23 -3.78 4.05
C ASN A 253 -5.73 -5.16 4.35
N TYR A 254 -6.99 -5.50 4.49
CA TYR A 254 -7.42 -6.88 4.67
C TYR A 254 -7.69 -7.56 3.33
N GLY A 255 -7.24 -8.79 3.17
CA GLY A 255 -7.53 -9.53 1.95
C GLY A 255 -6.37 -10.35 1.44
N LEU A 256 -6.66 -11.56 0.95
CA LEU A 256 -5.65 -12.40 0.33
C LEU A 256 -5.76 -12.43 -1.20
N GLY A 257 -6.86 -11.91 -1.73
CA GLY A 257 -7.17 -11.96 -3.15
C GLY A 257 -6.19 -11.15 -3.98
N PRO A 258 -6.14 -11.40 -5.31
CA PRO A 258 -5.07 -10.81 -6.08
C PRO A 258 -5.30 -9.34 -6.42
N ILE A 259 -4.20 -8.67 -6.70
CA ILE A 259 -4.25 -7.34 -7.27
C ILE A 259 -4.37 -7.47 -8.77
N LEU A 260 -5.40 -6.87 -9.32
CA LEU A 260 -5.71 -6.91 -10.73
C LEU A 260 -5.39 -5.59 -11.42
N ARG A 261 -4.52 -5.66 -12.41
CA ARG A 261 -4.24 -4.54 -13.30
C ARG A 261 -5.03 -4.80 -14.59
N SER A 262 -6.01 -3.97 -14.84
CA SER A 262 -6.93 -4.15 -15.96
C SER A 262 -7.72 -2.91 -16.21
N ASN A 263 -7.91 -2.61 -17.49
CA ASN A 263 -8.81 -1.53 -17.89
C ASN A 263 -8.56 -0.20 -17.15
N ALA A 264 -7.32 0.22 -17.15
CA ALA A 264 -6.92 1.51 -16.58
C ALA A 264 -7.11 1.65 -15.08
N ASN A 265 -7.13 0.52 -14.40
CA ASN A 265 -7.27 0.49 -12.97
C ASN A 265 -6.45 -0.64 -12.36
N GLN A 266 -6.09 -0.43 -11.12
CA GLN A 266 -5.49 -1.42 -10.24
C GLN A 266 -6.49 -1.63 -9.12
N GLN A 267 -6.87 -2.87 -8.88
CA GLN A 267 -7.91 -3.13 -7.91
C GLN A 267 -7.76 -4.43 -7.14
N THR A 268 -8.31 -4.41 -5.94
CA THR A 268 -8.42 -5.57 -5.09
C THR A 268 -9.85 -5.71 -4.58
N ALA A 269 -10.30 -6.92 -4.42
CA ALA A 269 -11.64 -7.18 -3.90
C ALA A 269 -11.76 -6.79 -2.45
N VAL A 270 -12.95 -6.34 -2.08
CA VAL A 270 -13.31 -6.05 -0.71
C VAL A 270 -14.30 -7.10 -0.22
N GLU A 271 -14.11 -7.55 1.00
CA GLU A 271 -15.03 -8.46 1.64
C GLU A 271 -16.43 -7.89 1.68
N MET A 272 -17.42 -8.70 1.39
CA MET A 272 -18.79 -8.27 1.45
C MET A 272 -19.56 -8.85 2.65
N SER A 273 -18.94 -9.82 3.30
CA SER A 273 -19.58 -10.59 4.36
C SER A 273 -18.86 -10.46 5.71
N TRP A 274 -19.55 -9.98 6.73
CA TRP A 274 -19.00 -10.02 8.07
C TRP A 274 -18.71 -11.44 8.52
N ILE A 275 -19.51 -12.38 8.05
CA ILE A 275 -19.33 -13.77 8.38
C ILE A 275 -17.95 -14.20 7.97
N ASN A 276 -17.57 -13.91 6.76
CA ASN A 276 -16.30 -14.34 6.22
C ASN A 276 -15.15 -13.55 6.86
N ARG A 277 -15.38 -12.28 7.10
CA ARG A 277 -14.37 -11.40 7.70
C ARG A 277 -13.81 -11.92 9.02
N PHE A 278 -14.69 -12.46 9.84
CA PHE A 278 -14.32 -12.87 11.18
C PHE A 278 -14.36 -14.38 11.40
N ILE A 279 -14.33 -15.15 10.34
CA ILE A 279 -14.25 -16.60 10.42
C ILE A 279 -13.13 -17.08 11.37
N GLN A 280 -11.94 -16.54 11.21
CA GLN A 280 -10.82 -16.93 12.01
C GLN A 280 -11.05 -16.61 13.48
N ALA A 281 -11.59 -15.43 13.73
CA ALA A 281 -11.83 -15.01 15.09
C ALA A 281 -12.84 -15.91 15.80
N TYR A 282 -13.90 -16.27 15.11
CA TYR A 282 -14.84 -17.21 15.68
C TYR A 282 -14.21 -18.55 16.01
N ASN A 283 -13.40 -19.06 15.11
CA ASN A 283 -12.75 -20.31 15.34
C ASN A 283 -11.81 -20.26 16.55
N THR A 284 -11.02 -19.23 16.61
CA THR A 284 -10.04 -19.07 17.67
C THR A 284 -10.71 -18.93 19.03
N GLU A 285 -11.77 -18.15 19.07
CA GLU A 285 -12.48 -17.94 20.31
C GLU A 285 -13.08 -19.22 20.87
N VAL A 286 -13.72 -20.00 20.04
CA VAL A 286 -14.34 -21.21 20.46
C VAL A 286 -13.32 -22.26 20.81
N GLN A 287 -12.24 -22.32 20.03
CA GLN A 287 -11.22 -23.29 20.31
C GLN A 287 -10.59 -23.02 21.65
N GLU A 288 -10.43 -21.75 21.98
CA GLU A 288 -9.82 -21.43 23.26
C GLU A 288 -10.78 -21.81 24.41
N PHE A 289 -12.06 -21.58 24.23
CA PHE A 289 -13.04 -21.95 25.25
C PHE A 289 -12.99 -23.46 25.49
N ILE A 290 -13.05 -24.23 24.42
CA ILE A 290 -12.97 -25.67 24.51
C ILE A 290 -11.67 -26.13 25.20
N ASP A 291 -10.55 -25.53 24.82
CA ASP A 291 -9.28 -25.88 25.42
C ASP A 291 -9.26 -25.63 26.93
N GLU A 292 -9.92 -24.59 27.37
CA GLU A 292 -10.03 -24.29 28.78
C GLU A 292 -10.91 -25.29 29.53
N VAL A 293 -12.05 -25.59 28.98
CA VAL A 293 -12.93 -26.57 29.54
C VAL A 293 -12.25 -27.92 29.64
N ALA A 294 -11.48 -28.27 28.62
CA ALA A 294 -10.80 -29.54 28.59
C ALA A 294 -9.83 -29.75 29.75
N LYS A 295 -9.22 -28.67 30.20
CA LYS A 295 -8.29 -28.66 31.30
C LYS A 295 -8.95 -28.39 32.64
N SER A 296 -10.26 -28.24 32.62
CA SER A 296 -11.03 -27.91 33.80
C SER A 296 -10.54 -26.62 34.44
N GLU A 297 -10.29 -25.63 33.60
CA GLU A 297 -9.88 -24.31 34.02
C GLU A 297 -10.86 -23.25 33.50
N PRO A 298 -11.03 -22.15 34.26
CA PRO A 298 -11.91 -21.08 33.86
C PRO A 298 -11.54 -20.52 32.48
N PRO A 299 -12.53 -20.06 31.73
CA PRO A 299 -12.26 -19.41 30.45
C PRO A 299 -11.41 -18.18 30.66
N VAL A 300 -10.68 -17.79 29.63
CA VAL A 300 -9.81 -16.65 29.73
C VAL A 300 -10.20 -15.56 28.76
N GLY A 301 -11.26 -15.80 28.02
CA GLY A 301 -11.77 -14.79 27.12
C GLY A 301 -12.74 -13.83 27.80
N PRO A 302 -13.46 -13.03 27.00
CA PRO A 302 -14.34 -12.02 27.54
C PRO A 302 -15.30 -12.60 28.57
N SER A 303 -15.41 -11.93 29.71
CA SER A 303 -16.14 -12.45 30.85
C SER A 303 -17.51 -11.84 31.01
N ALA A 304 -18.22 -12.28 32.03
CA ALA A 304 -19.50 -11.70 32.36
C ALA A 304 -19.34 -10.22 32.72
N TRP A 305 -18.23 -9.87 33.32
CA TRP A 305 -17.94 -8.49 33.61
C TRP A 305 -17.83 -7.66 32.31
N ASP A 306 -17.13 -8.22 31.35
CA ASP A 306 -17.08 -7.61 30.03
C ASP A 306 -18.47 -7.48 29.41
N GLY A 307 -19.29 -8.46 29.58
CA GLY A 307 -20.66 -8.37 29.09
C GLY A 307 -21.45 -7.29 29.79
N TYR A 308 -21.17 -7.10 31.06
CA TYR A 308 -21.80 -6.07 31.84
C TYR A 308 -21.33 -4.70 31.40
N ILE A 309 -20.04 -4.53 31.20
CA ILE A 309 -19.52 -3.28 30.68
C ILE A 309 -20.17 -2.93 29.35
N ALA A 310 -20.30 -3.92 28.50
CA ALA A 310 -20.91 -3.73 27.21
C ALA A 310 -22.39 -3.33 27.32
N ALA A 311 -23.10 -4.01 28.20
CA ALA A 311 -24.49 -3.71 28.43
C ALA A 311 -24.72 -2.29 28.95
N ILE A 312 -23.88 -1.85 29.90
CA ILE A 312 -24.00 -0.51 30.43
C ILE A 312 -23.76 0.52 29.34
N THR A 313 -22.75 0.26 28.53
CA THR A 313 -22.34 1.20 27.52
C THR A 313 -23.39 1.25 26.41
N ALA A 314 -23.93 0.11 26.06
CA ALA A 314 -24.95 0.02 25.03
C ALA A 314 -26.21 0.77 25.46
N ALA A 315 -26.57 0.61 26.72
CA ALA A 315 -27.70 1.30 27.27
C ALA A 315 -27.48 2.82 27.21
N ALA A 316 -26.29 3.25 27.57
CA ALA A 316 -25.94 4.65 27.51
C ALA A 316 -26.02 5.17 26.06
N ALA A 317 -25.58 4.37 25.13
CA ALA A 317 -25.62 4.74 23.74
C ALA A 317 -27.07 4.81 23.20
N ASN A 318 -27.89 3.86 23.60
CA ASN A 318 -29.28 3.88 23.21
C ASN A 318 -30.02 5.12 23.75
N ARG A 319 -29.59 5.53 24.92
CA ARG A 319 -30.10 6.72 25.49
C ARG A 319 -29.66 7.96 24.71
N SER A 320 -28.39 7.99 24.37
CA SER A 320 -27.86 9.10 23.61
C SER A 320 -28.51 9.20 22.24
N GLN A 321 -28.91 8.07 21.69
CA GLN A 321 -29.56 8.06 20.39
C GLN A 321 -30.85 8.86 20.35
N LYS A 322 -31.43 9.11 21.50
CA LYS A 322 -32.69 9.79 21.58
C LYS A 322 -32.54 11.27 21.27
N ASP A 323 -31.50 11.89 21.77
CA ASP A 323 -31.34 13.32 21.62
C ASP A 323 -29.95 13.79 21.24
N GLN A 324 -29.09 12.83 20.95
CA GLN A 324 -27.73 13.11 20.58
C GLN A 324 -26.91 13.78 21.65
N GLU A 325 -27.31 13.60 22.89
CA GLU A 325 -26.59 14.17 23.99
C GLU A 325 -25.62 13.18 24.61
N THR A 326 -24.55 13.70 25.19
CA THR A 326 -23.57 12.86 25.85
C THR A 326 -24.15 12.23 27.11
N VAL A 327 -23.93 10.95 27.27
CA VAL A 327 -24.36 10.21 28.43
C VAL A 327 -23.17 9.70 29.23
N LEU A 328 -23.11 10.00 30.51
CA LEU A 328 -22.00 9.57 31.33
C LEU A 328 -22.05 8.09 31.69
N ILE A 329 -20.87 7.51 31.82
CA ILE A 329 -20.72 6.12 32.16
C ILE A 329 -19.76 6.03 33.35
N ASN A 330 -20.18 5.29 34.36
CA ASN A 330 -19.39 5.08 35.54
C ASN A 330 -19.42 3.61 35.90
N VAL A 331 -18.45 2.89 35.42
CA VAL A 331 -18.40 1.46 35.71
C VAL A 331 -17.54 1.20 36.96
N ALA A 332 -18.07 0.40 37.87
CA ALA A 332 -17.38 0.11 39.11
C ALA A 332 -16.06 -0.58 38.82
N GLY A 333 -15.09 -0.40 39.70
CA GLY A 333 -13.83 -1.07 39.59
C GLY A 333 -14.07 -2.58 39.47
N THR A 334 -13.27 -3.24 38.66
CA THR A 334 -13.46 -4.64 38.41
C THR A 334 -13.22 -5.46 39.67
N PRO A 335 -14.16 -6.32 40.01
CA PRO A 335 -13.93 -7.30 41.07
C PRO A 335 -12.74 -8.17 40.76
N THR A 336 -11.94 -8.49 41.78
CA THR A 336 -10.75 -9.30 41.58
C THR A 336 -11.11 -10.65 40.95
N PHE A 337 -12.33 -11.11 41.24
CA PHE A 337 -12.88 -12.32 40.65
C PHE A 337 -12.74 -12.29 39.13
N TYR A 338 -12.84 -11.10 38.56
CA TYR A 338 -12.85 -10.92 37.12
C TYR A 338 -11.55 -10.38 36.57
N GLN A 339 -10.52 -10.35 37.39
CA GLN A 339 -9.23 -9.85 36.94
C GLN A 339 -8.31 -10.97 36.52
N MET B 1 20.25 36.78 -17.78
CA MET B 1 19.80 37.02 -19.14
C MET B 1 19.18 35.76 -19.62
N VAL B 2 18.36 35.93 -20.60
CA VAL B 2 17.55 34.87 -20.94
C VAL B 2 18.27 34.05 -21.98
N VAL B 3 18.11 32.73 -21.89
CA VAL B 3 18.69 31.84 -22.87
C VAL B 3 17.83 31.82 -24.13
N LYS B 4 18.45 32.16 -25.24
CA LYS B 4 17.75 32.28 -26.49
C LYS B 4 17.91 30.97 -27.23
N VAL B 5 16.76 30.38 -27.56
CA VAL B 5 16.73 29.03 -28.04
C VAL B 5 16.23 28.95 -29.46
N GLY B 6 16.85 28.10 -30.24
CA GLY B 6 16.29 27.68 -31.50
C GLY B 6 15.84 26.23 -31.45
N VAL B 7 14.69 25.97 -32.04
CA VAL B 7 14.13 24.62 -32.06
C VAL B 7 14.07 24.06 -33.47
N ILE B 8 14.74 22.95 -33.67
CA ILE B 8 14.81 22.23 -34.91
C ILE B 8 13.93 20.98 -34.86
N GLY B 9 12.79 21.03 -35.51
CA GLY B 9 11.78 19.99 -35.41
C GLY B 9 10.65 20.47 -34.53
N THR B 10 9.55 20.88 -35.14
CA THR B 10 8.41 21.41 -34.41
C THR B 10 7.18 20.51 -34.55
N GLY B 11 7.40 19.23 -34.28
CA GLY B 11 6.36 18.24 -34.22
C GLY B 11 5.77 18.11 -32.83
N ALA B 12 5.34 16.91 -32.48
CA ALA B 12 4.69 16.72 -31.18
C ALA B 12 5.63 17.09 -30.02
N MET B 13 6.80 16.53 -30.02
CA MET B 13 7.73 16.78 -28.93
C MET B 13 8.40 18.13 -29.01
N GLY B 14 8.65 18.58 -30.22
CA GLY B 14 9.15 19.94 -30.44
C GLY B 14 8.21 21.03 -29.92
N ARG B 15 6.93 20.88 -30.23
CA ARG B 15 5.98 21.78 -29.67
C ARG B 15 5.88 21.66 -28.16
N ALA B 16 5.99 20.45 -27.65
CA ALA B 16 5.93 20.27 -26.22
C ALA B 16 7.13 20.94 -25.51
N HIS B 17 8.28 20.85 -26.12
CA HIS B 17 9.43 21.58 -25.58
C HIS B 17 9.27 23.11 -25.68
N ILE B 18 8.70 23.58 -26.79
CA ILE B 18 8.44 24.99 -26.95
C ILE B 18 7.52 25.45 -25.86
N ASP B 19 6.47 24.67 -25.64
CA ASP B 19 5.53 24.99 -24.60
C ASP B 19 6.21 25.06 -23.23
N ARG B 20 7.06 24.09 -22.94
CA ARG B 20 7.81 24.09 -21.70
C ARG B 20 8.63 25.37 -21.54
N LEU B 21 9.39 25.66 -22.55
CA LEU B 21 10.29 26.77 -22.53
C LEU B 21 9.59 28.11 -22.45
N THR B 22 8.38 28.18 -23.00
CA THR B 22 7.66 29.42 -23.08
C THR B 22 6.71 29.64 -21.91
N ASN B 23 6.00 28.62 -21.53
CA ASN B 23 4.89 28.75 -20.62
C ASN B 23 5.06 28.14 -19.24
N VAL B 24 6.07 27.33 -19.07
CA VAL B 24 6.22 26.58 -17.85
C VAL B 24 7.53 26.88 -17.12
N LEU B 25 8.62 26.78 -17.84
CA LEU B 25 9.92 26.93 -17.26
C LEU B 25 10.43 28.35 -17.33
N THR B 26 11.48 28.64 -16.61
CA THR B 26 12.01 29.98 -16.48
C THR B 26 13.38 30.15 -17.08
N GLY B 27 13.63 31.33 -17.64
CA GLY B 27 14.95 31.67 -18.09
C GLY B 27 15.30 31.46 -19.54
N ALA B 28 14.32 31.11 -20.34
CA ALA B 28 14.54 30.88 -21.74
C ALA B 28 13.48 31.54 -22.64
N GLU B 29 13.83 31.73 -23.89
CA GLU B 29 12.92 32.22 -24.91
C GLU B 29 13.23 31.58 -26.23
N VAL B 30 12.22 31.06 -26.92
CA VAL B 30 12.40 30.53 -28.26
C VAL B 30 12.33 31.66 -29.29
N VAL B 31 13.44 31.89 -29.95
CA VAL B 31 13.58 32.98 -30.90
C VAL B 31 13.75 32.53 -32.32
N ALA B 32 13.77 31.23 -32.53
CA ALA B 32 13.96 30.66 -33.84
C ALA B 32 13.45 29.25 -33.94
N VAL B 33 12.88 28.90 -35.09
CA VAL B 33 12.42 27.55 -35.35
C VAL B 33 12.69 27.14 -36.78
N THR B 34 12.79 25.84 -37.02
CA THR B 34 12.80 25.29 -38.36
C THR B 34 12.21 23.89 -38.37
N ASP B 35 11.61 23.51 -39.49
CA ASP B 35 11.08 22.17 -39.69
C ASP B 35 11.04 21.92 -41.19
N ILE B 36 11.29 20.70 -41.63
CA ILE B 36 11.20 20.40 -43.03
C ILE B 36 9.78 20.65 -43.54
N ASP B 37 8.83 20.64 -42.62
CA ASP B 37 7.49 21.07 -42.87
C ASP B 37 7.40 22.52 -42.42
N HIS B 38 7.51 23.44 -43.39
CA HIS B 38 7.58 24.82 -43.09
C HIS B 38 6.30 25.31 -42.43
N GLU B 39 5.18 24.74 -42.83
CA GLU B 39 3.91 25.14 -42.30
C GLU B 39 3.82 24.82 -40.81
N ALA B 40 4.39 23.71 -40.40
CA ALA B 40 4.44 23.34 -38.99
C ALA B 40 5.28 24.34 -38.17
N ALA B 41 6.39 24.78 -38.74
CA ALA B 41 7.24 25.72 -38.08
C ALA B 41 6.55 27.04 -37.86
N GLU B 42 5.86 27.49 -38.90
CA GLU B 42 5.12 28.71 -38.81
C GLU B 42 4.01 28.64 -37.79
N ALA B 43 3.35 27.50 -37.75
CA ALA B 43 2.29 27.29 -36.81
C ALA B 43 2.79 27.34 -35.36
N ALA B 44 3.97 26.82 -35.14
CA ALA B 44 4.57 26.83 -33.83
C ALA B 44 4.79 28.26 -33.35
N VAL B 45 5.27 29.10 -34.22
CA VAL B 45 5.41 30.50 -33.90
C VAL B 45 4.11 31.18 -33.54
N ARG B 46 3.08 30.98 -34.36
CA ARG B 46 1.80 31.57 -34.07
C ARG B 46 1.21 31.00 -32.82
N ASP B 47 1.23 29.67 -32.69
CA ASP B 47 0.54 29.01 -31.61
C ASP B 47 1.05 29.38 -30.22
N PHE B 48 2.35 29.57 -30.11
CA PHE B 48 2.94 29.90 -28.83
C PHE B 48 3.29 31.39 -28.70
N HIS B 49 2.80 32.18 -29.63
CA HIS B 49 2.95 33.63 -29.58
C HIS B 49 4.40 34.05 -29.46
N LEU B 50 5.23 33.43 -30.25
CA LEU B 50 6.64 33.65 -30.17
C LEU B 50 7.07 34.87 -30.96
N ASN B 51 8.15 35.49 -30.52
CA ASN B 51 8.85 36.47 -31.31
C ASN B 51 10.03 35.79 -31.89
N ALA B 52 9.82 35.09 -33.00
CA ALA B 52 10.80 34.17 -33.53
C ALA B 52 10.81 34.12 -35.03
N LYS B 53 11.98 33.84 -35.58
CA LYS B 53 12.12 33.75 -37.00
C LYS B 53 12.00 32.31 -37.41
N VAL B 54 11.39 32.09 -38.55
CA VAL B 54 11.32 30.78 -39.17
C VAL B 54 12.38 30.64 -40.25
N TYR B 55 13.24 29.64 -40.11
CA TYR B 55 14.30 29.40 -41.02
C TYR B 55 14.00 28.24 -41.93
N PRO B 56 14.56 28.25 -43.15
CA PRO B 56 14.32 27.18 -44.11
C PRO B 56 14.86 25.81 -43.69
N ASP B 57 15.95 25.82 -42.94
CA ASP B 57 16.59 24.60 -42.53
C ASP B 57 17.47 24.82 -41.32
N ASP B 58 18.09 23.74 -40.85
CA ASP B 58 18.93 23.82 -39.66
C ASP B 58 20.17 24.68 -39.87
N THR B 59 20.76 24.56 -41.03
CA THR B 59 21.97 25.31 -41.34
C THR B 59 21.77 26.79 -41.16
N SER B 60 20.70 27.31 -41.73
CA SER B 60 20.42 28.72 -41.61
C SER B 60 20.07 29.17 -40.20
N LEU B 61 19.31 28.36 -39.49
CA LEU B 61 19.01 28.66 -38.11
C LEU B 61 20.30 28.74 -37.31
N LEU B 62 21.21 27.84 -37.57
CA LEU B 62 22.45 27.77 -36.85
C LEU B 62 23.39 28.94 -37.10
N GLN B 63 23.11 29.72 -38.14
CA GLN B 63 23.93 30.89 -38.41
C GLN B 63 23.48 32.10 -37.63
N ASP B 64 22.36 32.01 -36.95
CA ASP B 64 21.82 33.10 -36.13
C ASP B 64 22.70 33.29 -34.89
N PRO B 65 23.36 34.44 -34.80
CA PRO B 65 24.31 34.65 -33.73
C PRO B 65 23.64 34.85 -32.37
N ASP B 66 22.36 35.18 -32.36
CA ASP B 66 21.66 35.49 -31.14
C ASP B 66 21.32 34.23 -30.36
N ILE B 67 21.33 33.10 -31.02
CA ILE B 67 20.91 31.84 -30.40
C ILE B 67 21.98 31.24 -29.54
N ASP B 68 21.65 31.02 -28.28
CA ASP B 68 22.56 30.44 -27.29
C ASP B 68 22.58 28.90 -27.32
N ALA B 69 21.43 28.31 -27.63
CA ALA B 69 21.28 26.87 -27.61
C ALA B 69 20.26 26.39 -28.65
N VAL B 70 20.48 25.19 -29.17
CA VAL B 70 19.47 24.58 -30.01
C VAL B 70 18.89 23.30 -29.41
N PHE B 71 17.60 23.11 -29.68
CA PHE B 71 16.91 21.88 -29.36
C PHE B 71 16.68 21.08 -30.64
N VAL B 72 17.20 19.86 -30.70
CA VAL B 72 17.05 18.99 -31.84
C VAL B 72 15.93 18.01 -31.53
N VAL B 73 14.81 18.18 -32.21
CA VAL B 73 13.59 17.43 -31.91
C VAL B 73 12.92 16.90 -33.21
N SER B 74 13.76 16.54 -34.17
CA SER B 74 13.34 16.02 -35.46
C SER B 74 13.20 14.51 -35.38
N PHE B 75 12.91 13.88 -36.50
CA PHE B 75 12.92 12.43 -36.59
C PHE B 75 14.26 11.94 -36.10
N GLY B 76 14.29 10.80 -35.43
CA GLY B 76 15.53 10.25 -34.92
C GLY B 76 16.65 10.14 -35.92
N GLY B 77 16.29 9.73 -37.12
CA GLY B 77 17.28 9.59 -38.18
C GLY B 77 17.94 10.87 -38.65
N ALA B 78 17.37 11.98 -38.27
CA ALA B 78 17.87 13.29 -38.64
C ALA B 78 18.78 13.90 -37.59
N HIS B 79 18.86 13.26 -36.43
CA HIS B 79 19.60 13.85 -35.33
C HIS B 79 21.11 13.99 -35.58
N GLU B 80 21.69 12.94 -36.09
CA GLU B 80 23.12 12.91 -36.31
C GLU B 80 23.63 14.09 -37.15
N ALA B 81 23.04 14.28 -38.32
CA ALA B 81 23.49 15.34 -39.20
C ALA B 81 23.34 16.72 -38.57
N THR B 82 22.23 16.92 -37.88
CA THR B 82 21.99 18.19 -37.27
C THR B 82 22.93 18.47 -36.10
N VAL B 83 23.14 17.46 -35.26
CA VAL B 83 24.06 17.62 -34.19
C VAL B 83 25.52 17.90 -34.67
N LEU B 84 25.94 17.17 -35.66
CA LEU B 84 27.24 17.45 -36.26
C LEU B 84 27.33 18.89 -36.82
N LYS B 85 26.27 19.37 -37.42
CA LYS B 85 26.24 20.75 -37.91
C LYS B 85 26.31 21.75 -36.77
N ALA B 86 25.56 21.47 -35.72
CA ALA B 86 25.53 22.35 -34.60
C ALA B 86 26.90 22.44 -33.90
N LEU B 87 27.68 21.39 -34.02
CA LEU B 87 28.99 21.37 -33.40
C LEU B 87 30.00 22.21 -34.16
N ASP B 88 29.60 22.75 -35.29
CA ASP B 88 30.40 23.72 -36.03
C ASP B 88 30.19 25.12 -35.48
N THR B 89 29.24 25.28 -34.58
CA THR B 89 28.99 26.50 -33.90
C THR B 89 29.45 26.39 -32.46
N ASP B 90 29.28 27.47 -31.70
CA ASP B 90 29.64 27.46 -30.30
C ASP B 90 28.44 27.19 -29.39
N LYS B 91 27.29 26.94 -30.00
CA LYS B 91 26.05 26.85 -29.26
C LYS B 91 25.91 25.54 -28.45
N PHE B 92 25.16 25.63 -27.39
CA PHE B 92 24.81 24.44 -26.64
C PHE B 92 23.73 23.65 -27.39
N ILE B 93 23.72 22.34 -27.15
CA ILE B 93 22.87 21.44 -27.91
C ILE B 93 22.09 20.49 -26.99
N PHE B 94 20.77 20.62 -27.00
CA PHE B 94 19.93 19.62 -26.41
C PHE B 94 19.30 18.80 -27.53
N THR B 95 19.67 17.54 -27.63
CA THR B 95 19.04 16.66 -28.58
C THR B 95 18.14 15.66 -27.89
N GLU B 96 16.96 15.45 -28.44
CA GLU B 96 16.16 14.37 -27.96
C GLU B 96 16.85 13.06 -28.30
N LYS B 97 16.49 12.01 -27.57
CA LYS B 97 16.97 10.70 -27.89
C LYS B 97 16.38 10.26 -29.22
N PRO B 98 17.09 9.43 -29.94
CA PRO B 98 18.45 8.96 -29.72
C PRO B 98 19.49 10.01 -30.12
N LEU B 99 20.71 9.90 -29.66
CA LEU B 99 21.80 10.76 -30.11
C LEU B 99 21.97 10.59 -31.62
N ALA B 100 21.95 9.34 -32.02
CA ALA B 100 21.96 8.97 -33.42
C ALA B 100 21.29 7.61 -33.56
N THR B 101 20.80 7.30 -34.75
CA THR B 101 20.12 6.03 -34.99
C THR B 101 21.05 4.88 -35.28
N THR B 102 22.32 5.17 -35.38
CA THR B 102 23.31 4.17 -35.57
C THR B 102 24.48 4.36 -34.62
N LEU B 103 25.15 3.26 -34.36
CA LEU B 103 26.32 3.21 -33.53
C LEU B 103 27.41 4.15 -34.06
N GLU B 104 27.59 4.12 -35.35
CA GLU B 104 28.67 4.85 -35.98
C GLU B 104 28.38 6.34 -35.98
N GLY B 105 27.11 6.69 -36.09
CA GLY B 105 26.70 8.06 -36.03
C GLY B 105 26.96 8.64 -34.66
N ALA B 106 26.68 7.85 -33.63
CA ALA B 106 26.95 8.25 -32.29
C ALA B 106 28.45 8.52 -32.06
N LYS B 107 29.27 7.64 -32.57
CA LYS B 107 30.71 7.82 -32.41
C LYS B 107 31.24 9.01 -33.18
N ARG B 108 30.64 9.29 -34.32
CA ARG B 108 31.05 10.44 -35.10
C ARG B 108 30.80 11.70 -34.32
N ILE B 109 29.68 11.73 -33.60
CA ILE B 109 29.35 12.85 -32.79
C ILE B 109 30.29 13.01 -31.62
N VAL B 110 30.54 11.91 -30.93
CA VAL B 110 31.45 11.90 -29.82
C VAL B 110 32.84 12.35 -30.25
N ASP B 111 33.33 11.80 -31.33
CA ASP B 111 34.64 12.19 -31.85
C ASP B 111 34.71 13.67 -32.15
N LYS B 112 33.66 14.22 -32.72
CA LYS B 112 33.64 15.62 -33.00
C LYS B 112 33.58 16.47 -31.78
N GLU B 113 32.71 16.13 -30.83
CA GLU B 113 32.63 16.87 -29.61
C GLU B 113 33.95 16.87 -28.84
N LEU B 114 34.65 15.76 -28.89
CA LEU B 114 35.93 15.64 -28.19
C LEU B 114 36.96 16.66 -28.66
N THR B 115 36.78 17.16 -29.86
CA THR B 115 37.70 18.16 -30.39
C THR B 115 37.43 19.57 -29.87
N LYS B 116 36.40 19.75 -29.06
CA LYS B 116 35.99 21.05 -28.63
C LYS B 116 36.54 21.41 -27.27
N SER B 117 36.49 22.68 -26.93
CA SER B 117 37.03 23.15 -25.67
C SER B 117 36.19 22.76 -24.43
N LYS B 118 34.87 22.69 -24.61
CA LYS B 118 33.97 22.20 -23.59
C LYS B 118 32.86 21.35 -24.19
N LYS B 119 32.22 20.62 -23.31
CA LYS B 119 31.10 19.79 -23.65
C LYS B 119 29.86 20.66 -23.79
N VAL B 120 29.08 20.42 -24.85
CA VAL B 120 27.91 21.21 -25.13
C VAL B 120 26.61 20.40 -25.32
N ILE B 121 26.73 19.10 -25.51
CA ILE B 121 25.57 18.26 -25.79
C ILE B 121 24.94 17.61 -24.51
N GLN B 122 23.63 17.70 -24.42
CA GLN B 122 22.84 16.91 -23.49
C GLN B 122 21.84 16.10 -24.35
N VAL B 123 21.68 14.83 -24.00
CA VAL B 123 20.72 13.96 -24.66
C VAL B 123 19.48 13.73 -23.77
N GLY B 124 18.31 13.75 -24.38
CA GLY B 124 17.04 13.74 -23.67
C GLY B 124 16.54 12.43 -23.01
N PHE B 125 17.44 11.75 -22.34
CA PHE B 125 17.06 10.60 -21.54
C PHE B 125 16.48 11.05 -20.19
N MET B 126 15.21 11.35 -20.18
CA MET B 126 14.52 12.02 -19.07
C MET B 126 14.33 11.14 -17.83
N ARG B 127 14.48 9.84 -17.98
CA ARG B 127 14.28 8.97 -16.83
C ARG B 127 15.11 9.36 -15.63
N ARG B 128 16.31 9.83 -15.90
CA ARG B 128 17.21 10.20 -14.83
C ARG B 128 16.71 11.34 -13.99
N TYR B 129 15.71 12.07 -14.50
CA TYR B 129 15.18 13.21 -13.80
C TYR B 129 13.84 12.93 -13.14
N ASP B 130 13.33 11.73 -13.36
CA ASP B 130 12.09 11.36 -12.72
C ASP B 130 12.29 11.25 -11.21
N GLN B 131 11.45 11.92 -10.45
CA GLN B 131 11.63 12.00 -9.02
C GLN B 131 11.63 10.63 -8.32
N GLY B 132 10.72 9.78 -8.73
CA GLY B 132 10.66 8.46 -8.16
C GLY B 132 11.87 7.61 -8.46
N ILE B 133 12.28 7.62 -9.70
CA ILE B 133 13.46 6.89 -10.09
C ILE B 133 14.76 7.44 -9.41
N ARG B 134 14.88 8.74 -9.39
CA ARG B 134 15.98 9.37 -8.68
C ARG B 134 15.99 9.02 -7.19
N ALA B 135 14.82 9.05 -6.57
CA ALA B 135 14.73 8.75 -5.14
C ALA B 135 15.17 7.33 -4.86
N LEU B 136 14.84 6.42 -5.75
CA LEU B 136 15.28 5.05 -5.60
C LEU B 136 16.79 4.93 -5.70
N LYS B 137 17.36 5.57 -6.71
CA LYS B 137 18.80 5.54 -6.86
C LYS B 137 19.50 6.09 -5.62
N GLU B 138 18.97 7.19 -5.12
CA GLU B 138 19.55 7.82 -3.97
C GLU B 138 19.56 6.88 -2.76
N LYS B 139 18.46 6.21 -2.55
CA LYS B 139 18.38 5.30 -1.44
C LYS B 139 19.37 4.14 -1.63
N LEU B 140 19.46 3.65 -2.85
CA LEU B 140 20.41 2.60 -3.15
C LEU B 140 21.82 3.03 -2.76
N ASP B 141 22.10 4.26 -3.12
CA ASP B 141 23.46 4.78 -2.94
C ASP B 141 23.84 5.05 -1.48
N THR B 142 22.87 4.98 -0.57
CA THR B 142 23.16 5.05 0.84
C THR B 142 23.82 3.79 1.39
N GLY B 143 23.75 2.72 0.63
CA GLY B 143 24.25 1.45 1.07
C GLY B 143 23.31 0.58 1.91
N ILE B 144 22.12 1.08 2.11
CA ILE B 144 21.20 0.47 3.02
C ILE B 144 20.77 -0.98 2.67
N ILE B 145 20.79 -1.31 1.40
CA ILE B 145 20.49 -2.66 0.99
C ILE B 145 21.71 -3.42 0.49
N GLY B 146 22.87 -2.84 0.75
CA GLY B 146 24.08 -3.46 0.27
C GLY B 146 24.21 -3.34 -1.24
N ALA B 147 25.05 -4.18 -1.80
CA ALA B 147 25.31 -4.12 -3.22
C ALA B 147 24.13 -4.66 -4.05
N PRO B 148 23.88 -4.02 -5.21
CA PRO B 148 22.80 -4.50 -6.07
C PRO B 148 23.20 -5.73 -6.89
N LEU B 149 22.42 -6.78 -6.74
CA LEU B 149 22.72 -8.09 -7.31
C LEU B 149 21.87 -8.38 -8.56
N VAL B 150 20.62 -7.99 -8.48
CA VAL B 150 19.67 -8.19 -9.53
C VAL B 150 18.76 -6.96 -9.61
N VAL B 151 18.41 -6.59 -10.83
CA VAL B 151 17.40 -5.59 -11.07
C VAL B 151 16.28 -6.21 -11.90
N ARG B 152 15.04 -6.02 -11.46
CA ARG B 152 13.89 -6.50 -12.19
C ARG B 152 13.04 -5.29 -12.53
N ALA B 153 12.74 -5.12 -13.81
CA ALA B 153 12.05 -3.93 -14.27
C ALA B 153 11.01 -4.27 -15.31
N SER B 154 10.04 -3.39 -15.45
CA SER B 154 9.01 -3.52 -16.46
C SER B 154 8.80 -2.19 -17.18
N HIS B 155 8.64 -2.27 -18.48
CA HIS B 155 8.21 -1.15 -19.27
C HIS B 155 6.92 -1.62 -20.00
N ILE B 156 5.81 -1.15 -19.47
CA ILE B 156 4.49 -1.57 -19.87
C ILE B 156 3.79 -0.42 -20.59
N ASN B 157 3.25 -0.75 -21.75
CA ASN B 157 2.57 0.20 -22.60
C ASN B 157 1.26 -0.45 -23.11
N PRO B 158 0.19 0.31 -23.21
CA PRO B 158 -1.10 -0.31 -23.48
C PRO B 158 -1.29 -0.83 -24.92
N ASN B 159 -0.88 -0.03 -25.88
CA ASN B 159 -1.03 -0.39 -27.29
CA ASN B 159 -1.02 -0.39 -27.28
C ASN B 159 -0.06 0.46 -28.10
N VAL B 160 0.22 0.02 -29.32
CA VAL B 160 1.13 0.71 -30.21
C VAL B 160 0.46 1.08 -31.55
N ALA B 161 1.04 2.07 -32.19
CA ALA B 161 0.57 2.53 -33.48
C ALA B 161 1.11 1.62 -34.55
N SER B 162 0.55 1.77 -35.75
CA SER B 162 0.84 0.87 -36.83
C SER B 162 2.30 0.88 -37.33
N ASN B 163 3.00 1.97 -37.04
CA ASN B 163 4.38 2.12 -37.45
C ASN B 163 5.38 1.43 -36.53
N TYR B 164 4.89 0.87 -35.44
CA TYR B 164 5.76 0.31 -34.43
C TYR B 164 6.31 -1.07 -34.86
N SER B 165 7.63 -1.13 -35.01
CA SER B 165 8.31 -2.30 -35.49
C SER B 165 8.93 -3.11 -34.34
N ASN B 166 9.34 -4.32 -34.67
CA ASN B 166 10.02 -5.15 -33.71
C ASN B 166 11.24 -4.45 -33.12
N GLU B 167 12.00 -3.79 -33.96
CA GLU B 167 13.21 -3.16 -33.51
C GLU B 167 12.92 -1.95 -32.61
N MET B 168 11.75 -1.39 -32.73
CA MET B 168 11.37 -0.28 -31.90
C MET B 168 11.10 -0.70 -30.42
N ALA B 169 10.86 -1.97 -30.22
CA ALA B 169 10.80 -2.48 -28.85
C ALA B 169 12.09 -2.12 -28.12
N ILE B 170 13.17 -2.06 -28.88
CA ILE B 170 14.44 -1.63 -28.35
C ILE B 170 14.66 -0.13 -28.45
N THR B 171 14.54 0.39 -29.67
CA THR B 171 14.94 1.73 -29.97
C THR B 171 14.02 2.84 -29.46
N ASP B 172 12.74 2.54 -29.27
CA ASP B 172 11.79 3.49 -28.77
C ASP B 172 11.43 3.24 -27.28
N THR B 173 11.42 1.98 -26.91
CA THR B 173 10.91 1.58 -25.62
C THR B 173 12.03 1.18 -24.61
N LEU B 174 12.69 0.08 -24.86
CA LEU B 174 13.77 -0.36 -23.98
C LEU B 174 14.90 0.65 -23.84
N ILE B 175 15.04 1.52 -24.84
CA ILE B 175 16.11 2.50 -24.80
C ILE B 175 16.18 3.28 -23.48
N HIS B 176 15.03 3.48 -22.87
CA HIS B 176 14.97 4.20 -21.63
C HIS B 176 15.62 3.44 -20.49
N GLU B 177 15.35 2.14 -20.43
CA GLU B 177 16.00 1.28 -19.47
C GLU B 177 17.49 1.11 -19.80
N ILE B 178 17.82 1.07 -21.07
CA ILE B 178 19.19 0.99 -21.47
C ILE B 178 20.02 2.16 -20.93
N ASP B 179 19.52 3.36 -21.06
CA ASP B 179 20.26 4.48 -20.50
C ASP B 179 20.23 4.45 -18.96
N GLU B 180 19.09 4.08 -18.42
CA GLU B 180 18.85 4.16 -17.00
C GLU B 180 19.70 3.24 -16.11
N MET B 181 19.86 2.00 -16.54
CA MET B 181 20.40 1.01 -15.65
C MET B 181 21.91 1.20 -15.35
N HIS B 182 22.69 1.56 -16.35
CA HIS B 182 24.10 1.77 -16.07
C HIS B 182 24.33 2.98 -15.20
N TRP B 183 23.45 3.95 -15.31
CA TRP B 183 23.46 5.10 -14.44
C TRP B 183 23.02 4.72 -13.00
N LEU B 184 21.94 3.99 -12.92
CA LEU B 184 21.45 3.54 -11.63
C LEU B 184 22.50 2.80 -10.84
N LEU B 185 23.22 1.95 -11.51
CA LEU B 185 24.14 1.04 -10.89
C LEU B 185 25.61 1.49 -10.89
N ASP B 186 25.89 2.63 -11.51
CA ASP B 186 27.26 3.08 -11.69
C ASP B 186 28.12 1.95 -12.22
N ASP B 187 27.72 1.42 -13.37
CA ASP B 187 28.28 0.20 -13.90
C ASP B 187 28.30 0.26 -15.43
N GLU B 188 28.84 -0.78 -16.04
CA GLU B 188 28.93 -0.91 -17.48
C GLU B 188 28.39 -2.25 -17.91
N TYR B 189 27.73 -2.28 -19.05
CA TYR B 189 27.16 -3.49 -19.58
C TYR B 189 28.20 -4.40 -20.24
N THR B 190 28.01 -5.70 -20.11
CA THR B 190 28.86 -6.68 -20.75
C THR B 190 28.13 -7.57 -21.77
N SER B 191 26.82 -7.61 -21.70
CA SER B 191 26.05 -8.34 -22.66
C SER B 191 24.59 -7.97 -22.59
N ILE B 192 23.88 -8.30 -23.64
CA ILE B 192 22.43 -8.20 -23.68
C ILE B 192 21.85 -9.35 -24.45
N GLN B 193 20.68 -9.79 -24.02
CA GLN B 193 19.98 -10.89 -24.65
C GLN B 193 18.50 -10.64 -24.67
N ILE B 194 17.89 -10.82 -25.83
CA ILE B 194 16.47 -10.66 -26.00
C ILE B 194 15.81 -12.02 -26.24
N THR B 195 14.83 -12.36 -25.42
CA THR B 195 14.04 -13.56 -25.63
C THR B 195 12.58 -13.26 -25.86
N TYR B 196 11.92 -14.15 -26.56
CA TYR B 196 10.54 -14.02 -26.93
C TYR B 196 9.68 -15.08 -26.23
N PRO B 197 8.88 -14.68 -25.25
CA PRO B 197 7.89 -15.57 -24.70
C PRO B 197 6.77 -15.77 -25.70
N ARG B 198 5.77 -16.52 -25.35
CA ARG B 198 4.65 -16.74 -26.24
C ARG B 198 4.11 -15.41 -26.73
N GLN B 199 3.76 -15.37 -28.01
CA GLN B 199 3.29 -14.15 -28.64
C GLN B 199 1.92 -13.81 -28.17
N SER B 200 1.71 -12.54 -27.83
CA SER B 200 0.40 -12.07 -27.45
C SER B 200 -0.59 -11.99 -28.61
N ALA B 201 -1.80 -12.41 -28.35
CA ALA B 201 -2.87 -12.30 -29.33
C ALA B 201 -3.24 -10.84 -29.60
N GLU B 202 -2.71 -9.91 -28.83
CA GLU B 202 -3.08 -8.52 -28.96
C GLU B 202 -2.24 -7.79 -29.99
N VAL B 203 -1.20 -8.44 -30.49
CA VAL B 203 -0.33 -7.83 -31.44
C VAL B 203 -1.01 -7.72 -32.80
N ARG B 204 -1.00 -6.53 -33.38
CA ARG B 204 -1.59 -6.23 -34.68
C ARG B 204 -0.56 -5.71 -35.68
N ASN B 205 0.71 -5.70 -35.32
CA ASN B 205 1.80 -5.18 -36.16
C ASN B 205 2.72 -6.24 -36.76
N GLU B 206 2.95 -6.11 -38.06
CA GLU B 206 3.77 -7.02 -38.80
C GLU B 206 5.15 -7.11 -38.23
N GLY B 207 5.53 -8.30 -37.84
CA GLY B 207 6.86 -8.59 -37.41
C GLY B 207 7.14 -8.31 -35.94
N LEU B 208 6.21 -7.68 -35.26
CA LEU B 208 6.39 -7.35 -33.86
C LEU B 208 6.22 -8.55 -32.96
N HIS B 209 7.26 -8.82 -32.17
CA HIS B 209 7.20 -9.75 -31.08
C HIS B 209 6.83 -8.98 -29.80
N ASP B 210 5.83 -9.48 -29.10
CA ASP B 210 5.39 -8.89 -27.85
C ASP B 210 4.74 -9.95 -26.98
N PRO B 211 5.19 -10.08 -25.73
CA PRO B 211 6.24 -9.31 -25.09
C PRO B 211 7.65 -9.70 -25.47
N GLN B 212 8.61 -8.94 -24.95
CA GLN B 212 10.02 -9.27 -25.07
C GLN B 212 10.69 -9.21 -23.66
N LEU B 213 11.60 -10.13 -23.43
CA LEU B 213 12.39 -10.13 -22.23
C LEU B 213 13.82 -9.77 -22.54
N ALA B 214 14.31 -8.73 -21.89
CA ALA B 214 15.68 -8.31 -22.08
C ALA B 214 16.51 -8.62 -20.83
N THR B 215 17.59 -9.30 -21.02
CA THR B 215 18.50 -9.57 -19.95
C THR B 215 19.85 -8.93 -20.21
N LEU B 216 20.28 -8.07 -19.31
CA LEU B 216 21.57 -7.43 -19.40
C LEU B 216 22.46 -7.84 -18.25
N THR B 217 23.74 -8.00 -18.54
CA THR B 217 24.73 -8.28 -17.53
C THR B 217 25.67 -7.09 -17.44
N THR B 218 26.23 -6.88 -16.28
CA THR B 218 27.12 -5.78 -16.00
C THR B 218 28.47 -6.25 -15.53
N LYS B 219 29.43 -5.34 -15.57
CA LYS B 219 30.76 -5.68 -15.17
C LYS B 219 30.89 -6.13 -13.69
N LYS B 220 30.18 -5.47 -12.81
CA LYS B 220 30.19 -5.90 -11.42
C LYS B 220 29.36 -7.18 -11.17
N GLY B 221 28.66 -7.66 -12.18
CA GLY B 221 27.96 -8.92 -12.13
C GLY B 221 26.44 -8.87 -11.96
N THR B 222 25.92 -7.67 -11.81
CA THR B 222 24.50 -7.49 -11.64
C THR B 222 23.75 -7.97 -12.90
N VAL B 223 22.70 -8.70 -12.71
CA VAL B 223 21.84 -9.09 -13.81
C VAL B 223 20.54 -8.26 -13.81
N ILE B 224 20.23 -7.69 -14.96
CA ILE B 224 19.06 -6.88 -15.13
C ILE B 224 18.07 -7.62 -16.01
N GLN B 225 16.86 -7.80 -15.51
CA GLN B 225 15.79 -8.43 -16.25
C GLN B 225 14.67 -7.43 -16.51
N VAL B 226 14.49 -7.04 -17.77
CA VAL B 226 13.42 -6.14 -18.13
C VAL B 226 12.34 -6.84 -18.94
N LEU B 227 11.10 -6.66 -18.53
CA LEU B 227 9.94 -7.07 -19.28
C LEU B 227 9.47 -5.88 -20.12
N VAL B 228 9.47 -6.04 -21.42
CA VAL B 228 8.92 -5.08 -22.35
C VAL B 228 7.60 -5.61 -22.87
N HIS B 229 6.53 -4.91 -22.59
CA HIS B 229 5.21 -5.36 -22.97
C HIS B 229 4.40 -4.16 -23.47
N VAL B 230 4.27 -4.09 -24.79
CA VAL B 230 3.76 -2.87 -25.41
C VAL B 230 2.34 -2.93 -25.92
N THR B 231 1.73 -4.10 -25.83
CA THR B 231 0.32 -4.28 -26.11
C THR B 231 -0.44 -4.77 -24.87
N ALA B 232 -0.02 -4.29 -23.72
CA ALA B 232 -0.50 -4.78 -22.44
C ALA B 232 -1.96 -4.46 -22.09
N GLN B 233 -2.53 -3.53 -22.83
CA GLN B 233 -3.91 -3.08 -22.69
C GLN B 233 -4.28 -2.21 -21.48
N TYR B 234 -3.82 -2.60 -20.30
CA TYR B 234 -4.39 -2.03 -19.10
C TYR B 234 -3.91 -0.62 -18.73
N GLY B 235 -2.73 -0.28 -19.18
CA GLY B 235 -2.12 0.96 -18.79
C GLY B 235 -0.69 1.13 -19.26
N TYR B 236 -0.14 2.29 -18.92
CA TYR B 236 1.26 2.57 -19.09
C TYR B 236 1.91 2.54 -17.70
N GLU B 237 2.92 1.74 -17.54
CA GLU B 237 3.54 1.60 -16.24
C GLU B 237 5.03 1.29 -16.32
N VAL B 238 5.79 1.98 -15.46
CA VAL B 238 7.20 1.76 -15.31
C VAL B 238 7.47 1.21 -13.90
N LYS B 239 8.03 0.00 -13.85
CA LYS B 239 8.29 -0.68 -12.59
C LYS B 239 9.81 -0.93 -12.47
N LEU B 240 10.32 -0.84 -11.25
CA LEU B 240 11.73 -0.97 -10.98
C LEU B 240 11.96 -1.53 -9.56
N GLU B 241 12.64 -2.67 -9.50
CA GLU B 241 12.99 -3.31 -8.27
C GLU B 241 14.47 -3.64 -8.29
N VAL B 242 15.16 -3.25 -7.20
CA VAL B 242 16.53 -3.56 -7.02
C VAL B 242 16.69 -4.51 -5.85
N ILE B 243 17.32 -5.61 -6.12
CA ILE B 243 17.58 -6.66 -5.14
C ILE B 243 19.02 -6.55 -4.65
N GLY B 244 19.12 -6.23 -3.38
CA GLY B 244 20.37 -6.06 -2.73
C GLY B 244 20.74 -7.21 -1.84
N GLU B 245 21.97 -7.15 -1.40
CA GLU B 245 22.50 -8.12 -0.49
C GLU B 245 21.68 -8.25 0.81
N THR B 246 21.22 -7.11 1.33
CA THR B 246 20.58 -7.06 2.61
C THR B 246 19.15 -6.49 2.60
N GLY B 247 18.63 -6.20 1.43
CA GLY B 247 17.29 -5.75 1.31
C GLY B 247 16.92 -5.48 -0.15
N GLU B 248 15.73 -4.92 -0.34
CA GLU B 248 15.25 -4.55 -1.66
C GLU B 248 14.70 -3.13 -1.69
N LEU B 249 14.69 -2.55 -2.88
CA LEU B 249 14.08 -1.26 -3.13
C LEU B 249 13.15 -1.36 -4.35
N GLN B 250 11.97 -0.80 -4.25
CA GLN B 250 11.13 -0.70 -5.44
C GLN B 250 10.36 0.60 -5.55
N LEU B 251 10.09 0.98 -6.76
CA LEU B 251 9.25 2.14 -6.99
C LEU B 251 7.85 1.88 -6.47
N PRO B 252 7.24 2.91 -5.91
CA PRO B 252 5.86 2.82 -5.49
C PRO B 252 4.95 2.97 -6.68
N ASN B 253 3.67 2.94 -6.30
CA ASN B 253 2.61 3.21 -7.28
C ASN B 253 2.71 4.62 -7.82
N TYR B 254 2.67 4.80 -9.17
CA TYR B 254 2.63 6.14 -9.65
C TYR B 254 1.21 6.66 -9.64
N GLY B 255 1.01 7.87 -9.15
CA GLY B 255 -0.29 8.52 -9.26
C GLY B 255 -0.76 9.21 -7.99
N LEU B 256 -1.40 10.37 -8.14
CA LEU B 256 -1.89 11.12 -7.00
C LEU B 256 -3.41 11.02 -6.84
N GLY B 257 -4.05 10.28 -7.71
CA GLY B 257 -5.51 10.17 -7.75
C GLY B 257 -6.04 9.37 -6.57
N PRO B 258 -7.32 9.52 -6.27
CA PRO B 258 -7.76 8.95 -5.01
C PRO B 258 -7.98 7.44 -5.03
N ILE B 259 -7.99 6.86 -3.83
CA ILE B 259 -8.37 5.49 -3.63
C ILE B 259 -9.88 5.44 -3.54
N LEU B 260 -10.48 4.65 -4.40
CA LEU B 260 -11.92 4.50 -4.45
C LEU B 260 -12.37 3.17 -3.85
N ARG B 261 -13.26 3.25 -2.88
CA ARG B 261 -13.94 2.08 -2.37
C ARG B 261 -15.36 2.09 -2.93
N SER B 262 -15.64 1.11 -3.76
CA SER B 262 -16.88 1.08 -4.51
C SER B 262 -17.10 -0.31 -5.09
N ASN B 263 -18.34 -0.77 -5.01
CA ASN B 263 -18.76 -1.96 -5.73
C ASN B 263 -17.85 -3.15 -5.46
N ALA B 264 -17.60 -3.41 -4.19
CA ALA B 264 -16.85 -4.58 -3.77
C ALA B 264 -15.40 -4.61 -4.21
N ASN B 265 -14.86 -3.43 -4.46
CA ASN B 265 -13.47 -3.29 -4.82
C ASN B 265 -12.86 -2.01 -4.22
N GLN B 266 -11.56 -2.07 -4.04
CA GLN B 266 -10.80 -0.90 -3.75
C GLN B 266 -9.89 -0.69 -4.95
N GLN B 267 -9.87 0.51 -5.47
CA GLN B 267 -9.13 0.74 -6.68
C GLN B 267 -8.52 2.12 -6.86
N THR B 268 -7.45 2.14 -7.66
CA THR B 268 -6.81 3.35 -8.08
C THR B 268 -6.65 3.33 -9.60
N ALA B 269 -6.66 4.50 -10.20
CA ALA B 269 -6.49 4.61 -11.62
C ALA B 269 -5.06 4.32 -12.03
N VAL B 270 -4.89 3.77 -13.21
CA VAL B 270 -3.58 3.58 -13.82
C VAL B 270 -3.44 4.56 -14.98
N GLU B 271 -2.30 5.22 -15.04
CA GLU B 271 -1.98 6.07 -16.15
C GLU B 271 -2.06 5.33 -17.47
N MET B 272 -2.62 5.96 -18.49
CA MET B 272 -2.68 5.39 -19.81
C MET B 272 -1.70 6.02 -20.80
N SER B 273 -1.12 7.16 -20.40
CA SER B 273 -0.25 7.96 -21.27
C SER B 273 1.16 8.15 -20.70
N TRP B 274 2.18 7.73 -21.45
CA TRP B 274 3.54 8.03 -21.09
C TRP B 274 3.83 9.53 -21.05
N ILE B 275 3.12 10.28 -21.88
CA ILE B 275 3.23 11.72 -21.83
C ILE B 275 2.94 12.25 -20.43
N ASN B 276 1.84 11.84 -19.87
CA ASN B 276 1.49 12.30 -18.57
C ASN B 276 2.45 11.76 -17.51
N ARG B 277 2.85 10.51 -17.67
CA ARG B 277 3.69 9.88 -16.68
C ARG B 277 4.98 10.67 -16.43
N PHE B 278 5.53 11.24 -17.50
CA PHE B 278 6.85 11.84 -17.40
C PHE B 278 6.90 13.39 -17.55
N ILE B 279 5.76 14.03 -17.38
CA ILE B 279 5.67 15.48 -17.45
C ILE B 279 6.71 16.16 -16.57
N GLN B 280 6.82 15.68 -15.35
CA GLN B 280 7.76 16.24 -14.42
C GLN B 280 9.20 16.09 -14.86
N ALA B 281 9.53 14.89 -15.31
CA ALA B 281 10.87 14.61 -15.73
C ALA B 281 11.32 15.50 -16.89
N TYR B 282 10.45 15.67 -17.85
CA TYR B 282 10.74 16.56 -18.97
C TYR B 282 10.96 17.99 -18.51
N ASN B 283 10.13 18.47 -17.60
CA ASN B 283 10.31 19.81 -17.05
C ASN B 283 11.64 19.98 -16.34
N THR B 284 11.97 19.04 -15.44
CA THR B 284 13.19 19.11 -14.69
C THR B 284 14.45 19.02 -15.58
N GLU B 285 14.40 18.09 -16.52
CA GLU B 285 15.47 17.90 -17.46
C GLU B 285 15.79 19.16 -18.27
N VAL B 286 14.77 19.78 -18.81
CA VAL B 286 14.95 20.95 -19.63
C VAL B 286 15.35 22.18 -18.79
N GLN B 287 14.76 22.31 -17.63
CA GLN B 287 15.13 23.41 -16.77
C GLN B 287 16.60 23.36 -16.38
N GLU B 288 17.10 22.17 -16.13
CA GLU B 288 18.49 22.01 -15.78
C GLU B 288 19.41 22.44 -16.94
N PHE B 289 19.09 21.98 -18.12
CA PHE B 289 19.85 22.33 -19.29
C PHE B 289 19.86 23.84 -19.48
N ILE B 290 18.70 24.47 -19.44
CA ILE B 290 18.62 25.91 -19.53
C ILE B 290 19.47 26.61 -18.45
N ASP B 291 19.40 26.10 -17.24
CA ASP B 291 20.14 26.68 -16.15
C ASP B 291 21.62 26.60 -16.39
N GLU B 292 22.08 25.52 -16.97
CA GLU B 292 23.48 25.37 -17.28
C GLU B 292 23.91 26.32 -18.37
N VAL B 293 23.10 26.44 -19.41
CA VAL B 293 23.43 27.35 -20.48
C VAL B 293 23.49 28.79 -20.01
N ALA B 294 22.60 29.15 -19.11
CA ALA B 294 22.55 30.51 -18.57
C ALA B 294 23.86 30.87 -17.87
N LYS B 295 24.52 29.89 -17.29
CA LYS B 295 25.81 30.09 -16.62
C LYS B 295 26.99 29.88 -17.56
N SER B 296 26.71 29.62 -18.81
CA SER B 296 27.71 29.22 -19.79
C SER B 296 28.54 28.03 -19.32
N GLU B 297 27.95 27.12 -18.56
CA GLU B 297 28.61 25.92 -18.13
C GLU B 297 28.14 24.69 -18.91
N PRO B 298 28.98 23.68 -19.04
CA PRO B 298 28.56 22.46 -19.74
C PRO B 298 27.35 21.85 -19.09
N PRO B 299 26.52 21.18 -19.91
CA PRO B 299 25.42 20.45 -19.35
C PRO B 299 25.91 19.38 -18.38
N VAL B 300 25.07 19.01 -17.44
CA VAL B 300 25.43 17.98 -16.50
C VAL B 300 24.55 16.73 -16.61
N GLY B 301 23.60 16.77 -17.53
CA GLY B 301 22.73 15.65 -17.82
C GLY B 301 23.37 14.67 -18.73
N PRO B 302 22.62 13.66 -19.18
CA PRO B 302 23.15 12.63 -20.05
C PRO B 302 23.90 13.24 -21.23
N SER B 303 25.07 12.74 -21.51
CA SER B 303 25.98 13.32 -22.47
C SER B 303 25.97 12.56 -23.77
N ALA B 304 26.75 13.03 -24.73
CA ALA B 304 26.95 12.30 -25.94
C ALA B 304 27.55 10.94 -25.71
N TRP B 305 28.37 10.81 -24.68
CA TRP B 305 28.92 9.52 -24.33
C TRP B 305 27.81 8.53 -23.88
N ASP B 306 26.91 9.03 -23.08
CA ASP B 306 25.74 8.25 -22.70
C ASP B 306 24.91 7.86 -23.95
N GLY B 307 24.82 8.79 -24.89
CA GLY B 307 24.17 8.52 -26.13
C GLY B 307 24.83 7.38 -26.90
N TYR B 308 26.15 7.39 -26.83
CA TYR B 308 26.95 6.36 -27.44
C TYR B 308 26.74 4.99 -26.77
N ILE B 309 26.76 4.98 -25.44
CA ILE B 309 26.51 3.74 -24.72
C ILE B 309 25.14 3.16 -25.07
N ALA B 310 24.17 4.05 -25.13
CA ALA B 310 22.84 3.63 -25.52
C ALA B 310 22.81 3.03 -26.93
N ALA B 311 23.48 3.71 -27.85
CA ALA B 311 23.49 3.29 -29.23
C ALA B 311 24.15 1.92 -29.44
N ILE B 312 25.27 1.73 -28.75
CA ILE B 312 25.95 0.46 -28.79
C ILE B 312 25.08 -0.69 -28.25
N THR B 313 24.41 -0.41 -27.15
CA THR B 313 23.61 -1.39 -26.47
C THR B 313 22.35 -1.72 -27.28
N ALA B 314 21.76 -0.69 -27.84
CA ALA B 314 20.61 -0.86 -28.69
C ALA B 314 20.94 -1.69 -29.93
N ALA B 315 22.09 -1.42 -30.54
CA ALA B 315 22.53 -2.19 -31.67
C ALA B 315 22.70 -3.67 -31.33
N ALA B 316 23.31 -3.91 -30.19
CA ALA B 316 23.50 -5.25 -29.72
C ALA B 316 22.18 -5.95 -29.46
N ALA B 317 21.22 -5.22 -28.92
CA ALA B 317 19.89 -5.77 -28.71
C ALA B 317 19.16 -6.08 -30.00
N ASN B 318 19.28 -5.21 -30.97
CA ASN B 318 18.69 -5.47 -32.27
C ASN B 318 19.31 -6.71 -32.93
N ARG B 319 20.59 -6.91 -32.67
CA ARG B 319 21.23 -8.10 -33.16
C ARG B 319 20.70 -9.36 -32.45
N SER B 320 20.56 -9.26 -31.13
CA SER B 320 19.99 -10.35 -30.38
C SER B 320 18.59 -10.72 -30.83
N GLN B 321 17.80 -9.71 -31.20
CA GLN B 321 16.46 -9.93 -31.64
C GLN B 321 16.34 -10.87 -32.84
N LYS B 322 17.41 -10.99 -33.60
CA LYS B 322 17.41 -11.86 -34.77
C LYS B 322 17.30 -13.35 -34.45
N ASP B 323 17.94 -13.79 -33.38
CA ASP B 323 18.01 -15.20 -33.03
C ASP B 323 17.92 -15.54 -31.52
N GLN B 324 17.67 -14.51 -30.74
CA GLN B 324 17.51 -14.65 -29.30
C GLN B 324 18.79 -15.09 -28.58
N GLU B 325 19.92 -14.87 -29.20
CA GLU B 325 21.19 -15.22 -28.60
C GLU B 325 21.83 -14.01 -27.92
N THR B 326 22.65 -14.28 -26.94
CA THR B 326 23.35 -13.26 -26.20
C THR B 326 24.37 -12.54 -27.11
N VAL B 327 24.41 -11.23 -26.99
CA VAL B 327 25.35 -10.41 -27.72
C VAL B 327 26.24 -9.64 -26.72
N LEU B 328 27.54 -9.79 -26.86
CA LEU B 328 28.47 -9.13 -26.00
C LEU B 328 28.56 -7.64 -26.23
N ILE B 329 28.78 -6.91 -25.16
CA ILE B 329 28.97 -5.49 -25.18
C ILE B 329 30.29 -5.13 -24.48
N ASN B 330 31.14 -4.37 -25.17
CA ASN B 330 32.40 -3.92 -24.61
C ASN B 330 32.63 -2.47 -24.87
N VAL B 331 32.11 -1.62 -24.01
CA VAL B 331 32.18 -0.21 -24.23
C VAL B 331 33.55 0.30 -23.87
N ALA B 332 34.09 1.18 -24.73
CA ALA B 332 35.39 1.79 -24.45
C ALA B 332 35.39 2.54 -23.13
N GLY B 333 36.56 2.74 -22.57
CA GLY B 333 36.68 3.51 -21.36
C GLY B 333 36.27 4.95 -21.58
N THR B 334 35.65 5.54 -20.59
CA THR B 334 35.15 6.90 -20.72
C THR B 334 36.29 7.89 -20.86
N PRO B 335 36.26 8.70 -21.93
CA PRO B 335 37.28 9.73 -22.11
C PRO B 335 37.16 10.69 -20.96
N THR B 336 38.27 11.29 -20.51
CA THR B 336 38.23 12.22 -19.41
C THR B 336 37.32 13.41 -19.70
N PHE B 337 37.17 13.76 -20.96
CA PHE B 337 36.26 14.79 -21.41
C PHE B 337 34.86 14.58 -20.88
N TYR B 338 34.46 13.33 -20.71
CA TYR B 338 33.11 12.98 -20.33
C TYR B 338 32.99 12.52 -18.89
N GLN B 339 34.08 12.61 -18.14
CA GLN B 339 34.07 12.30 -16.71
C GLN B 339 33.62 13.50 -15.91
N MET C 1 3.62 39.86 -21.12
CA MET C 1 4.55 40.85 -20.57
C MET C 1 4.83 40.54 -19.10
N VAL C 2 6.00 40.90 -18.58
CA VAL C 2 6.40 40.46 -17.27
C VAL C 2 5.67 41.20 -16.14
N VAL C 3 5.22 40.48 -15.14
CA VAL C 3 4.53 41.04 -14.00
C VAL C 3 5.54 41.51 -12.97
N LYS C 4 5.54 42.82 -12.72
CA LYS C 4 6.43 43.44 -11.77
C LYS C 4 5.83 43.42 -10.36
N VAL C 5 6.56 42.79 -9.45
CA VAL C 5 6.04 42.48 -8.13
C VAL C 5 6.79 43.19 -7.00
N GLY C 6 6.01 43.69 -6.06
CA GLY C 6 6.55 44.13 -4.81
C GLY C 6 6.17 43.19 -3.68
N VAL C 7 7.12 42.91 -2.81
CA VAL C 7 6.93 42.01 -1.69
C VAL C 7 7.04 42.72 -0.36
N ILE C 8 5.98 42.60 0.43
CA ILE C 8 5.87 43.19 1.73
C ILE C 8 5.97 42.10 2.81
N GLY C 9 7.11 42.08 3.49
CA GLY C 9 7.42 41.03 4.42
C GLY C 9 8.37 40.03 3.77
N THR C 10 9.63 40.12 4.15
CA THR C 10 10.65 39.28 3.57
C THR C 10 11.27 38.38 4.62
N GLY C 11 10.40 37.66 5.27
CA GLY C 11 10.74 36.63 6.21
C GLY C 11 10.80 35.29 5.53
N ALA C 12 10.47 34.25 6.27
CA ALA C 12 10.58 32.90 5.72
C ALA C 12 9.71 32.69 4.47
N MET C 13 8.44 33.01 4.59
CA MET C 13 7.54 32.76 3.48
C MET C 13 7.67 33.81 2.38
N GLY C 14 7.99 35.03 2.78
CA GLY C 14 8.29 36.04 1.82
C GLY C 14 9.48 35.69 0.94
N ARG C 15 10.54 35.21 1.54
CA ARG C 15 11.68 34.78 0.79
C ARG C 15 11.36 33.56 -0.09
N ALA C 16 10.50 32.70 0.40
CA ALA C 16 10.10 31.54 -0.38
C ALA C 16 9.30 31.96 -1.62
N HIS C 17 8.45 32.94 -1.45
CA HIS C 17 7.74 33.47 -2.59
C HIS C 17 8.66 34.24 -3.56
N ILE C 18 9.59 35.01 -3.02
CA ILE C 18 10.58 35.65 -3.85
C ILE C 18 11.35 34.61 -4.67
N ASP C 19 11.81 33.56 -4.00
CA ASP C 19 12.49 32.47 -4.67
C ASP C 19 11.62 31.86 -5.79
N ARG C 20 10.37 31.59 -5.52
CA ARG C 20 9.45 31.07 -6.53
C ARG C 20 9.38 31.97 -7.75
N LEU C 21 9.17 33.25 -7.49
CA LEU C 21 8.91 34.20 -8.54
C LEU C 21 10.17 34.41 -9.38
N THR C 22 11.31 34.32 -8.75
CA THR C 22 12.59 34.60 -9.38
C THR C 22 13.20 33.39 -10.09
N ASN C 23 13.15 32.24 -9.46
CA ASN C 23 13.93 31.11 -9.88
C ASN C 23 13.15 29.89 -10.35
N VAL C 24 11.86 29.89 -10.10
CA VAL C 24 11.03 28.73 -10.39
C VAL C 24 9.93 28.97 -11.41
N LEU C 25 9.14 30.01 -11.16
CA LEU C 25 8.01 30.29 -11.97
C LEU C 25 8.37 31.26 -13.11
N THR C 26 7.45 31.36 -14.05
CA THR C 26 7.68 32.17 -15.23
C THR C 26 6.80 33.43 -15.22
N GLY C 27 7.36 34.51 -15.73
CA GLY C 27 6.56 35.66 -16.02
C GLY C 27 6.46 36.75 -14.98
N ALA C 28 7.32 36.68 -13.98
CA ALA C 28 7.35 37.70 -12.95
C ALA C 28 8.74 38.14 -12.58
N GLU C 29 8.83 39.34 -12.02
CA GLU C 29 10.08 39.84 -11.50
C GLU C 29 9.79 40.62 -10.21
N VAL C 30 10.60 40.38 -9.19
CA VAL C 30 10.50 41.16 -7.97
C VAL C 30 11.34 42.43 -8.08
N VAL C 31 10.66 43.57 -8.07
CA VAL C 31 11.30 44.83 -8.32
C VAL C 31 11.26 45.78 -7.10
N ALA C 32 10.60 45.34 -6.04
CA ALA C 32 10.50 46.10 -4.83
C ALA C 32 10.27 45.21 -3.62
N VAL C 33 10.90 45.56 -2.51
CA VAL C 33 10.69 44.87 -1.26
C VAL C 33 10.63 45.85 -0.08
N THR C 34 9.96 45.44 0.98
CA THR C 34 9.99 46.14 2.24
C THR C 34 9.77 45.16 3.39
N ASP C 35 10.41 45.42 4.50
CA ASP C 35 10.21 44.70 5.75
C ASP C 35 10.49 45.65 6.92
N ILE C 36 9.76 45.48 8.00
CA ILE C 36 10.02 46.32 9.16
C ILE C 36 11.45 46.16 9.64
N ASP C 37 12.03 44.98 9.41
CA ASP C 37 13.45 44.75 9.59
C ASP C 37 14.11 45.08 8.26
N HIS C 38 14.61 46.29 8.14
CA HIS C 38 15.21 46.75 6.90
C HIS C 38 16.39 45.89 6.45
N GLU C 39 17.14 45.36 7.38
CA GLU C 39 18.25 44.52 7.03
C GLU C 39 17.78 43.22 6.37
N ALA C 40 16.65 42.73 6.81
CA ALA C 40 16.08 41.54 6.21
C ALA C 40 15.71 41.77 4.75
N ALA C 41 15.17 42.95 4.47
CA ALA C 41 14.81 43.30 3.12
C ALA C 41 16.04 43.44 2.21
N GLU C 42 17.06 44.10 2.75
CA GLU C 42 18.33 44.23 2.05
C GLU C 42 18.93 42.89 1.76
N ALA C 43 18.83 41.99 2.73
CA ALA C 43 19.37 40.68 2.56
C ALA C 43 18.63 39.87 1.49
N ALA C 44 17.32 40.04 1.41
CA ALA C 44 16.53 39.41 0.38
C ALA C 44 16.99 39.82 -1.01
N VAL C 45 17.26 41.10 -1.17
CA VAL C 45 17.73 41.61 -2.44
C VAL C 45 19.10 40.99 -2.81
N ARG C 46 19.99 40.96 -1.85
CA ARG C 46 21.30 40.38 -2.05
C ARG C 46 21.22 38.88 -2.33
N ASP C 47 20.51 38.18 -1.48
CA ASP C 47 20.46 36.72 -1.53
C ASP C 47 19.86 36.17 -2.81
N PHE C 48 18.91 36.90 -3.40
CA PHE C 48 18.20 36.46 -4.59
C PHE C 48 18.62 37.22 -5.86
N HIS C 49 19.65 38.04 -5.70
CA HIS C 49 20.22 38.82 -6.77
C HIS C 49 19.16 39.65 -7.52
N LEU C 50 18.32 40.34 -6.76
CA LEU C 50 17.24 41.07 -7.33
C LEU C 50 17.69 42.45 -7.82
N ASN C 51 17.04 42.90 -8.87
CA ASN C 51 17.13 44.26 -9.30
C ASN C 51 15.92 44.97 -8.71
N ALA C 52 16.00 45.24 -7.42
CA ALA C 52 14.83 45.65 -6.66
C ALA C 52 15.17 46.79 -5.74
N LYS C 53 14.20 47.65 -5.53
CA LYS C 53 14.38 48.72 -4.61
C LYS C 53 13.80 48.39 -3.27
N VAL C 54 14.54 48.75 -2.25
CA VAL C 54 14.12 48.61 -0.89
C VAL C 54 13.42 49.87 -0.37
N TYR C 55 12.20 49.70 0.04
CA TYR C 55 11.41 50.78 0.59
C TYR C 55 11.30 50.60 2.11
N PRO C 56 11.19 51.69 2.85
CA PRO C 56 11.20 51.56 4.29
C PRO C 56 9.88 51.07 4.92
N ASP C 57 8.80 51.20 4.18
CA ASP C 57 7.49 50.74 4.63
C ASP C 57 6.56 50.35 3.47
N ASP C 58 5.39 49.82 3.81
CA ASP C 58 4.43 49.48 2.80
C ASP C 58 3.88 50.66 2.02
N THR C 59 3.64 51.76 2.73
CA THR C 59 3.12 52.94 2.10
C THR C 59 4.04 53.41 0.96
N SER C 60 5.33 53.50 1.23
CA SER C 60 6.27 53.92 0.23
C SER C 60 6.29 52.98 -0.96
N LEU C 61 6.31 51.68 -0.68
CA LEU C 61 6.37 50.71 -1.74
C LEU C 61 5.14 50.81 -2.63
N LEU C 62 4.00 51.01 -2.03
CA LEU C 62 2.77 51.04 -2.75
C LEU C 62 2.61 52.27 -3.69
N GLN C 63 3.47 53.25 -3.47
CA GLN C 63 3.46 54.41 -4.33
CA GLN C 63 3.52 54.45 -4.30
C GLN C 63 4.27 54.24 -5.59
N ASP C 64 4.96 53.12 -5.71
CA ASP C 64 5.75 52.83 -6.89
C ASP C 64 4.82 52.50 -8.06
N PRO C 65 4.78 53.35 -9.08
CA PRO C 65 3.84 53.11 -10.16
C PRO C 65 4.22 51.88 -11.03
N ASP C 66 5.47 51.48 -11.02
CA ASP C 66 5.92 50.38 -11.85
C ASP C 66 5.48 48.98 -11.36
N ILE C 67 4.99 48.91 -10.15
CA ILE C 67 4.54 47.67 -9.57
C ILE C 67 3.14 47.26 -10.02
N ASP C 68 3.03 46.05 -10.56
CA ASP C 68 1.78 45.55 -11.05
C ASP C 68 0.98 44.81 -9.98
N ALA C 69 1.71 44.16 -9.06
CA ALA C 69 1.11 43.35 -8.02
C ALA C 69 1.99 43.34 -6.76
N VAL C 70 1.31 43.22 -5.64
CA VAL C 70 2.01 43.11 -4.39
C VAL C 70 1.69 41.79 -3.71
N PHE C 71 2.70 41.26 -3.06
CA PHE C 71 2.58 40.08 -2.22
C PHE C 71 2.69 40.52 -0.75
N VAL C 72 1.66 40.23 0.00
CA VAL C 72 1.61 40.56 1.41
C VAL C 72 1.98 39.32 2.25
N VAL C 73 3.16 39.37 2.85
CA VAL C 73 3.71 38.19 3.53
C VAL C 73 4.34 38.56 4.90
N SER C 74 3.71 39.53 5.52
CA SER C 74 4.08 39.98 6.85
C SER C 74 3.37 39.15 7.88
N PHE C 75 3.52 39.51 9.14
CA PHE C 75 2.77 38.88 10.20
C PHE C 75 1.27 38.91 9.87
N GLY C 76 0.55 37.89 10.24
CA GLY C 76 -0.87 37.86 9.96
C GLY C 76 -1.65 39.11 10.38
N GLY C 77 -1.31 39.58 11.54
CA GLY C 77 -1.95 40.74 12.10
C GLY C 77 -1.73 42.05 11.35
N ALA C 78 -0.72 42.05 10.50
CA ALA C 78 -0.40 43.17 9.67
C ALA C 78 -1.09 43.13 8.29
N HIS C 79 -1.68 42.00 7.97
CA HIS C 79 -2.25 41.88 6.64
C HIS C 79 -3.35 42.88 6.35
N GLU C 80 -4.27 43.01 7.30
CA GLU C 80 -5.47 43.83 7.10
C GLU C 80 -5.16 45.24 6.69
N ALA C 81 -4.29 45.91 7.45
CA ALA C 81 -3.99 47.29 7.15
C ALA C 81 -3.30 47.47 5.82
N THR C 82 -2.40 46.52 5.51
CA THR C 82 -1.65 46.59 4.29
C THR C 82 -2.54 46.33 3.08
N VAL C 83 -3.41 45.35 3.20
CA VAL C 83 -4.34 45.06 2.12
C VAL C 83 -5.28 46.25 1.85
N LEU C 84 -5.73 46.88 2.90
CA LEU C 84 -6.56 48.06 2.76
C LEU C 84 -5.81 49.19 2.07
N LYS C 85 -4.55 49.40 2.40
CA LYS C 85 -3.75 50.37 1.72
C LYS C 85 -3.62 50.06 0.24
N ALA C 86 -3.37 48.78 -0.04
CA ALA C 86 -3.17 48.37 -1.40
C ALA C 86 -4.42 48.56 -2.27
N LEU C 87 -5.57 48.47 -1.65
CA LEU C 87 -6.82 48.63 -2.36
C LEU C 87 -7.04 50.07 -2.81
N ASP C 88 -6.27 51.00 -2.25
CA ASP C 88 -6.29 52.39 -2.71
C ASP C 88 -5.52 52.54 -4.00
N THR C 89 -4.78 51.52 -4.38
CA THR C 89 -4.03 51.52 -5.61
C THR C 89 -4.77 50.67 -6.65
N ASP C 90 -4.25 50.61 -7.86
CA ASP C 90 -4.83 49.74 -8.86
C ASP C 90 -4.09 48.40 -8.96
N LYS C 91 -3.26 48.12 -7.98
CA LYS C 91 -2.41 46.93 -8.02
C LYS C 91 -3.16 45.67 -7.63
N PHE C 92 -2.76 44.56 -8.24
CA PHE C 92 -3.27 43.27 -7.81
C PHE C 92 -2.58 42.87 -6.50
N ILE C 93 -3.28 42.05 -5.72
CA ILE C 93 -2.88 41.73 -4.37
C ILE C 93 -2.94 40.21 -4.08
N PHE C 94 -1.78 39.62 -3.85
CA PHE C 94 -1.71 38.30 -3.29
C PHE C 94 -1.35 38.42 -1.82
N THR C 95 -2.27 38.04 -0.95
CA THR C 95 -1.96 38.02 0.46
C THR C 95 -1.88 36.60 0.98
N GLU C 96 -0.84 36.32 1.74
CA GLU C 96 -0.82 35.07 2.45
C GLU C 96 -2.00 35.04 3.42
N LYS C 97 -2.38 33.85 3.80
CA LYS C 97 -3.39 33.70 4.83
C LYS C 97 -2.78 34.22 6.13
N PRO C 98 -3.62 34.76 7.01
CA PRO C 98 -5.04 34.99 6.89
C PRO C 98 -5.31 36.31 6.12
N LEU C 99 -6.51 36.49 5.63
CA LEU C 99 -6.87 37.77 5.02
C LEU C 99 -6.74 38.88 6.09
N ALA C 100 -7.19 38.52 7.27
CA ALA C 100 -7.15 39.37 8.42
C ALA C 100 -7.33 38.49 9.65
N THR C 101 -6.89 38.98 10.78
CA THR C 101 -6.92 38.19 11.99
C THR C 101 -8.23 38.32 12.78
N THR C 102 -9.10 39.19 12.32
CA THR C 102 -10.45 39.27 12.88
C THR C 102 -11.47 39.22 11.77
N LEU C 103 -12.68 38.78 12.07
CA LEU C 103 -13.70 38.68 11.06
C LEU C 103 -14.17 40.07 10.63
N GLU C 104 -14.08 41.00 11.56
CA GLU C 104 -14.37 42.39 11.24
C GLU C 104 -13.40 43.04 10.29
N GLY C 105 -12.14 42.71 10.45
CA GLY C 105 -11.11 43.15 9.54
C GLY C 105 -11.28 42.57 8.16
N ALA C 106 -11.64 41.30 8.12
CA ALA C 106 -11.92 40.67 6.87
C ALA C 106 -13.09 41.35 6.16
N LYS C 107 -14.10 41.68 6.93
CA LYS C 107 -15.27 42.33 6.39
C LYS C 107 -14.97 43.70 5.83
N ARG C 108 -14.09 44.43 6.50
CA ARG C 108 -13.65 45.71 6.03
CA ARG C 108 -13.64 45.72 6.03
C ARG C 108 -13.00 45.62 4.65
N ILE C 109 -12.18 44.60 4.46
CA ILE C 109 -11.51 44.37 3.20
C ILE C 109 -12.52 44.00 2.13
N VAL C 110 -13.43 43.11 2.45
CA VAL C 110 -14.49 42.71 1.49
C VAL C 110 -15.30 43.93 1.05
N ASP C 111 -15.74 44.68 2.03
CA ASP C 111 -16.52 45.87 1.75
C ASP C 111 -15.77 46.86 0.85
N LYS C 112 -14.48 47.05 1.09
CA LYS C 112 -13.70 47.94 0.27
C LYS C 112 -13.47 47.40 -1.14
N GLU C 113 -13.14 46.11 -1.24
CA GLU C 113 -12.95 45.53 -2.55
C GLU C 113 -14.22 45.60 -3.42
N LEU C 114 -15.36 45.44 -2.79
CA LEU C 114 -16.63 45.53 -3.47
C LEU C 114 -16.87 46.87 -4.19
N THR C 115 -16.22 47.91 -3.72
CA THR C 115 -16.37 49.22 -4.34
C THR C 115 -15.52 49.40 -5.58
N LYS C 116 -14.70 48.42 -5.91
CA LYS C 116 -13.75 48.54 -6.99
C LYS C 116 -14.30 48.00 -8.32
N SER C 117 -13.63 48.36 -9.41
CA SER C 117 -14.04 47.96 -10.74
C SER C 117 -13.48 46.59 -11.15
N LYS C 118 -12.77 45.94 -10.24
CA LYS C 118 -12.22 44.64 -10.51
C LYS C 118 -11.86 43.97 -9.18
N LYS C 119 -12.09 42.67 -9.09
CA LYS C 119 -11.55 41.87 -7.99
C LYS C 119 -10.07 41.75 -8.19
N VAL C 120 -9.29 42.05 -7.14
CA VAL C 120 -7.84 42.05 -7.24
C VAL C 120 -7.08 41.19 -6.17
N ILE C 121 -7.81 40.73 -5.17
CA ILE C 121 -7.19 39.96 -4.09
C ILE C 121 -7.31 38.43 -4.27
N GLN C 122 -6.19 37.78 -4.12
CA GLN C 122 -6.14 36.34 -3.94
C GLN C 122 -5.50 36.07 -2.57
N VAL C 123 -6.08 35.13 -1.84
CA VAL C 123 -5.57 34.70 -0.55
C VAL C 123 -4.87 33.34 -0.67
N GLY C 124 -3.73 33.22 0.00
CA GLY C 124 -2.88 32.05 -0.10
C GLY C 124 -3.30 30.72 0.53
N PHE C 125 -4.54 30.33 0.32
CA PHE C 125 -5.00 29.01 0.73
C PHE C 125 -4.61 27.99 -0.36
N MET C 126 -3.39 27.52 -0.27
CA MET C 126 -2.79 26.68 -1.26
C MET C 126 -3.36 25.28 -1.39
N ARG C 127 -4.07 24.81 -0.37
CA ARG C 127 -4.58 23.44 -0.39
C ARG C 127 -5.40 23.14 -1.64
N ARG C 128 -6.10 24.14 -2.11
CA ARG C 128 -6.99 23.97 -3.24
C ARG C 128 -6.25 23.67 -4.53
N TYR C 129 -4.96 23.93 -4.53
CA TYR C 129 -4.10 23.70 -5.69
C TYR C 129 -3.33 22.38 -5.65
N ASP C 130 -3.40 21.70 -4.53
CA ASP C 130 -2.69 20.44 -4.41
C ASP C 130 -3.32 19.41 -5.33
N GLN C 131 -2.48 18.76 -6.13
CA GLN C 131 -2.99 17.88 -7.14
C GLN C 131 -3.79 16.71 -6.58
N GLY C 132 -3.31 16.16 -5.48
CA GLY C 132 -4.01 15.08 -4.86
C GLY C 132 -5.39 15.44 -4.35
N ILE C 133 -5.47 16.55 -3.64
CA ILE C 133 -6.73 17.01 -3.11
C ILE C 133 -7.70 17.36 -4.24
N ARG C 134 -7.20 18.03 -5.28
CA ARG C 134 -8.05 18.34 -6.41
C ARG C 134 -8.59 17.10 -7.11
N ALA C 135 -7.76 16.11 -7.25
CA ALA C 135 -8.18 14.87 -7.87
C ALA C 135 -9.27 14.17 -7.07
N LEU C 136 -9.16 14.19 -5.77
CA LEU C 136 -10.20 13.64 -4.93
C LEU C 136 -11.50 14.43 -5.07
N LYS C 137 -11.44 15.74 -5.04
CA LYS C 137 -12.64 16.54 -5.24
C LYS C 137 -13.29 16.26 -6.61
N GLU C 138 -12.48 16.18 -7.64
CA GLU C 138 -12.97 15.88 -8.97
C GLU C 138 -13.73 14.56 -9.00
N LYS C 139 -13.17 13.55 -8.38
CA LYS C 139 -13.78 12.26 -8.37
C LYS C 139 -15.07 12.28 -7.56
N LEU C 140 -15.05 12.97 -6.44
CA LEU C 140 -16.25 13.14 -5.63
C LEU C 140 -17.36 13.77 -6.46
N ASP C 141 -16.99 14.72 -7.27
CA ASP C 141 -17.97 15.49 -8.03
C ASP C 141 -18.58 14.72 -9.19
N THR C 142 -18.06 13.54 -9.49
CA THR C 142 -18.64 12.69 -10.51
C THR C 142 -19.87 11.98 -10.02
N GLY C 143 -20.08 12.00 -8.71
CA GLY C 143 -21.21 11.33 -8.13
C GLY C 143 -21.00 9.85 -7.82
N ILE C 144 -19.79 9.39 -8.05
CA ILE C 144 -19.52 7.98 -7.98
C ILE C 144 -19.70 7.33 -6.58
N ILE C 145 -19.57 8.11 -5.53
CA ILE C 145 -19.82 7.61 -4.20
C ILE C 145 -21.10 8.16 -3.55
N GLY C 146 -21.94 8.79 -4.38
CA GLY C 146 -23.13 9.45 -3.90
C GLY C 146 -22.85 10.70 -3.08
N ALA C 147 -23.78 11.09 -2.24
CA ALA C 147 -23.62 12.27 -1.44
C ALA C 147 -22.61 12.09 -0.32
N PRO C 148 -21.81 13.12 -0.06
CA PRO C 148 -20.87 13.05 1.05
C PRO C 148 -21.59 13.17 2.42
N LEU C 149 -21.35 12.17 3.26
CA LEU C 149 -22.01 12.09 4.54
C LEU C 149 -21.09 12.54 5.69
N VAL C 150 -19.88 12.04 5.66
CA VAL C 150 -18.89 12.32 6.66
C VAL C 150 -17.55 12.54 5.97
N VAL C 151 -16.76 13.45 6.52
CA VAL C 151 -15.39 13.63 6.08
C VAL C 151 -14.50 13.44 7.32
N ARG C 152 -13.48 12.63 7.16
CA ARG C 152 -12.51 12.47 8.21
C ARG C 152 -11.18 12.94 7.70
N ALA C 153 -10.54 13.79 8.47
CA ALA C 153 -9.28 14.38 8.07
C ALA C 153 -8.28 14.46 9.24
N SER C 154 -7.01 14.47 8.89
CA SER C 154 -5.95 14.66 9.85
C SER C 154 -4.96 15.71 9.37
N HIS C 155 -4.55 16.56 10.29
CA HIS C 155 -3.48 17.50 10.04
C HIS C 155 -2.40 17.22 11.10
N ILE C 156 -1.38 16.53 10.64
CA ILE C 156 -0.35 16.00 11.49
C ILE C 156 0.98 16.73 11.29
N ASN C 157 1.56 17.20 12.39
CA ASN C 157 2.78 17.97 12.37
C ASN C 157 3.72 17.44 13.49
N PRO C 158 5.02 17.40 13.20
CA PRO C 158 5.92 16.73 14.14
C PRO C 158 6.11 17.43 15.50
N ASN C 159 6.36 18.72 15.49
CA ASN C 159 6.60 19.49 16.69
C ASN C 159 6.44 20.97 16.35
N VAL C 160 6.28 21.79 17.37
CA VAL C 160 6.11 23.22 17.17
C VAL C 160 7.14 24.06 17.93
N ALA C 161 7.30 25.29 17.49
CA ALA C 161 8.17 26.25 18.13
C ALA C 161 7.67 26.66 19.49
N SER C 162 8.56 27.28 20.27
CA SER C 162 8.24 27.68 21.62
CA SER C 162 8.23 27.66 21.61
C SER C 162 7.20 28.80 21.69
N ASN C 163 6.99 29.47 20.59
CA ASN C 163 6.00 30.53 20.55
C ASN C 163 4.63 30.12 19.98
N TYR C 164 4.44 28.83 19.77
CA TYR C 164 3.18 28.32 19.21
C TYR C 164 2.15 28.18 20.30
N SER C 165 1.06 28.90 20.17
CA SER C 165 0.02 28.96 21.18
C SER C 165 -1.20 28.13 20.85
N ASN C 166 -2.05 27.94 21.83
CA ASN C 166 -3.27 27.18 21.68
C ASN C 166 -4.13 27.69 20.55
N GLU C 167 -4.23 29.01 20.47
CA GLU C 167 -5.07 29.57 19.43
C GLU C 167 -4.51 29.35 18.02
N MET C 168 -3.21 29.16 17.92
CA MET C 168 -2.58 28.90 16.66
C MET C 168 -2.92 27.52 16.12
N ALA C 169 -3.34 26.61 16.96
CA ALA C 169 -3.85 25.35 16.47
C ALA C 169 -4.99 25.57 15.50
N ILE C 170 -5.74 26.66 15.71
CA ILE C 170 -6.75 27.07 14.79
C ILE C 170 -6.20 27.97 13.67
N THR C 171 -5.52 29.04 14.07
CA THR C 171 -5.23 30.09 13.13
C THR C 171 -4.11 29.78 12.15
N ASP C 172 -3.21 28.89 12.54
CA ASP C 172 -2.07 28.51 11.72
C ASP C 172 -2.19 27.13 11.11
N THR C 173 -2.94 26.27 11.75
CA THR C 173 -2.97 24.88 11.37
C THR C 173 -4.34 24.47 10.81
N LEU C 174 -5.35 24.46 11.66
CA LEU C 174 -6.69 24.08 11.23
C LEU C 174 -7.24 25.01 10.13
N ILE C 175 -6.72 26.21 10.05
CA ILE C 175 -7.21 27.15 9.05
C ILE C 175 -7.21 26.58 7.65
N HIS C 176 -6.27 25.70 7.37
CA HIS C 176 -6.22 25.09 6.06
C HIS C 176 -7.44 24.19 5.76
N GLU C 177 -7.80 23.40 6.74
CA GLU C 177 -8.98 22.56 6.63
C GLU C 177 -10.23 23.41 6.61
N ILE C 178 -10.22 24.50 7.35
CA ILE C 178 -11.33 25.43 7.39
C ILE C 178 -11.62 25.99 5.99
N ASP C 179 -10.60 26.40 5.28
CA ASP C 179 -10.82 26.84 3.92
C ASP C 179 -11.20 25.67 2.96
N GLU C 180 -10.55 24.54 3.15
CA GLU C 180 -10.63 23.44 2.20
C GLU C 180 -12.00 22.77 2.16
N MET C 181 -12.59 22.55 3.31
CA MET C 181 -13.75 21.68 3.36
C MET C 181 -15.00 22.26 2.69
N HIS C 182 -15.27 23.53 2.91
CA HIS C 182 -16.42 24.09 2.27
C HIS C 182 -16.26 24.15 0.75
N TRP C 183 -15.04 24.31 0.30
CA TRP C 183 -14.73 24.23 -1.10
C TRP C 183 -14.85 22.80 -1.63
N LEU C 184 -14.30 21.86 -0.89
CA LEU C 184 -14.36 20.45 -1.31
C LEU C 184 -15.79 19.95 -1.47
N LEU C 185 -16.63 20.33 -0.51
CA LEU C 185 -18.02 19.91 -0.48
C LEU C 185 -19.01 20.81 -1.21
N ASP C 186 -18.56 21.97 -1.63
CA ASP C 186 -19.44 23.00 -2.18
C ASP C 186 -20.64 23.22 -1.25
N ASP C 187 -20.34 23.46 0.00
CA ASP C 187 -21.36 23.58 1.00
C ASP C 187 -20.92 24.71 1.94
N GLU C 188 -21.74 25.03 2.90
CA GLU C 188 -21.42 26.08 3.82
C GLU C 188 -21.47 25.51 5.23
N TYR C 189 -20.67 26.05 6.12
CA TYR C 189 -20.68 25.61 7.48
C TYR C 189 -21.88 26.13 8.30
N THR C 190 -22.31 25.34 9.24
CA THR C 190 -23.33 25.72 10.19
C THR C 190 -22.85 25.72 11.65
N SER C 191 -21.78 25.03 11.96
CA SER C 191 -21.22 24.99 13.30
C SER C 191 -19.81 24.43 13.34
N ILE C 192 -19.13 24.73 14.44
CA ILE C 192 -17.82 24.18 14.71
C ILE C 192 -17.67 23.90 16.20
N GLN C 193 -16.98 22.85 16.53
CA GLN C 193 -16.74 22.47 17.91
C GLN C 193 -15.35 21.89 18.07
N ILE C 194 -14.61 22.45 19.02
CA ILE C 194 -13.27 22.02 19.30
C ILE C 194 -13.25 21.29 20.63
N THR C 195 -12.80 20.05 20.63
CA THR C 195 -12.64 19.29 21.85
C THR C 195 -11.20 18.84 22.12
N TYR C 196 -10.89 18.62 23.37
CA TYR C 196 -9.57 18.31 23.82
C TYR C 196 -9.51 16.88 24.39
N PRO C 197 -8.88 15.97 23.65
CA PRO C 197 -8.58 14.65 24.17
C PRO C 197 -7.49 14.75 25.19
N ARG C 198 -7.04 13.63 25.72
CA ARG C 198 -5.98 13.69 26.68
C ARG C 198 -4.76 14.43 26.16
N GLN C 199 -4.14 15.18 27.04
CA GLN C 199 -3.01 16.01 26.70
C GLN C 199 -1.74 15.20 26.47
N SER C 200 -1.08 15.44 25.35
CA SER C 200 0.15 14.74 25.07
C SER C 200 1.31 15.18 25.95
N ALA C 201 2.08 14.21 26.40
CA ALA C 201 3.31 14.49 27.11
C ALA C 201 4.38 15.17 26.29
N GLU C 202 4.19 15.25 24.98
CA GLU C 202 5.16 15.87 24.12
C GLU C 202 5.02 17.40 24.03
N VAL C 203 3.93 17.93 24.54
CA VAL C 203 3.72 19.36 24.52
C VAL C 203 4.68 20.09 25.48
N ARG C 204 5.35 21.12 24.98
CA ARG C 204 6.34 21.86 25.76
C ARG C 204 5.89 23.31 25.97
N ASN C 205 4.73 23.68 25.49
CA ASN C 205 4.26 25.07 25.48
C ASN C 205 3.09 25.28 26.41
N GLU C 206 3.24 26.22 27.34
CA GLU C 206 2.19 26.50 28.26
C GLU C 206 0.90 26.88 27.55
N GLY C 207 -0.21 26.30 27.95
CA GLY C 207 -1.51 26.61 27.43
C GLY C 207 -1.93 25.88 26.17
N LEU C 208 -0.97 25.25 25.50
CA LEU C 208 -1.26 24.56 24.26
C LEU C 208 -1.88 23.18 24.53
N HIS C 209 -3.10 22.99 24.04
CA HIS C 209 -3.74 21.72 24.06
C HIS C 209 -3.36 20.96 22.77
N ASP C 210 -2.90 19.73 22.91
CA ASP C 210 -2.58 18.92 21.76
C ASP C 210 -2.71 17.45 22.12
N PRO C 211 -3.46 16.68 21.30
CA PRO C 211 -4.16 17.03 20.07
C PRO C 211 -5.44 17.80 20.32
N GLN C 212 -6.05 18.27 19.25
CA GLN C 212 -7.36 18.86 19.29
C GLN C 212 -8.26 18.21 18.23
N LEU C 213 -9.52 18.07 18.54
CA LEU C 213 -10.50 17.49 17.65
C LEU C 213 -11.48 18.57 17.21
N ALA C 214 -11.66 18.73 15.91
CA ALA C 214 -12.56 19.71 15.40
C ALA C 214 -13.68 19.03 14.64
N THR C 215 -14.91 19.35 15.00
CA THR C 215 -16.06 18.84 14.31
C THR C 215 -16.79 20.00 13.67
N LEU C 216 -16.95 19.94 12.37
CA LEU C 216 -17.69 20.97 11.65
C LEU C 216 -18.92 20.34 11.04
N THR C 217 -19.99 21.12 10.97
CA THR C 217 -21.18 20.68 10.29
C THR C 217 -21.50 21.63 9.14
N THR C 218 -22.11 21.09 8.11
CA THR C 218 -22.47 21.84 6.92
C THR C 218 -24.00 21.92 6.76
N LYS C 219 -24.44 22.81 5.89
CA LYS C 219 -25.87 23.01 5.64
C LYS C 219 -26.59 21.75 5.20
N LYS C 220 -25.95 21.00 4.34
CA LYS C 220 -26.52 19.75 3.87
C LYS C 220 -26.39 18.61 4.91
N GLY C 221 -25.69 18.89 5.98
CA GLY C 221 -25.60 17.94 7.07
C GLY C 221 -24.39 17.02 7.11
N THR C 222 -23.43 17.25 6.23
CA THR C 222 -22.18 16.53 6.27
C THR C 222 -21.40 16.93 7.53
N VAL C 223 -20.91 15.93 8.23
CA VAL C 223 -20.10 16.15 9.39
C VAL C 223 -18.61 15.92 9.06
N ILE C 224 -17.80 16.91 9.41
CA ILE C 224 -16.37 16.85 9.21
C ILE C 224 -15.65 16.68 10.56
N GLN C 225 -14.92 15.58 10.71
CA GLN C 225 -14.10 15.33 11.87
C GLN C 225 -12.61 15.51 11.55
N VAL C 226 -12.01 16.56 12.05
CA VAL C 226 -10.59 16.78 11.85
C VAL C 226 -9.78 16.51 13.11
N LEU C 227 -8.71 15.73 12.95
CA LEU C 227 -7.73 15.57 14.01
C LEU C 227 -6.59 16.53 13.76
N VAL C 228 -6.32 17.39 14.72
CA VAL C 228 -5.17 18.25 14.68
C VAL C 228 -4.15 17.78 15.72
N HIS C 229 -2.97 17.44 15.26
CA HIS C 229 -1.97 16.88 16.14
C HIS C 229 -0.60 17.43 15.74
N VAL C 230 -0.13 18.41 16.51
CA VAL C 230 1.02 19.19 16.14
C VAL C 230 2.33 18.85 16.83
N THR C 231 2.26 17.90 17.74
CA THR C 231 3.43 17.33 18.37
C THR C 231 3.49 15.80 18.13
N ALA C 232 3.09 15.40 16.94
CA ALA C 232 2.97 13.99 16.60
C ALA C 232 4.29 13.20 16.48
N GLN C 233 5.39 13.93 16.41
CA GLN C 233 6.75 13.42 16.28
C GLN C 233 7.17 12.76 14.96
N TYR C 234 6.32 11.87 14.44
CA TYR C 234 6.73 10.97 13.40
C TYR C 234 6.92 11.60 12.01
N GLY C 235 6.18 12.65 11.76
CA GLY C 235 6.16 13.24 10.47
C GLY C 235 5.17 14.36 10.32
N TYR C 236 5.14 14.90 9.10
CA TYR C 236 4.11 15.82 8.65
C TYR C 236 3.23 15.10 7.66
N GLU C 237 1.93 15.10 7.93
CA GLU C 237 0.98 14.37 7.10
C GLU C 237 -0.39 15.02 7.05
N VAL C 238 -0.96 15.03 5.85
CA VAL C 238 -2.33 15.45 5.63
C VAL C 238 -3.12 14.27 5.07
N LYS C 239 -4.19 13.91 5.78
CA LYS C 239 -5.03 12.81 5.42
C LYS C 239 -6.45 13.32 5.18
N LEU C 240 -7.13 12.70 4.23
CA LEU C 240 -8.46 13.08 3.85
C LEU C 240 -9.23 11.86 3.36
N GLU C 241 -10.39 11.64 3.96
CA GLU C 241 -11.29 10.59 3.60
C GLU C 241 -12.73 11.14 3.52
N VAL C 242 -13.38 10.89 2.40
CA VAL C 242 -14.77 11.22 2.23
C VAL C 242 -15.64 9.98 2.21
N ILE C 243 -16.60 9.93 3.11
CA ILE C 243 -17.49 8.83 3.22
C ILE C 243 -18.81 9.19 2.54
N GLY C 244 -19.12 8.46 1.50
CA GLY C 244 -20.30 8.71 0.74
C GLY C 244 -21.36 7.64 0.95
N GLU C 245 -22.51 7.89 0.37
CA GLU C 245 -23.62 6.99 0.46
C GLU C 245 -23.33 5.59 -0.11
N THR C 246 -22.53 5.54 -1.15
CA THR C 246 -22.33 4.31 -1.89
C THR C 246 -20.87 3.88 -2.00
N GLY C 247 -19.99 4.66 -1.40
CA GLY C 247 -18.60 4.34 -1.44
C GLY C 247 -17.76 5.35 -0.66
N GLU C 248 -16.45 5.20 -0.73
CA GLU C 248 -15.54 6.11 -0.07
C GLU C 248 -14.43 6.53 -1.02
N LEU C 249 -13.85 7.69 -0.72
CA LEU C 249 -12.70 8.21 -1.41
C LEU C 249 -11.64 8.65 -0.39
N GLN C 250 -10.40 8.26 -0.62
CA GLN C 250 -9.35 8.78 0.22
C GLN C 250 -8.09 9.16 -0.52
N LEU C 251 -7.39 10.13 0.02
CA LEU C 251 -6.14 10.58 -0.50
C LEU C 251 -5.12 9.49 -0.30
N PRO C 252 -4.31 9.19 -1.33
CA PRO C 252 -3.29 8.19 -1.22
C PRO C 252 -2.17 8.71 -0.31
N ASN C 253 -1.31 7.82 0.14
CA ASN C 253 -0.09 8.22 0.84
C ASN C 253 0.73 9.17 -0.02
N TYR C 254 1.26 10.22 0.57
CA TYR C 254 2.08 11.15 -0.14
C TYR C 254 3.52 10.62 -0.23
N GLY C 255 4.13 10.78 -1.38
CA GLY C 255 5.54 10.53 -1.54
C GLY C 255 5.88 9.67 -2.72
N LEU C 256 7.02 9.97 -3.32
CA LEU C 256 7.50 9.28 -4.50
C LEU C 256 8.69 8.37 -4.19
N GLY C 257 9.09 8.33 -2.95
CA GLY C 257 10.26 7.62 -2.52
C GLY C 257 10.04 6.13 -2.50
N PRO C 258 11.12 5.36 -2.46
CA PRO C 258 10.95 3.93 -2.69
C PRO C 258 10.41 3.16 -1.50
N ILE C 259 9.88 1.99 -1.80
CA ILE C 259 9.53 1.01 -0.80
C ILE C 259 10.80 0.22 -0.46
N LEU C 260 11.17 0.25 0.80
CA LEU C 260 12.33 -0.41 1.31
C LEU C 260 11.97 -1.68 2.07
N ARG C 261 12.55 -2.79 1.63
CA ARG C 261 12.49 -4.00 2.37
C ARG C 261 13.82 -4.20 3.08
N SER C 262 13.76 -4.20 4.41
CA SER C 262 14.96 -4.21 5.22
C SER C 262 14.61 -4.52 6.66
N ASN C 263 15.44 -5.32 7.31
CA ASN C 263 15.35 -5.47 8.76
C ASN C 263 13.95 -5.85 9.25
N ALA C 264 13.38 -6.85 8.62
CA ALA C 264 12.10 -7.39 9.02
C ALA C 264 10.92 -6.47 8.84
N ASN C 265 11.09 -5.47 8.01
CA ASN C 265 9.99 -4.62 7.67
CA ASN C 265 10.02 -4.54 7.71
C ASN C 265 10.00 -4.09 6.25
N GLN C 266 8.83 -3.65 5.81
CA GLN C 266 8.65 -2.99 4.57
C GLN C 266 8.23 -1.56 4.91
N GLN C 267 8.93 -0.59 4.37
CA GLN C 267 8.68 0.76 4.77
C GLN C 267 8.83 1.82 3.68
N THR C 268 8.15 2.92 3.89
CA THR C 268 8.27 4.08 3.06
C THR C 268 8.49 5.32 3.93
N ALA C 269 9.21 6.29 3.41
CA ALA C 269 9.48 7.50 4.16
C ALA C 269 8.26 8.36 4.32
N VAL C 270 8.22 9.07 5.44
CA VAL C 270 7.24 10.07 5.70
C VAL C 270 7.91 11.44 5.70
N GLU C 271 7.31 12.38 5.01
CA GLU C 271 7.76 13.77 4.97
C GLU C 271 7.84 14.34 6.38
N MET C 272 8.91 15.08 6.65
CA MET C 272 9.06 15.77 7.91
C MET C 272 8.78 17.26 7.81
N SER C 273 8.70 17.76 6.61
CA SER C 273 8.59 19.20 6.36
C SER C 273 7.32 19.56 5.60
N TRP C 274 6.49 20.37 6.20
CA TRP C 274 5.35 20.93 5.49
C TRP C 274 5.76 21.65 4.21
N ILE C 275 6.93 22.26 4.24
CA ILE C 275 7.46 22.93 3.09
C ILE C 275 7.56 22.05 1.87
N ASN C 276 8.14 20.88 2.01
CA ASN C 276 8.21 19.98 0.93
C ASN C 276 6.82 19.43 0.56
N ARG C 277 5.95 19.20 1.56
CA ARG C 277 4.66 18.60 1.29
C ARG C 277 3.84 19.39 0.27
N PHE C 278 3.86 20.71 0.40
CA PHE C 278 3.00 21.53 -0.43
C PHE C 278 3.72 22.40 -1.46
N ILE C 279 4.95 22.05 -1.74
CA ILE C 279 5.75 22.75 -2.74
C ILE C 279 5.03 22.92 -4.07
N GLN C 280 4.39 21.88 -4.56
CA GLN C 280 3.65 21.97 -5.80
C GLN C 280 2.50 22.96 -5.70
N ALA C 281 1.71 22.85 -4.66
CA ALA C 281 0.58 23.71 -4.49
C ALA C 281 0.97 25.19 -4.43
N TYR C 282 2.03 25.49 -3.69
CA TYR C 282 2.49 26.88 -3.61
C TYR C 282 2.89 27.39 -4.99
N ASN C 283 3.63 26.59 -5.72
CA ASN C 283 4.04 27.00 -7.06
C ASN C 283 2.84 27.21 -7.99
N THR C 284 1.92 26.28 -7.97
CA THR C 284 0.77 26.36 -8.82
C THR C 284 -0.09 27.58 -8.48
N GLU C 285 -0.30 27.80 -7.21
CA GLU C 285 -1.15 28.91 -6.80
C GLU C 285 -0.58 30.24 -7.26
N VAL C 286 0.72 30.41 -7.11
CA VAL C 286 1.36 31.64 -7.45
C VAL C 286 1.49 31.83 -8.95
N GLN C 287 1.79 30.74 -9.64
CA GLN C 287 1.85 30.84 -11.09
C GLN C 287 0.51 31.27 -11.64
N GLU C 288 -0.56 30.80 -11.04
CA GLU C 288 -1.87 31.12 -11.51
C GLU C 288 -2.20 32.60 -11.30
N PHE C 289 -1.83 33.08 -10.14
CA PHE C 289 -1.97 34.50 -9.84
C PHE C 289 -1.22 35.36 -10.86
N ILE C 290 0.04 35.07 -11.04
CA ILE C 290 0.86 35.78 -12.01
C ILE C 290 0.24 35.73 -13.42
N ASP C 291 -0.20 34.56 -13.83
CA ASP C 291 -0.79 34.44 -15.14
C ASP C 291 -2.04 35.30 -15.31
N GLU C 292 -2.83 35.43 -14.28
CA GLU C 292 -3.98 36.28 -14.30
C GLU C 292 -3.61 37.76 -14.37
N VAL C 293 -2.73 38.20 -13.50
CA VAL C 293 -2.26 39.58 -13.53
C VAL C 293 -1.66 39.94 -14.89
N ALA C 294 -0.98 39.00 -15.52
CA ALA C 294 -0.37 39.27 -16.80
C ALA C 294 -1.42 39.62 -17.84
N LYS C 295 -2.59 39.09 -17.66
CA LYS C 295 -3.70 39.34 -18.58
C LYS C 295 -4.60 40.46 -18.08
N SER C 296 -4.22 41.07 -16.98
CA SER C 296 -4.99 42.09 -16.33
C SER C 296 -6.38 41.58 -15.96
N GLU C 297 -6.47 40.29 -15.70
CA GLU C 297 -7.73 39.67 -15.30
C GLU C 297 -7.75 39.42 -13.80
N PRO C 298 -8.94 39.45 -13.22
CA PRO C 298 -9.05 39.15 -11.81
C PRO C 298 -8.52 37.75 -11.49
N PRO C 299 -7.92 37.60 -10.32
CA PRO C 299 -7.54 36.26 -9.87
C PRO C 299 -8.73 35.32 -9.83
N VAL C 300 -8.46 34.04 -9.95
CA VAL C 300 -9.47 33.03 -9.88
C VAL C 300 -9.33 32.10 -8.65
N GLY C 301 -8.29 32.33 -7.88
CA GLY C 301 -8.06 31.59 -6.66
C GLY C 301 -8.89 32.08 -5.50
N PRO C 302 -8.64 31.53 -4.32
CA PRO C 302 -9.37 31.93 -3.13
C PRO C 302 -9.42 33.46 -3.01
N SER C 303 -10.59 33.96 -2.75
CA SER C 303 -10.85 35.39 -2.74
C SER C 303 -10.94 35.96 -1.34
N ALA C 304 -11.14 37.26 -1.26
CA ALA C 304 -11.35 37.89 0.01
C ALA C 304 -12.60 37.34 0.72
N TRP C 305 -13.57 36.88 -0.06
CA TRP C 305 -14.73 36.29 0.52
C TRP C 305 -14.37 34.95 1.19
N ASP C 306 -13.55 34.19 0.54
CA ASP C 306 -13.04 32.98 1.15
C ASP C 306 -12.29 33.33 2.43
N GLY C 307 -11.50 34.39 2.37
CA GLY C 307 -10.82 34.88 3.55
C GLY C 307 -11.78 35.21 4.69
N TYR C 308 -12.89 35.83 4.35
CA TYR C 308 -13.92 36.16 5.31
C TYR C 308 -14.57 34.93 5.93
N ILE C 309 -14.94 33.99 5.08
CA ILE C 309 -15.48 32.73 5.58
C ILE C 309 -14.50 32.06 6.56
N ALA C 310 -13.24 32.04 6.18
CA ALA C 310 -12.23 31.47 7.04
C ALA C 310 -12.11 32.20 8.37
N ALA C 311 -12.13 33.52 8.31
CA ALA C 311 -12.01 34.32 9.51
C ALA C 311 -13.21 34.13 10.46
N ILE C 312 -14.40 34.08 9.89
CA ILE C 312 -15.59 33.83 10.68
C ILE C 312 -15.49 32.48 11.40
N THR C 313 -15.08 31.46 10.65
CA THR C 313 -15.01 30.12 11.16
C THR C 313 -13.89 29.97 12.18
N ALA C 314 -12.74 30.59 11.92
CA ALA C 314 -11.65 30.57 12.88
C ALA C 314 -12.05 31.24 14.20
N ALA C 315 -12.73 32.36 14.10
CA ALA C 315 -13.22 33.04 15.27
C ALA C 315 -14.12 32.16 16.09
N ALA C 316 -15.01 31.45 15.41
CA ALA C 316 -15.91 30.54 16.07
C ALA C 316 -15.15 29.41 16.75
N ALA C 317 -14.12 28.94 16.08
CA ALA C 317 -13.32 27.90 16.66
C ALA C 317 -12.58 28.35 17.90
N ASN C 318 -12.02 29.55 17.85
CA ASN C 318 -11.31 30.09 19.00
C ASN C 318 -12.27 30.29 20.19
N ARG C 319 -13.48 30.69 19.88
CA ARG C 319 -14.52 30.74 20.91
C ARG C 319 -14.77 29.33 21.46
N SER C 320 -14.85 28.36 20.59
CA SER C 320 -15.12 26.99 21.03
C SER C 320 -14.03 26.45 21.94
N GLN C 321 -12.81 26.88 21.70
CA GLN C 321 -11.69 26.45 22.46
C GLN C 321 -11.82 26.78 23.93
N LYS C 322 -12.59 27.80 24.24
CA LYS C 322 -12.70 28.25 25.60
C LYS C 322 -13.41 27.26 26.53
N ASP C 323 -14.48 26.64 26.06
CA ASP C 323 -15.22 25.74 26.87
C ASP C 323 -15.57 24.43 26.19
N GLN C 324 -15.07 24.26 24.99
CA GLN C 324 -15.32 23.06 24.19
C GLN C 324 -16.76 22.89 23.76
N GLU C 325 -17.50 23.99 23.71
CA GLU C 325 -18.87 23.92 23.25
C GLU C 325 -19.02 24.29 21.78
N THR C 326 -20.06 23.75 21.17
CA THR C 326 -20.37 24.05 19.79
C THR C 326 -20.72 25.52 19.58
N VAL C 327 -20.17 26.10 18.55
CA VAL C 327 -20.43 27.48 18.16
C VAL C 327 -21.02 27.52 16.78
N LEU C 328 -22.17 28.16 16.66
CA LEU C 328 -22.84 28.28 15.38
C LEU C 328 -22.14 29.22 14.39
N ILE C 329 -22.28 28.89 13.12
CA ILE C 329 -21.78 29.68 12.03
C ILE C 329 -22.90 29.91 11.01
N ASN C 330 -23.08 31.16 10.62
CA ASN C 330 -24.03 31.50 9.58
C ASN C 330 -23.54 32.63 8.70
N VAL C 331 -22.79 32.29 7.68
CA VAL C 331 -22.22 33.29 6.83
C VAL C 331 -23.24 33.79 5.81
N ALA C 332 -23.20 35.08 5.54
CA ALA C 332 -24.09 35.71 4.58
C ALA C 332 -23.88 35.14 3.22
N GLY C 333 -24.85 35.34 2.33
CA GLY C 333 -24.73 34.80 1.01
C GLY C 333 -23.61 35.47 0.23
N THR C 334 -23.05 34.73 -0.71
CA THR C 334 -21.89 35.19 -1.45
C THR C 334 -22.28 36.27 -2.45
N PRO C 335 -21.69 37.45 -2.32
CA PRO C 335 -22.04 38.50 -3.28
C PRO C 335 -21.69 38.09 -4.70
N THR C 336 -22.45 38.57 -5.65
CA THR C 336 -22.19 38.25 -7.03
C THR C 336 -20.74 38.54 -7.44
N PHE C 337 -20.20 39.61 -6.89
CA PHE C 337 -18.83 40.02 -7.12
C PHE C 337 -17.84 38.90 -6.88
N TYR C 338 -18.18 38.02 -5.96
CA TYR C 338 -17.31 36.93 -5.55
C TYR C 338 -17.71 35.55 -6.07
N GLN C 339 -18.65 35.53 -7.01
CA GLN C 339 -19.06 34.28 -7.67
C GLN C 339 -18.34 34.12 -8.99
N MET D 1 -12.53 -42.07 12.71
CA MET D 1 -11.41 -42.68 13.38
C MET D 1 -10.29 -41.63 13.72
N VAL D 2 -9.72 -41.68 14.91
CA VAL D 2 -8.50 -40.91 15.20
C VAL D 2 -7.27 -41.60 14.61
N VAL D 3 -6.58 -40.90 13.73
CA VAL D 3 -5.46 -41.41 13.02
C VAL D 3 -4.20 -41.34 13.89
N LYS D 4 -3.57 -42.48 14.11
CA LYS D 4 -2.36 -42.55 14.91
C LYS D 4 -1.15 -42.34 14.02
N VAL D 5 -0.41 -41.28 14.33
CA VAL D 5 0.69 -40.80 13.52
C VAL D 5 2.07 -40.99 14.13
N GLY D 6 3.00 -41.39 13.30
CA GLY D 6 4.39 -41.38 13.64
C GLY D 6 5.12 -40.29 12.85
N VAL D 7 6.06 -39.63 13.50
CA VAL D 7 6.80 -38.56 12.86
C VAL D 7 8.29 -38.90 12.84
N ILE D 8 8.86 -38.92 11.65
CA ILE D 8 10.25 -39.17 11.41
C ILE D 8 10.97 -37.87 11.03
N GLY D 9 11.79 -37.36 11.93
CA GLY D 9 12.38 -36.06 11.81
C GLY D 9 11.63 -35.06 12.66
N THR D 10 12.24 -34.63 13.74
CA THR D 10 11.61 -33.71 14.65
C THR D 10 12.43 -32.44 14.87
N GLY D 11 12.76 -31.83 13.74
CA GLY D 11 13.37 -30.53 13.73
C GLY D 11 12.33 -29.43 13.57
N ALA D 12 12.68 -28.37 12.86
CA ALA D 12 11.79 -27.23 12.79
C ALA D 12 10.39 -27.56 12.22
N MET D 13 10.38 -28.18 11.07
CA MET D 13 9.10 -28.53 10.47
C MET D 13 8.44 -29.76 11.09
N GLY D 14 9.23 -30.71 11.53
CA GLY D 14 8.66 -31.81 12.28
C GLY D 14 7.88 -31.37 13.51
N ARG D 15 8.49 -30.47 14.26
CA ARG D 15 7.84 -29.86 15.38
C ARG D 15 6.59 -29.08 14.99
N ALA D 16 6.68 -28.32 13.92
CA ALA D 16 5.55 -27.56 13.47
C ALA D 16 4.34 -28.46 13.08
N HIS D 17 4.64 -29.56 12.42
CA HIS D 17 3.60 -30.49 12.04
C HIS D 17 3.04 -31.20 13.29
N ILE D 18 3.92 -31.57 14.21
CA ILE D 18 3.44 -32.12 15.46
C ILE D 18 2.51 -31.16 16.18
N ASP D 19 2.90 -29.90 16.22
CA ASP D 19 2.11 -28.89 16.85
C ASP D 19 0.73 -28.79 16.24
N ARG D 20 0.68 -28.72 14.92
CA ARG D 20 -0.59 -28.58 14.28
C ARG D 20 -1.50 -29.80 14.43
N LEU D 21 -0.90 -30.96 14.35
CA LEU D 21 -1.62 -32.19 14.51
C LEU D 21 -2.22 -32.37 15.91
N THR D 22 -1.51 -31.83 16.88
CA THR D 22 -1.84 -32.00 18.28
C THR D 22 -2.85 -30.97 18.76
N ASN D 23 -2.65 -29.73 18.35
CA ASN D 23 -3.36 -28.62 18.92
C ASN D 23 -4.38 -27.89 18.03
N VAL D 24 -4.29 -28.08 16.72
CA VAL D 24 -5.10 -27.31 15.79
C VAL D 24 -6.01 -28.17 14.93
N LEU D 25 -5.43 -29.19 14.34
CA LEU D 25 -6.16 -30.05 13.45
C LEU D 25 -7.02 -31.08 14.17
N THR D 26 -7.93 -31.68 13.43
CA THR D 26 -8.82 -32.66 13.99
C THR D 26 -8.51 -34.08 13.57
N GLY D 27 -8.72 -35.03 14.46
CA GLY D 27 -8.69 -36.42 14.12
C GLY D 27 -7.35 -37.15 14.04
N ALA D 28 -6.36 -36.59 14.69
CA ALA D 28 -5.06 -37.22 14.70
C ALA D 28 -4.40 -37.13 16.07
N GLU D 29 -3.52 -38.09 16.33
CA GLU D 29 -2.68 -38.10 17.52
C GLU D 29 -1.28 -38.59 17.14
N VAL D 30 -0.26 -37.85 17.56
CA VAL D 30 1.10 -38.29 17.37
C VAL D 30 1.50 -39.28 18.51
N VAL D 31 1.73 -40.53 18.12
CA VAL D 31 1.97 -41.61 19.07
C VAL D 31 3.39 -42.15 19.04
N ALA D 32 4.18 -41.67 18.11
CA ALA D 32 5.55 -42.13 17.93
C ALA D 32 6.39 -41.12 17.15
N VAL D 33 7.62 -40.97 17.58
CA VAL D 33 8.58 -40.12 16.92
C VAL D 33 9.94 -40.79 16.83
N THR D 34 10.74 -40.35 15.87
CA THR D 34 12.14 -40.68 15.83
C THR D 34 12.92 -39.54 15.17
N ASP D 35 14.20 -39.41 15.56
CA ASP D 35 15.12 -38.49 14.97
C ASP D 35 16.51 -39.03 15.18
N ILE D 36 17.42 -38.79 14.25
CA ILE D 36 18.79 -39.21 14.44
C ILE D 36 19.45 -38.54 15.67
N ASP D 37 18.90 -37.40 16.04
CA ASP D 37 19.23 -36.73 17.27
C ASP D 37 18.18 -37.13 18.29
N HIS D 38 18.53 -38.07 19.16
CA HIS D 38 17.57 -38.58 20.12
CA HIS D 38 17.57 -38.58 20.14
C HIS D 38 17.03 -37.48 21.03
N GLU D 39 17.87 -36.54 21.36
CA GLU D 39 17.45 -35.47 22.20
C GLU D 39 16.38 -34.59 21.55
N ALA D 40 16.47 -34.43 20.26
CA ALA D 40 15.48 -33.70 19.54
C ALA D 40 14.13 -34.42 19.56
N ALA D 41 14.18 -35.73 19.47
CA ALA D 41 12.96 -36.50 19.50
C ALA D 41 12.31 -36.38 20.86
N GLU D 42 13.13 -36.54 21.90
CA GLU D 42 12.62 -36.42 23.25
C GLU D 42 12.05 -35.04 23.53
N ALA D 43 12.71 -34.01 23.02
CA ALA D 43 12.22 -32.66 23.17
C ALA D 43 10.86 -32.42 22.52
N ALA D 44 10.64 -33.04 21.39
CA ALA D 44 9.38 -32.92 20.73
C ALA D 44 8.25 -33.52 21.57
N VAL D 45 8.52 -34.68 22.13
CA VAL D 45 7.55 -35.36 22.95
C VAL D 45 7.15 -34.51 24.19
N ARG D 46 8.19 -34.00 24.84
CA ARG D 46 8.06 -33.14 25.99
C ARG D 46 7.36 -31.80 25.67
N ASP D 47 7.84 -31.10 24.65
CA ASP D 47 7.37 -29.76 24.36
C ASP D 47 5.92 -29.72 23.90
N PHE D 48 5.46 -30.78 23.26
CA PHE D 48 4.11 -30.87 22.73
C PHE D 48 3.17 -31.78 23.54
N HIS D 49 3.69 -32.19 24.70
CA HIS D 49 2.92 -32.91 25.70
C HIS D 49 2.32 -34.18 25.13
N LEU D 50 3.16 -34.93 24.44
CA LEU D 50 2.72 -36.15 23.80
C LEU D 50 2.88 -37.37 24.69
N ASN D 51 1.98 -38.32 24.49
CA ASN D 51 2.17 -39.68 24.93
C ASN D 51 2.62 -40.47 23.72
N ALA D 52 3.90 -40.41 23.45
CA ALA D 52 4.49 -40.96 22.25
C ALA D 52 5.73 -41.76 22.56
N LYS D 53 5.87 -42.87 21.85
CA LYS D 53 7.08 -43.67 21.86
C LYS D 53 8.22 -42.95 21.13
N VAL D 54 9.41 -43.03 21.67
CA VAL D 54 10.60 -42.55 21.00
C VAL D 54 11.39 -43.75 20.49
N TYR D 55 11.38 -43.92 19.18
CA TYR D 55 12.06 -45.01 18.52
C TYR D 55 13.49 -44.59 18.13
N PRO D 56 14.40 -45.55 18.12
CA PRO D 56 15.79 -45.24 17.80
C PRO D 56 16.04 -44.93 16.31
N ASP D 57 15.18 -45.40 15.45
CA ASP D 57 15.31 -45.16 14.05
C ASP D 57 13.98 -45.32 13.31
N ASP D 58 13.99 -44.98 12.02
CA ASP D 58 12.82 -45.12 11.18
C ASP D 58 12.35 -46.56 11.02
N THR D 59 13.27 -47.49 10.86
CA THR D 59 12.85 -48.85 10.61
C THR D 59 12.06 -49.44 11.78
N SER D 60 12.47 -49.14 13.00
CA SER D 60 11.73 -49.62 14.13
C SER D 60 10.35 -48.98 14.30
N LEU D 61 10.28 -47.69 14.05
CA LEU D 61 9.02 -47.01 14.12
C LEU D 61 8.05 -47.56 13.07
N LEU D 62 8.57 -47.80 11.89
CA LEU D 62 7.74 -48.30 10.80
C LEU D 62 7.18 -49.69 11.00
N GLN D 63 7.79 -50.43 11.93
CA GLN D 63 7.35 -51.77 12.24
C GLN D 63 6.39 -51.87 13.41
N ASP D 64 5.93 -50.72 13.89
CA ASP D 64 4.89 -50.65 14.91
C ASP D 64 3.53 -50.70 14.24
N PRO D 65 2.76 -51.75 14.50
CA PRO D 65 1.51 -51.93 13.77
C PRO D 65 0.45 -50.93 14.11
N ASP D 66 0.58 -50.25 15.22
CA ASP D 66 -0.46 -49.37 15.68
C ASP D 66 -0.46 -48.00 15.01
N ILE D 67 0.60 -47.74 14.28
CA ILE D 67 0.70 -46.49 13.55
C ILE D 67 -0.01 -46.57 12.18
N ASP D 68 -0.89 -45.62 11.95
CA ASP D 68 -1.68 -45.56 10.75
C ASP D 68 -0.98 -44.83 9.56
N ALA D 69 -0.19 -43.84 9.92
CA ALA D 69 0.41 -42.95 8.95
C ALA D 69 1.69 -42.39 9.50
N VAL D 70 2.64 -42.19 8.62
CA VAL D 70 3.88 -41.56 8.99
C VAL D 70 4.12 -40.28 8.22
N PHE D 71 4.72 -39.34 8.93
CA PHE D 71 5.19 -38.09 8.38
C PHE D 71 6.72 -38.14 8.26
N VAL D 72 7.23 -37.91 7.08
CA VAL D 72 8.65 -37.88 6.84
C VAL D 72 9.09 -36.41 6.76
N VAL D 73 9.81 -35.97 7.78
CA VAL D 73 10.11 -34.56 7.96
C VAL D 73 11.61 -34.37 8.28
N SER D 74 12.40 -35.30 7.79
CA SER D 74 13.83 -35.24 7.93
C SER D 74 14.49 -34.34 6.88
N PHE D 75 15.80 -34.24 6.96
CA PHE D 75 16.60 -33.61 5.93
C PHE D 75 16.17 -34.16 4.57
N GLY D 76 16.11 -33.31 3.57
CA GLY D 76 15.61 -33.71 2.28
C GLY D 76 16.29 -34.94 1.69
N GLY D 77 17.59 -35.00 1.84
CA GLY D 77 18.34 -36.13 1.35
C GLY D 77 18.07 -37.46 2.03
N ALA D 78 17.38 -37.41 3.15
CA ALA D 78 16.97 -38.59 3.90
C ALA D 78 15.57 -39.12 3.54
N HIS D 79 14.80 -38.38 2.77
CA HIS D 79 13.45 -38.78 2.48
C HIS D 79 13.39 -40.06 1.69
N GLU D 80 14.24 -40.18 0.70
CA GLU D 80 14.20 -41.32 -0.22
C GLU D 80 14.21 -42.68 0.49
N ALA D 81 15.22 -42.92 1.30
CA ALA D 81 15.34 -44.18 1.97
C ALA D 81 14.16 -44.46 2.93
N THR D 82 13.76 -43.45 3.66
CA THR D 82 12.65 -43.58 4.57
C THR D 82 11.30 -43.90 3.87
N VAL D 83 11.04 -43.18 2.80
CA VAL D 83 9.84 -43.42 2.04
C VAL D 83 9.83 -44.84 1.45
N LEU D 84 10.95 -45.26 0.90
CA LEU D 84 11.07 -46.63 0.40
C LEU D 84 10.81 -47.70 1.46
N LYS D 85 11.40 -47.53 2.63
CA LYS D 85 11.12 -48.40 3.75
C LYS D 85 9.65 -48.41 4.17
N ALA D 86 9.04 -47.24 4.18
CA ALA D 86 7.66 -47.14 4.56
C ALA D 86 6.73 -47.84 3.57
N LEU D 87 7.13 -47.87 2.32
CA LEU D 87 6.35 -48.55 1.31
C LEU D 87 6.32 -50.08 1.50
N ASP D 88 7.15 -50.59 2.38
CA ASP D 88 7.12 -51.99 2.74
C ASP D 88 6.00 -52.25 3.76
N THR D 89 5.41 -51.22 4.29
CA THR D 89 4.30 -51.35 5.21
C THR D 89 2.99 -50.96 4.53
N ASP D 90 1.88 -51.05 5.26
CA ASP D 90 0.61 -50.58 4.73
CA ASP D 90 0.61 -50.59 4.73
C ASP D 90 0.23 -49.21 5.24
N LYS D 91 1.21 -48.51 5.78
CA LYS D 91 0.95 -47.18 6.33
C LYS D 91 0.82 -46.14 5.23
N PHE D 92 -0.01 -45.14 5.49
CA PHE D 92 -0.05 -43.99 4.64
C PHE D 92 1.17 -43.09 4.94
N ILE D 93 1.60 -42.34 3.93
CA ILE D 93 2.85 -41.62 4.01
C ILE D 93 2.67 -40.16 3.57
N PHE D 94 2.96 -39.24 4.45
CA PHE D 94 3.06 -37.84 4.08
C PHE D 94 4.56 -37.47 4.16
N THR D 95 5.15 -37.14 3.03
CA THR D 95 6.53 -36.71 3.05
C THR D 95 6.60 -35.22 2.72
N GLU D 96 7.42 -34.51 3.46
CA GLU D 96 7.72 -33.18 3.05
C GLU D 96 8.45 -33.20 1.71
N LYS D 97 8.38 -32.09 1.00
CA LYS D 97 9.24 -31.94 -0.14
C LYS D 97 10.74 -31.86 0.27
N PRO D 98 11.62 -32.18 -0.66
CA PRO D 98 11.36 -32.81 -1.95
C PRO D 98 11.05 -34.30 -1.76
N LEU D 99 10.47 -34.94 -2.75
CA LEU D 99 10.28 -36.39 -2.69
C LEU D 99 11.61 -37.13 -2.51
N ALA D 100 12.58 -36.68 -3.26
CA ALA D 100 13.94 -37.12 -3.13
C ALA D 100 14.84 -36.02 -3.64
N THR D 101 16.14 -36.13 -3.44
CA THR D 101 17.02 -35.10 -3.89
C THR D 101 17.69 -35.38 -5.25
N THR D 102 17.31 -36.49 -5.84
CA THR D 102 17.77 -36.88 -7.16
C THR D 102 16.60 -37.43 -7.98
N LEU D 103 16.73 -37.35 -9.28
CA LEU D 103 15.78 -37.91 -10.17
C LEU D 103 15.66 -39.45 -9.97
N GLU D 104 16.79 -40.08 -9.86
CA GLU D 104 16.77 -41.52 -9.72
C GLU D 104 16.07 -41.99 -8.42
N GLY D 105 16.28 -41.23 -7.35
CA GLY D 105 15.60 -41.52 -6.11
C GLY D 105 14.09 -41.34 -6.20
N ALA D 106 13.68 -40.29 -6.86
CA ALA D 106 12.27 -40.07 -7.04
C ALA D 106 11.64 -41.18 -7.88
N LYS D 107 12.36 -41.61 -8.89
CA LYS D 107 11.89 -42.65 -9.78
C LYS D 107 11.78 -44.00 -9.04
N ARG D 108 12.73 -44.26 -8.18
CA ARG D 108 12.70 -45.47 -7.36
C ARG D 108 11.41 -45.52 -6.53
N ILE D 109 11.04 -44.37 -5.97
CA ILE D 109 9.86 -44.29 -5.15
C ILE D 109 8.59 -44.53 -5.94
N VAL D 110 8.49 -43.86 -7.07
CA VAL D 110 7.38 -44.07 -7.96
C VAL D 110 7.30 -45.55 -8.42
N ASP D 111 8.42 -46.10 -8.83
CA ASP D 111 8.45 -47.49 -9.29
C ASP D 111 7.95 -48.44 -8.18
N LYS D 112 8.36 -48.20 -6.95
CA LYS D 112 7.89 -49.01 -5.85
C LYS D 112 6.41 -48.80 -5.53
N GLU D 113 5.98 -47.54 -5.48
CA GLU D 113 4.58 -47.31 -5.16
C GLU D 113 3.64 -47.91 -6.21
N LEU D 114 4.10 -47.92 -7.46
CA LEU D 114 3.31 -48.49 -8.54
C LEU D 114 3.01 -49.98 -8.34
N THR D 115 3.82 -50.64 -7.56
CA THR D 115 3.61 -52.07 -7.28
C THR D 115 2.57 -52.32 -6.23
N LYS D 116 2.05 -51.26 -5.62
CA LYS D 116 1.11 -51.39 -4.53
C LYS D 116 -0.34 -51.39 -5.00
N SER D 117 -1.24 -51.83 -4.15
CA SER D 117 -2.63 -51.99 -4.55
C SER D 117 -3.36 -50.65 -4.57
N LYS D 118 -2.84 -49.69 -3.80
CA LYS D 118 -3.37 -48.36 -3.80
C LYS D 118 -2.30 -47.31 -3.45
N LYS D 119 -2.57 -46.09 -3.86
CA LYS D 119 -1.67 -44.97 -3.62
C LYS D 119 -1.71 -44.58 -2.16
N VAL D 120 -0.54 -44.35 -1.58
CA VAL D 120 -0.43 -44.01 -0.17
C VAL D 120 0.40 -42.76 0.17
N ILE D 121 1.12 -42.25 -0.82
CA ILE D 121 2.00 -41.09 -0.60
C ILE D 121 1.37 -39.74 -0.96
N GLN D 122 1.49 -38.79 -0.06
CA GLN D 122 1.25 -37.39 -0.35
C GLN D 122 2.56 -36.62 -0.13
N VAL D 123 2.87 -35.73 -1.05
CA VAL D 123 4.03 -34.88 -0.93
C VAL D 123 3.60 -33.47 -0.51
N GLY D 124 4.38 -32.88 0.40
CA GLY D 124 4.07 -31.59 0.96
C GLY D 124 4.27 -30.32 0.12
N PHE D 125 3.74 -30.34 -1.08
CA PHE D 125 3.76 -29.17 -1.92
C PHE D 125 2.60 -28.25 -1.51
N MET D 126 2.79 -27.51 -0.45
CA MET D 126 1.73 -26.77 0.17
C MET D 126 1.25 -25.54 -0.61
N ARG D 127 2.07 -25.07 -1.54
CA ARG D 127 1.72 -23.86 -2.26
C ARG D 127 0.32 -23.92 -2.91
N ARG D 128 -0.02 -25.09 -3.41
CA ARG D 128 -1.31 -25.33 -4.04
C ARG D 128 -2.51 -25.12 -3.08
N TYR D 129 -2.25 -25.15 -1.79
CA TYR D 129 -3.29 -25.02 -0.80
C TYR D 129 -3.39 -23.60 -0.23
N ASP D 130 -2.44 -22.76 -0.56
CA ASP D 130 -2.42 -21.39 -0.05
C ASP D 130 -3.58 -20.58 -0.63
N GLN D 131 -4.36 -19.98 0.24
CA GLN D 131 -5.56 -19.31 -0.19
C GLN D 131 -5.30 -18.16 -1.17
N GLY D 132 -4.24 -17.45 -0.91
CA GLY D 132 -3.88 -16.38 -1.80
C GLY D 132 -3.49 -16.85 -3.18
N ILE D 133 -2.65 -17.86 -3.23
CA ILE D 133 -2.20 -18.37 -4.47
C ILE D 133 -3.37 -19.02 -5.24
N ARG D 134 -4.24 -19.71 -4.50
CA ARG D 134 -5.43 -20.26 -5.11
C ARG D 134 -6.34 -19.17 -5.67
N ALA D 135 -6.48 -18.09 -4.96
CA ALA D 135 -7.32 -17.02 -5.41
C ALA D 135 -6.79 -16.38 -6.68
N LEU D 136 -5.48 -16.28 -6.78
CA LEU D 136 -4.88 -15.79 -8.00
C LEU D 136 -5.13 -16.72 -9.19
N LYS D 137 -4.89 -18.01 -8.99
CA LYS D 137 -5.16 -18.99 -10.01
C LYS D 137 -6.61 -18.92 -10.49
N GLU D 138 -7.52 -18.84 -9.54
CA GLU D 138 -8.93 -18.77 -9.87
C GLU D 138 -9.25 -17.56 -10.74
N LYS D 139 -8.69 -16.42 -10.39
CA LYS D 139 -8.91 -15.22 -11.17
C LYS D 139 -8.29 -15.36 -12.54
N LEU D 140 -7.10 -15.90 -12.63
CA LEU D 140 -6.47 -16.13 -13.92
C LEU D 140 -7.33 -17.00 -14.84
N ASP D 141 -7.88 -18.02 -14.26
CA ASP D 141 -8.69 -18.98 -14.99
C ASP D 141 -10.04 -18.43 -15.49
N THR D 142 -10.44 -17.28 -15.00
CA THR D 142 -11.62 -16.64 -15.52
C THR D 142 -11.38 -16.03 -16.89
N GLY D 143 -10.12 -15.86 -17.25
CA GLY D 143 -9.77 -15.25 -18.51
C GLY D 143 -9.70 -13.74 -18.52
N ILE D 144 -9.82 -13.14 -17.35
CA ILE D 144 -9.89 -11.70 -17.23
C ILE D 144 -8.63 -10.95 -17.72
N ILE D 145 -7.49 -11.58 -17.64
CA ILE D 145 -6.27 -11.00 -18.18
C ILE D 145 -5.73 -11.69 -19.45
N GLY D 146 -6.56 -12.53 -20.04
CA GLY D 146 -6.18 -13.28 -21.20
C GLY D 146 -5.15 -14.36 -20.91
N ALA D 147 -4.39 -14.77 -21.90
CA ALA D 147 -3.45 -15.86 -21.74
C ALA D 147 -2.23 -15.40 -20.93
N PRO D 148 -1.71 -16.29 -20.06
CA PRO D 148 -0.46 -15.98 -19.35
C PRO D 148 0.79 -16.04 -20.26
N LEU D 149 1.47 -14.92 -20.39
CA LEU D 149 2.62 -14.82 -21.24
C LEU D 149 3.93 -14.99 -20.48
N VAL D 150 4.00 -14.33 -19.33
CA VAL D 150 5.18 -14.34 -18.50
C VAL D 150 4.74 -14.42 -17.04
N VAL D 151 5.49 -15.17 -16.24
CA VAL D 151 5.31 -15.23 -14.81
C VAL D 151 6.60 -14.76 -14.15
N ARG D 152 6.48 -13.85 -13.21
CA ARG D 152 7.61 -13.44 -12.43
C ARG D 152 7.38 -13.80 -10.98
N ALA D 153 8.36 -14.45 -10.38
CA ALA D 153 8.24 -14.92 -9.02
C ALA D 153 9.53 -14.70 -8.23
N SER D 154 9.35 -14.53 -6.93
CA SER D 154 10.46 -14.48 -6.01
C SER D 154 10.25 -15.46 -4.85
N HIS D 155 11.32 -16.11 -4.49
CA HIS D 155 11.39 -16.98 -3.34
C HIS D 155 12.56 -16.49 -2.46
N ILE D 156 12.16 -15.77 -1.42
CA ILE D 156 13.10 -15.05 -0.60
C ILE D 156 13.17 -15.67 0.81
N ASN D 157 14.39 -15.91 1.29
CA ASN D 157 14.61 -16.35 2.66
C ASN D 157 15.66 -15.40 3.25
N PRO D 158 15.63 -15.23 4.58
CA PRO D 158 16.56 -14.28 5.16
C PRO D 158 17.99 -14.83 5.26
N ASN D 159 18.06 -16.10 5.60
CA ASN D 159 19.31 -16.80 5.72
CA ASN D 159 19.31 -16.79 5.77
C ASN D 159 19.10 -18.30 5.68
N VAL D 160 20.17 -19.04 5.61
CA VAL D 160 20.09 -20.48 5.59
C VAL D 160 20.99 -21.09 6.69
N ALA D 161 20.69 -22.33 7.03
CA ALA D 161 21.51 -23.08 7.96
C ALA D 161 22.81 -23.56 7.29
N SER D 162 23.73 -24.00 8.14
CA SER D 162 25.03 -24.41 7.66
C SER D 162 25.01 -25.63 6.75
N ASN D 163 23.95 -26.42 6.79
CA ASN D 163 23.88 -27.61 5.96
C ASN D 163 23.25 -27.36 4.57
N TYR D 164 22.97 -26.11 4.28
CA TYR D 164 22.30 -25.76 3.04
C TYR D 164 23.31 -25.66 1.89
N SER D 165 23.13 -26.49 0.90
CA SER D 165 24.07 -26.60 -0.18
C SER D 165 23.56 -25.91 -1.44
N ASN D 166 24.45 -25.76 -2.41
CA ASN D 166 24.08 -25.16 -3.66
C ASN D 166 22.94 -25.91 -4.33
N GLU D 167 23.04 -27.23 -4.24
CA GLU D 167 22.06 -28.10 -4.83
C GLU D 167 20.66 -27.90 -4.19
N MET D 168 20.65 -27.55 -2.94
CA MET D 168 19.42 -27.35 -2.21
C MET D 168 18.69 -26.06 -2.62
N ALA D 169 19.40 -25.13 -3.22
CA ALA D 169 18.76 -23.98 -3.81
C ALA D 169 17.69 -24.46 -4.81
N ILE D 170 17.92 -25.63 -5.38
CA ILE D 170 16.91 -26.24 -6.22
C ILE D 170 15.98 -27.20 -5.47
N THR D 171 16.56 -28.20 -4.82
CA THR D 171 15.75 -29.26 -4.25
C THR D 171 14.93 -28.89 -3.03
N ASP D 172 15.38 -27.89 -2.30
CA ASP D 172 14.71 -27.44 -1.09
C ASP D 172 13.89 -26.17 -1.33
N THR D 173 14.32 -25.37 -2.28
CA THR D 173 13.78 -24.04 -2.43
C THR D 173 13.00 -23.86 -3.77
N LEU D 174 13.71 -23.86 -4.87
CA LEU D 174 13.06 -23.72 -6.18
C LEU D 174 12.01 -24.80 -6.44
N ILE D 175 12.15 -25.93 -5.78
CA ILE D 175 11.22 -27.05 -5.95
C ILE D 175 9.77 -26.60 -5.76
N HIS D 176 9.55 -25.63 -4.90
CA HIS D 176 8.21 -25.12 -4.70
C HIS D 176 7.65 -24.46 -5.97
N GLU D 177 8.47 -23.66 -6.60
CA GLU D 177 8.07 -23.00 -7.83
C GLU D 177 7.95 -23.99 -8.98
N ILE D 178 8.81 -25.00 -8.97
CA ILE D 178 8.74 -26.03 -9.97
C ILE D 178 7.37 -26.70 -9.94
N ASP D 179 6.93 -27.10 -8.77
CA ASP D 179 5.61 -27.66 -8.64
C ASP D 179 4.50 -26.66 -8.90
N GLU D 180 4.66 -25.49 -8.34
CA GLU D 180 3.63 -24.50 -8.37
C GLU D 180 3.22 -24.04 -9.79
N MET D 181 4.20 -23.79 -10.62
CA MET D 181 3.91 -23.15 -11.88
C MET D 181 3.21 -24.09 -12.84
N HIS D 182 3.60 -25.34 -12.86
CA HIS D 182 2.91 -26.24 -13.72
C HIS D 182 1.46 -26.46 -13.28
N TRP D 183 1.23 -26.46 -11.97
CA TRP D 183 -0.13 -26.46 -11.43
C TRP D 183 -0.95 -25.20 -11.72
N LEU D 184 -0.30 -24.06 -11.54
CA LEU D 184 -0.92 -22.79 -11.76
C LEU D 184 -1.37 -22.59 -13.20
N LEU D 185 -0.49 -22.96 -14.10
CA LEU D 185 -0.70 -22.72 -15.50
C LEU D 185 -1.35 -23.90 -16.23
N ASP D 186 -1.46 -25.01 -15.56
CA ASP D 186 -1.90 -26.25 -16.19
C ASP D 186 -1.11 -26.52 -17.46
N ASP D 187 0.19 -26.56 -17.31
CA ASP D 187 1.10 -26.62 -18.42
C ASP D 187 2.29 -27.46 -18.00
N GLU D 188 3.14 -27.86 -18.92
CA GLU D 188 4.33 -28.57 -18.54
C GLU D 188 5.56 -27.87 -19.06
N TYR D 189 6.72 -28.20 -18.51
CA TYR D 189 7.94 -27.54 -18.88
C TYR D 189 8.64 -28.12 -20.10
N THR D 190 9.31 -27.27 -20.85
CA THR D 190 10.14 -27.67 -21.95
C THR D 190 11.63 -27.41 -21.71
N SER D 191 11.95 -26.51 -20.79
CA SER D 191 13.34 -26.27 -20.46
C SER D 191 13.48 -25.49 -19.16
N ILE D 192 14.68 -25.52 -18.62
CA ILE D 192 15.06 -24.72 -17.46
C ILE D 192 16.49 -24.23 -17.62
N GLN D 193 16.75 -23.03 -17.17
CA GLN D 193 18.11 -22.50 -17.15
C GLN D 193 18.39 -21.77 -15.86
N ILE D 194 19.51 -22.07 -15.25
CA ILE D 194 19.92 -21.39 -14.04
C ILE D 194 21.08 -20.48 -14.35
N THR D 195 20.97 -19.22 -13.93
CA THR D 195 22.08 -18.31 -14.02
C THR D 195 22.47 -17.71 -12.67
N TYR D 196 23.71 -17.29 -12.58
CA TYR D 196 24.30 -16.81 -11.34
C TYR D 196 24.62 -15.32 -11.42
N PRO D 197 23.77 -14.49 -10.84
CA PRO D 197 24.14 -13.09 -10.74
C PRO D 197 25.26 -12.88 -9.73
N ARG D 198 25.69 -11.64 -9.63
CA ARG D 198 26.67 -11.19 -8.66
C ARG D 198 26.48 -11.90 -7.32
N GLN D 199 27.51 -12.61 -6.88
CA GLN D 199 27.46 -13.35 -5.63
C GLN D 199 27.33 -12.41 -4.43
N SER D 200 26.38 -12.72 -3.56
CA SER D 200 26.20 -11.93 -2.37
C SER D 200 27.31 -12.11 -1.32
N ALA D 201 27.70 -11.00 -0.73
CA ALA D 201 28.63 -11.02 0.38
C ALA D 201 28.05 -11.66 1.62
N GLU D 202 26.73 -11.89 1.61
CA GLU D 202 26.07 -12.46 2.76
C GLU D 202 26.12 -14.00 2.85
N VAL D 203 26.59 -14.64 1.81
CA VAL D 203 26.71 -16.07 1.78
C VAL D 203 27.78 -16.55 2.77
N ARG D 204 27.42 -17.54 3.55
CA ARG D 204 28.28 -18.08 4.59
C ARG D 204 28.53 -19.60 4.42
N ASN D 205 28.04 -20.14 3.32
CA ASN D 205 28.11 -21.55 3.06
C ASN D 205 28.99 -21.84 1.85
N GLU D 206 30.00 -22.66 2.04
CA GLU D 206 30.91 -23.00 0.97
C GLU D 206 30.18 -23.65 -0.20
N GLY D 207 30.44 -23.16 -1.38
CA GLY D 207 29.83 -23.70 -2.57
C GLY D 207 28.47 -23.15 -2.96
N LEU D 208 27.83 -22.41 -2.06
CA LEU D 208 26.53 -21.87 -2.32
C LEU D 208 26.60 -20.59 -3.17
N HIS D 209 25.89 -20.63 -4.28
CA HIS D 209 25.66 -19.42 -5.09
C HIS D 209 24.35 -18.81 -4.71
N ASP D 210 24.37 -17.51 -4.44
CA ASP D 210 23.16 -16.81 -4.05
C ASP D 210 23.34 -15.34 -4.40
N PRO D 211 22.34 -14.75 -5.06
CA PRO D 211 21.09 -15.35 -5.51
C PRO D 211 21.26 -16.24 -6.74
N GLN D 212 20.17 -16.90 -7.12
CA GLN D 212 20.10 -17.64 -8.37
C GLN D 212 18.86 -17.24 -9.15
N LEU D 213 19.00 -17.20 -10.46
CA LEU D 213 17.89 -16.91 -11.35
C LEU D 213 17.53 -18.15 -12.16
N ALA D 214 16.27 -18.47 -12.16
CA ALA D 214 15.77 -19.61 -12.91
C ALA D 214 14.77 -19.15 -13.96
N THR D 215 15.02 -19.54 -15.18
CA THR D 215 14.07 -19.33 -16.26
C THR D 215 13.51 -20.65 -16.72
N LEU D 216 12.20 -20.79 -16.63
CA LEU D 216 11.52 -21.97 -17.08
C LEU D 216 10.60 -21.63 -18.25
N THR D 217 10.56 -22.52 -19.23
CA THR D 217 9.70 -22.33 -20.36
C THR D 217 8.71 -23.46 -20.38
N THR D 218 7.48 -23.16 -20.80
CA THR D 218 6.42 -24.14 -20.86
C THR D 218 6.01 -24.47 -22.29
N LYS D 219 5.23 -25.52 -22.41
CA LYS D 219 4.78 -25.99 -23.72
C LYS D 219 3.99 -24.94 -24.47
N LYS D 220 3.16 -24.21 -23.76
CA LYS D 220 2.42 -23.13 -24.35
C LYS D 220 3.23 -21.85 -24.61
N GLY D 221 4.47 -21.83 -24.16
CA GLY D 221 5.37 -20.75 -24.43
C GLY D 221 5.48 -19.69 -23.34
N THR D 222 4.80 -19.92 -22.26
CA THR D 222 4.92 -19.07 -21.10
C THR D 222 6.34 -19.14 -20.53
N VAL D 223 6.92 -18.00 -20.23
CA VAL D 223 8.23 -17.95 -19.63
C VAL D 223 8.10 -17.53 -18.17
N ILE D 224 8.70 -18.32 -17.30
CA ILE D 224 8.72 -18.06 -15.90
C ILE D 224 10.14 -17.64 -15.45
N GLN D 225 10.21 -16.48 -14.85
CA GLN D 225 11.44 -15.97 -14.27
C GLN D 225 11.37 -15.97 -12.75
N VAL D 226 12.10 -16.85 -12.12
CA VAL D 226 12.15 -16.93 -10.68
C VAL D 226 13.46 -16.40 -10.11
N LEU D 227 13.32 -15.54 -9.14
CA LEU D 227 14.44 -15.12 -8.31
C LEU D 227 14.46 -15.97 -7.03
N VAL D 228 15.55 -16.67 -6.82
CA VAL D 228 15.81 -17.39 -5.60
C VAL D 228 16.88 -16.64 -4.82
N HIS D 229 16.50 -16.18 -3.64
CA HIS D 229 17.44 -15.39 -2.86
C HIS D 229 17.31 -15.78 -1.38
N VAL D 230 18.23 -16.60 -0.93
CA VAL D 230 18.11 -17.25 0.36
C VAL D 230 18.97 -16.67 1.50
N THR D 231 19.76 -15.65 1.18
CA THR D 231 20.51 -14.90 2.18
C THR D 231 20.12 -13.43 2.13
N ALA D 232 18.84 -13.20 1.82
CA ALA D 232 18.31 -11.85 1.65
C ALA D 232 18.32 -10.91 2.85
N GLN D 233 18.48 -11.49 4.04
CA GLN D 233 18.52 -10.80 5.32
C GLN D 233 17.17 -10.21 5.84
N TYR D 234 16.44 -9.57 4.94
CA TYR D 234 15.36 -8.73 5.39
C TYR D 234 14.11 -9.48 5.89
N GLY D 235 13.94 -10.68 5.38
CA GLY D 235 12.72 -11.38 5.64
C GLY D 235 12.51 -12.60 4.77
N TYR D 236 11.36 -13.23 4.98
CA TYR D 236 10.91 -14.36 4.23
C TYR D 236 9.73 -13.92 3.38
N GLU D 237 9.79 -14.16 2.09
CA GLU D 237 8.74 -13.68 1.22
C GLU D 237 8.57 -14.50 -0.05
N VAL D 238 7.33 -14.66 -0.45
CA VAL D 238 6.98 -15.28 -1.71
C VAL D 238 6.19 -14.27 -2.55
N LYS D 239 6.69 -13.97 -3.73
CA LYS D 239 6.04 -13.05 -4.66
C LYS D 239 5.66 -13.78 -5.96
N LEU D 240 4.53 -13.39 -6.53
CA LEU D 240 4.01 -13.97 -7.74
C LEU D 240 3.26 -12.92 -8.56
N GLU D 241 3.68 -12.77 -9.80
CA GLU D 241 3.06 -11.87 -10.72
C GLU D 241 2.84 -12.60 -12.06
N VAL D 242 1.61 -12.58 -12.54
CA VAL D 242 1.29 -13.17 -13.81
C VAL D 242 0.98 -12.05 -14.82
N ILE D 243 1.74 -12.05 -15.89
CA ILE D 243 1.57 -11.07 -16.96
C ILE D 243 0.72 -11.68 -18.08
N GLY D 244 -0.46 -11.14 -18.27
CA GLY D 244 -1.37 -11.63 -19.28
C GLY D 244 -1.44 -10.71 -20.50
N GLU D 245 -2.15 -11.18 -21.51
CA GLU D 245 -2.34 -10.39 -22.72
C GLU D 245 -3.04 -9.04 -22.48
N THR D 246 -3.97 -9.02 -21.55
CA THR D 246 -4.77 -7.83 -21.35
C THR D 246 -4.73 -7.24 -19.94
N GLY D 247 -3.92 -7.84 -19.10
CA GLY D 247 -3.80 -7.37 -17.75
C GLY D 247 -2.77 -8.16 -16.95
N GLU D 248 -2.66 -7.83 -15.68
CA GLU D 248 -1.77 -8.53 -14.74
C GLU D 248 -2.49 -8.89 -13.45
N LEU D 249 -2.00 -9.97 -12.84
CA LEU D 249 -2.43 -10.39 -11.53
C LEU D 249 -1.21 -10.57 -10.62
N GLN D 250 -1.34 -10.12 -9.40
CA GLN D 250 -0.24 -10.15 -8.44
C GLN D 250 -0.76 -10.56 -7.05
N LEU D 251 0.00 -11.37 -6.34
CA LEU D 251 -0.29 -11.61 -4.94
C LEU D 251 -0.08 -10.33 -4.16
N PRO D 252 -0.96 -10.07 -3.22
CA PRO D 252 -0.80 -8.92 -2.35
C PRO D 252 0.27 -9.15 -1.26
N ASN D 253 0.62 -8.10 -0.53
CA ASN D 253 1.47 -8.23 0.64
C ASN D 253 0.80 -9.09 1.73
N TYR D 254 1.58 -10.01 2.27
CA TYR D 254 1.08 -10.87 3.31
C TYR D 254 1.33 -10.26 4.68
N GLY D 255 0.32 -10.28 5.52
CA GLY D 255 0.50 -9.88 6.88
C GLY D 255 -0.71 -9.22 7.50
N LEU D 256 -0.92 -9.46 8.77
CA LEU D 256 -2.01 -8.82 9.46
C LEU D 256 -1.51 -7.79 10.46
N GLY D 257 -0.20 -7.68 10.58
CA GLY D 257 0.43 -6.85 11.58
C GLY D 257 0.14 -5.40 11.29
N PRO D 258 0.29 -4.52 12.30
CA PRO D 258 -0.16 -3.17 12.03
C PRO D 258 0.80 -2.33 11.21
N ILE D 259 0.27 -1.29 10.60
CA ILE D 259 1.08 -0.25 10.01
C ILE D 259 1.51 0.75 11.09
N LEU D 260 2.79 0.93 11.24
CA LEU D 260 3.36 1.83 12.22
C LEU D 260 3.85 3.08 11.56
N ARG D 261 3.39 4.23 12.04
CA ARG D 261 3.95 5.49 11.68
C ARG D 261 4.83 5.98 12.85
N SER D 262 6.12 6.12 12.59
CA SER D 262 7.07 6.40 13.64
C SER D 262 8.39 6.79 13.00
N ASN D 263 9.05 7.78 13.55
CA ASN D 263 10.43 8.07 13.17
C ASN D 263 10.62 8.28 11.67
N ALA D 264 9.75 9.07 11.07
CA ALA D 264 9.85 9.46 9.68
C ALA D 264 9.64 8.30 8.68
N ASN D 265 8.99 7.26 9.14
CA ASN D 265 8.69 6.11 8.32
C ASN D 265 7.29 5.56 8.60
N GLN D 266 6.74 4.92 7.59
CA GLN D 266 5.56 4.15 7.70
C GLN D 266 5.97 2.70 7.37
N GLN D 267 5.74 1.79 8.29
CA GLN D 267 6.24 0.46 8.10
C GLN D 267 5.32 -0.68 8.58
N THR D 268 5.46 -1.83 7.95
CA THR D 268 4.78 -3.03 8.35
C THR D 268 5.80 -4.17 8.46
N ALA D 269 5.56 -5.08 9.39
CA ALA D 269 6.43 -6.22 9.60
C ALA D 269 6.39 -7.19 8.44
N VAL D 270 7.54 -7.78 8.16
CA VAL D 270 7.66 -8.86 7.21
C VAL D 270 7.88 -10.16 7.99
N GLU D 271 7.24 -11.24 7.55
CA GLU D 271 7.52 -12.54 8.10
C GLU D 271 9.00 -12.90 8.01
N MET D 272 9.49 -13.64 8.99
CA MET D 272 10.85 -14.09 8.93
C MET D 272 11.02 -15.60 8.65
N SER D 273 9.90 -16.29 8.55
CA SER D 273 9.95 -17.71 8.29
C SER D 273 8.68 -18.23 7.60
N TRP D 274 8.85 -19.36 6.94
CA TRP D 274 7.76 -20.11 6.35
C TRP D 274 6.73 -20.54 7.38
N ILE D 275 7.17 -20.74 8.61
CA ILE D 275 6.33 -21.37 9.62
C ILE D 275 5.02 -20.64 9.85
N ASN D 276 5.12 -19.32 9.83
CA ASN D 276 3.98 -18.47 9.91
C ASN D 276 3.37 -18.05 8.56
N ARG D 277 4.21 -17.83 7.56
CA ARG D 277 3.69 -17.40 6.27
C ARG D 277 2.73 -18.41 5.66
N PHE D 278 3.07 -19.67 5.82
CA PHE D 278 2.30 -20.73 5.16
C PHE D 278 1.52 -21.63 6.12
N ILE D 279 1.27 -21.13 7.31
CA ILE D 279 0.60 -21.91 8.33
C ILE D 279 -0.77 -22.45 7.84
N GLN D 280 -1.51 -21.63 7.14
CA GLN D 280 -2.79 -22.08 6.61
C GLN D 280 -2.64 -23.21 5.60
N ALA D 281 -1.76 -23.03 4.64
CA ALA D 281 -1.50 -24.05 3.67
C ALA D 281 -1.10 -25.39 4.28
N TYR D 282 -0.20 -25.34 5.27
CA TYR D 282 0.21 -26.54 5.97
C TYR D 282 -0.96 -27.19 6.71
N ASN D 283 -1.71 -26.37 7.41
CA ASN D 283 -2.90 -26.87 8.08
C ASN D 283 -3.88 -27.57 7.15
N THR D 284 -4.16 -26.91 6.02
CA THR D 284 -5.11 -27.46 5.07
C THR D 284 -4.63 -28.77 4.44
N GLU D 285 -3.41 -28.79 3.97
CA GLU D 285 -2.89 -29.98 3.33
C GLU D 285 -2.83 -31.18 4.29
N VAL D 286 -2.43 -30.90 5.50
CA VAL D 286 -2.28 -31.98 6.45
C VAL D 286 -3.64 -32.51 6.93
N GLN D 287 -4.56 -31.59 7.12
CA GLN D 287 -5.90 -32.00 7.49
C GLN D 287 -6.51 -32.86 6.41
N GLU D 288 -6.26 -32.50 5.17
CA GLU D 288 -6.75 -33.27 4.05
C GLU D 288 -6.16 -34.69 4.02
N PHE D 289 -4.87 -34.81 4.25
CA PHE D 289 -4.20 -36.08 4.36
C PHE D 289 -4.82 -36.93 5.46
N ILE D 290 -4.96 -36.35 6.64
CA ILE D 290 -5.51 -37.05 7.77
C ILE D 290 -6.95 -37.53 7.50
N ASP D 291 -7.73 -36.68 6.86
CA ASP D 291 -9.10 -37.03 6.54
C ASP D 291 -9.17 -38.22 5.58
N GLU D 292 -8.27 -38.28 4.63
CA GLU D 292 -8.23 -39.41 3.74
C GLU D 292 -7.79 -40.71 4.45
N VAL D 293 -6.72 -40.62 5.24
CA VAL D 293 -6.28 -41.77 6.02
C VAL D 293 -7.39 -42.35 6.91
N ALA D 294 -8.17 -41.45 7.49
CA ALA D 294 -9.23 -41.85 8.38
C ALA D 294 -10.25 -42.73 7.67
N LYS D 295 -10.40 -42.48 6.38
CA LYS D 295 -11.33 -43.22 5.53
C LYS D 295 -10.66 -44.36 4.80
N SER D 296 -9.40 -44.59 5.10
CA SER D 296 -8.61 -45.59 4.42
C SER D 296 -8.63 -45.42 2.89
N GLU D 297 -8.70 -44.18 2.44
CA GLU D 297 -8.66 -43.83 1.05
C GLU D 297 -7.35 -43.16 0.66
N PRO D 298 -6.95 -43.31 -0.60
CA PRO D 298 -5.72 -42.66 -1.05
C PRO D 298 -5.78 -41.15 -0.88
N PRO D 299 -4.63 -40.54 -0.57
CA PRO D 299 -4.56 -39.08 -0.54
C PRO D 299 -5.03 -38.47 -1.87
N VAL D 300 -5.54 -37.25 -1.81
CA VAL D 300 -5.95 -36.56 -3.00
C VAL D 300 -5.02 -35.40 -3.34
N GLY D 301 -4.10 -35.11 -2.45
CA GLY D 301 -3.13 -34.08 -2.66
C GLY D 301 -1.97 -34.50 -3.54
N PRO D 302 -0.99 -33.62 -3.67
CA PRO D 302 0.13 -33.92 -4.55
C PRO D 302 0.74 -35.31 -4.27
N SER D 303 1.04 -36.02 -5.33
CA SER D 303 1.45 -37.39 -5.27
C SER D 303 2.94 -37.56 -5.49
N ALA D 304 3.39 -38.80 -5.35
CA ALA D 304 4.74 -39.11 -5.66
C ALA D 304 5.05 -38.84 -7.12
N TRP D 305 4.03 -38.93 -7.97
CA TRP D 305 4.23 -38.58 -9.36
C TRP D 305 4.52 -37.09 -9.54
N ASP D 306 3.77 -36.28 -8.84
CA ASP D 306 4.07 -34.87 -8.80
C ASP D 306 5.48 -34.61 -8.30
N GLY D 307 5.89 -35.39 -7.31
CA GLY D 307 7.23 -35.29 -6.81
C GLY D 307 8.29 -35.66 -7.82
N TYR D 308 7.98 -36.69 -8.59
CA TYR D 308 8.87 -37.15 -9.63
C TYR D 308 8.95 -36.16 -10.80
N ILE D 309 7.82 -35.66 -11.20
CA ILE D 309 7.76 -34.66 -12.24
C ILE D 309 8.58 -33.44 -11.84
N ALA D 310 8.43 -33.03 -10.62
CA ALA D 310 9.24 -31.96 -10.09
C ALA D 310 10.72 -32.30 -10.04
N ALA D 311 11.02 -33.53 -9.68
CA ALA D 311 12.38 -33.99 -9.61
C ALA D 311 13.13 -34.00 -10.96
N ILE D 312 12.39 -34.27 -12.01
CA ILE D 312 12.95 -34.24 -13.34
C ILE D 312 13.44 -32.81 -13.64
N THR D 313 12.58 -31.86 -13.37
CA THR D 313 12.91 -30.46 -13.61
C THR D 313 14.00 -29.99 -12.67
N ALA D 314 13.92 -30.42 -11.43
CA ALA D 314 14.96 -30.12 -10.47
C ALA D 314 16.32 -30.67 -10.87
N ALA D 315 16.34 -31.92 -11.33
CA ALA D 315 17.58 -32.49 -11.81
C ALA D 315 18.15 -31.73 -13.00
N ALA D 316 17.25 -31.27 -13.88
CA ALA D 316 17.65 -30.45 -15.00
C ALA D 316 18.30 -29.14 -14.54
N ALA D 317 17.71 -28.55 -13.51
CA ALA D 317 18.27 -27.34 -12.94
C ALA D 317 19.62 -27.56 -12.25
N ASN D 318 19.76 -28.68 -11.57
CA ASN D 318 21.03 -29.01 -10.97
C ASN D 318 22.13 -29.18 -12.05
N ARG D 319 21.74 -29.72 -13.18
CA ARG D 319 22.63 -29.83 -14.30
C ARG D 319 22.98 -28.45 -14.85
N SER D 320 21.99 -27.60 -14.96
CA SER D 320 22.18 -26.25 -15.43
C SER D 320 23.11 -25.43 -14.51
N GLN D 321 23.07 -25.73 -13.22
CA GLN D 321 23.89 -25.06 -12.27
C GLN D 321 25.38 -25.18 -12.60
N LYS D 322 25.74 -26.25 -13.28
CA LYS D 322 27.13 -26.51 -13.55
C LYS D 322 27.77 -25.57 -14.57
N ASP D 323 27.01 -25.22 -15.60
CA ASP D 323 27.53 -24.40 -16.69
C ASP D 323 26.63 -23.24 -17.09
N GLN D 324 25.53 -23.11 -16.38
CA GLN D 324 24.57 -22.05 -16.63
C GLN D 324 23.94 -22.15 -18.00
N GLU D 325 23.88 -23.36 -18.52
CA GLU D 325 23.26 -23.59 -19.81
C GLU D 325 21.85 -24.13 -19.70
N THR D 326 21.04 -23.83 -20.68
CA THR D 326 19.68 -24.33 -20.75
C THR D 326 19.61 -25.86 -20.91
N VAL D 327 18.73 -26.48 -20.15
CA VAL D 327 18.55 -27.91 -20.17
C VAL D 327 17.11 -28.24 -20.53
N LEU D 328 16.97 -29.12 -21.50
CA LEU D 328 15.66 -29.49 -21.98
C LEU D 328 14.94 -30.47 -21.05
N ILE D 329 13.64 -30.39 -21.06
CA ILE D 329 12.78 -31.19 -20.23
C ILE D 329 11.62 -31.73 -21.07
N ASN D 330 11.33 -33.01 -20.90
CA ASN D 330 10.17 -33.63 -21.53
C ASN D 330 9.68 -34.79 -20.68
N VAL D 331 8.76 -34.51 -19.79
CA VAL D 331 8.31 -35.50 -18.85
C VAL D 331 7.28 -36.48 -19.43
N ALA D 332 7.33 -37.70 -18.94
CA ALA D 332 6.42 -38.73 -19.36
C ALA D 332 4.99 -38.45 -18.94
N GLY D 333 4.06 -39.07 -19.64
CA GLY D 333 2.68 -38.93 -19.27
C GLY D 333 2.35 -39.58 -17.95
N THR D 334 1.31 -39.09 -17.32
CA THR D 334 0.92 -39.57 -15.99
C THR D 334 0.38 -40.99 -16.06
N PRO D 335 0.95 -41.92 -15.30
CA PRO D 335 0.41 -43.27 -15.29
C PRO D 335 -1.01 -43.29 -14.74
N THR D 336 -1.80 -44.27 -15.17
CA THR D 336 -3.16 -44.41 -14.72
C THR D 336 -3.27 -44.43 -13.19
N PHE D 337 -2.32 -45.09 -12.56
CA PHE D 337 -2.28 -45.21 -11.13
C PHE D 337 -2.35 -43.83 -10.46
N TYR D 338 -1.80 -42.84 -11.12
CA TYR D 338 -1.67 -41.51 -10.55
C TYR D 338 -2.63 -40.46 -11.13
N GLN D 339 -3.64 -40.92 -11.85
CA GLN D 339 -4.66 -40.04 -12.38
C GLN D 339 -5.83 -39.90 -11.41
PA NAI E . -31.59 -16.82 14.95
O1A NAI E . -32.86 -16.20 15.15
O2A NAI E . -31.24 -17.37 13.71
O5B NAI E . -31.48 -18.04 15.91
C5B NAI E . -31.91 -18.03 17.22
C4B NAI E . -32.46 -19.41 17.61
O4B NAI E . -32.80 -19.44 18.97
C3B NAI E . -33.80 -19.72 16.94
O3B NAI E . -33.74 -20.96 16.35
C2B NAI E . -34.81 -19.64 18.04
O2B NAI E . -35.93 -20.46 17.80
C1B NAI E . -34.03 -20.13 19.20
N9A NAI E . -34.50 -19.62 20.46
C8A NAI E . -35.00 -18.46 20.74
N7A NAI E . -35.24 -18.32 22.03
C5A NAI E . -34.91 -19.45 22.61
C6A NAI E . -34.91 -20.00 23.94
N6A NAI E . -35.34 -19.35 25.01
N1A NAI E . -34.42 -21.22 24.10
C2A NAI E . -34.00 -21.92 23.11
N3A NAI E . -33.99 -21.50 21.87
C4A NAI E . -34.41 -20.29 21.58
O3 NAI E . -30.55 -15.74 15.50
PN NAI E . -28.94 -15.82 15.44
O1N NAI E . -28.43 -14.94 14.40
O2N NAI E . -28.51 -17.18 15.30
O5D NAI E . -28.43 -15.17 16.71
C5D NAI E . -28.39 -15.88 17.91
C4D NAI E . -27.54 -15.16 18.92
O4D NAI E . -26.24 -15.05 18.38
C3D NAI E . -27.99 -13.74 19.12
O3D NAI E . -27.75 -13.43 20.46
C2D NAI E . -27.05 -12.95 18.24
O2D NAI E . -26.91 -11.71 18.81
C1D NAI E . -25.77 -13.73 18.42
N1N NAI E . -24.85 -13.47 17.32
C2N NAI E . -23.62 -13.05 17.53
C3N NAI E . -22.74 -12.78 16.51
C7N NAI E . -21.34 -12.27 16.79
O7N NAI E . -20.75 -11.72 15.91
N7N NAI E . -20.84 -12.46 17.98
C4N NAI E . -23.13 -13.02 15.10
C5N NAI E . -24.47 -13.51 15.02
C6N NAI E . -25.24 -13.72 16.12
C1 GOL F . -10.87 6.45 9.66
O1 GOL F . -12.13 6.58 9.10
C2 GOL F . -10.71 5.03 10.19
O2 GOL F . -11.77 4.82 11.02
C3 GOL F . -9.44 4.90 10.97
O3 GOL F . -8.38 5.38 10.20
C1 GOL G . -8.25 -23.48 14.30
O1 GOL G . -9.37 -24.10 13.75
C2 GOL G . -8.56 -22.65 15.53
O2 GOL G . -9.03 -21.42 15.14
C3 GOL G . -7.31 -22.41 16.33
O3 GOL G . -6.62 -23.59 16.60
C1 GOL H . -1.30 1.25 25.83
O1 GOL H . -2.52 1.76 26.35
C2 GOL H . -0.11 1.78 26.59
O2 GOL H . -0.41 3.06 26.97
C3 GOL H . 1.12 1.94 25.78
O3 GOL H . 2.17 1.98 26.71
S SO4 I . -10.89 -34.35 17.33
O1 SO4 I . -10.53 -35.72 17.44
O2 SO4 I . -11.88 -34.25 16.31
O3 SO4 I . -9.70 -33.65 17.01
O4 SO4 I . -11.42 -33.87 18.54
S SO4 J . -25.16 16.52 -2.30
O1 SO4 J . -25.16 17.72 -3.08
O2 SO4 J . -24.71 15.45 -3.10
O3 SO4 J . -24.31 16.72 -1.19
O4 SO4 J . -26.47 16.25 -1.85
PA NAI K . 7.03 14.13 -34.82
O1A NAI K . 7.00 13.33 -36.01
O2A NAI K . 5.81 14.58 -34.28
O5B NAI K . 7.88 15.44 -35.06
C5B NAI K . 9.10 15.40 -35.72
C4B NAI K . 9.30 16.70 -36.52
O4B NAI K . 10.57 16.72 -37.11
C3B NAI K . 8.31 16.81 -37.67
O3B NAI K . 7.61 18.03 -37.64
C2B NAI K . 9.17 16.68 -38.89
O2B NAI K . 8.65 17.38 -39.99
C1B NAI K . 10.49 17.28 -38.42
N9A NAI K . 11.69 16.89 -39.14
C8A NAI K . 12.01 15.73 -39.65
N7A NAI K . 13.23 15.74 -40.17
C5A NAI K . 13.71 16.94 -39.97
C6A NAI K . 14.97 17.61 -40.27
N6A NAI K . 15.90 16.96 -40.92
N1A NAI K . 15.07 18.83 -39.88
C2A NAI K . 14.10 19.46 -39.23
N3A NAI K . 12.93 18.94 -38.92
C4A NAI K . 12.69 17.68 -39.29
O3 NAI K . 7.97 13.30 -33.78
PN NAI K . 8.18 13.62 -32.24
O1N NAI K . 7.30 12.72 -31.51
O2N NAI K . 8.18 15.02 -31.97
O5D NAI K . 9.62 13.02 -32.10
C5D NAI K . 10.73 13.83 -32.34
C4D NAI K . 11.95 13.25 -31.64
O4D NAI K . 11.74 13.28 -30.24
C3D NAI K . 12.27 11.82 -31.97
O3D NAI K . 13.68 11.60 -32.00
C2D NAI K . 11.74 11.09 -30.77
O2D NAI K . 12.38 9.83 -30.62
C1D NAI K . 12.07 12.06 -29.66
N1N NAI K . 11.19 11.85 -28.52
C2N NAI K . 11.67 11.56 -27.34
C3N NAI K . 10.88 11.31 -26.26
C7N NAI K . 11.46 10.97 -24.93
O7N NAI K . 10.79 10.39 -24.17
N7N NAI K . 12.68 11.37 -24.67
C4N NAI K . 9.41 11.37 -26.39
C5N NAI K . 9.00 11.74 -27.72
C6N NAI K . 9.91 11.95 -28.71
C1 GOL L . 25.74 1.44 -3.05
O1 GOL L . 25.89 2.18 -4.23
C2 GOL L . 25.98 -0.02 -3.29
O2 GOL L . 26.43 -0.30 -4.56
C3 GOL L . 26.88 -0.69 -2.28
O3 GOL L . 26.57 -0.29 -1.00
C1 GOL M . -5.50 -2.32 -5.18
O1 GOL M . -4.12 -2.47 -5.31
C2 GOL M . -5.91 -0.87 -5.12
O2 GOL M . -4.96 -0.05 -5.79
C3 GOL M . -6.00 -0.47 -3.67
O3 GOL M . -6.08 0.90 -3.51
C1 GOL N . 6.73 3.35 -24.80
O1 GOL N . 6.87 2.60 -25.98
C2 GOL N . 7.79 4.42 -24.78
O2 GOL N . 7.83 5.12 -25.96
C3 GOL N . 7.50 5.39 -23.67
O3 GOL N . 8.67 6.00 -23.23
C1 GOL O . 2.63 16.53 -25.27
O1 GOL O . 3.17 16.71 -23.99
C2 GOL O . 3.10 15.28 -25.98
O2 GOL O . 2.43 15.10 -27.21
C3 GOL O . 4.58 15.23 -26.15
O3 GOL O . 4.97 14.48 -27.26
C1 GOL P . 8.60 -7.26 -11.87
O1 GOL P . 7.60 -7.52 -12.80
C2 GOL P . 8.78 -5.75 -11.79
O2 GOL P . 9.37 -5.33 -12.98
C3 GOL P . 9.62 -5.32 -10.63
O3 GOL P . 8.98 -5.71 -9.44
S SO4 Q . 17.94 14.89 -46.32
O1 SO4 Q . 18.88 14.67 -47.38
O2 SO4 Q . 16.68 15.26 -46.91
O3 SO4 Q . 18.46 15.94 -45.52
O4 SO4 Q . 17.77 13.73 -45.51
S SO4 R . -3.83 -20.37 -22.51
O1 SO4 R . -3.59 -19.97 -23.86
O2 SO4 R . -4.39 -21.67 -22.53
O3 SO4 R . -2.61 -20.40 -21.78
O4 SO4 R . -4.74 -19.45 -21.89
PA NAI S . 8.24 35.38 9.40
O1A NAI S . 8.13 35.75 10.76
O2A NAI S . 9.35 34.55 9.07
O5B NAI S . 8.27 36.65 8.51
C5B NAI S . 7.39 37.70 8.65
C4B NAI S . 8.14 38.93 8.16
O4B NAI S . 7.30 40.05 8.19
C3B NAI S . 9.29 39.31 9.07
O3B NAI S . 10.50 39.46 8.34
C2B NAI S . 8.82 40.58 9.75
O2B NAI S . 9.86 41.44 10.09
C1B NAI S . 7.97 41.16 8.68
N9A NAI S . 6.95 42.07 9.14
C8A NAI S . 6.23 41.98 10.24
N7A NAI S . 5.36 42.95 10.30
C5A NAI S . 5.49 43.68 9.21
C6A NAI S . 4.85 44.83 8.65
N6A NAI S . 3.89 45.45 9.33
N1A NAI S . 5.28 45.25 7.49
C2A NAI S . 6.25 44.68 6.86
N3A NAI S . 6.89 43.61 7.29
C4A NAI S . 6.55 43.08 8.44
O3 NAI S . 6.88 34.61 9.18
PN NAI S . 6.42 33.80 7.93
O1N NAI S . 6.51 32.40 8.32
O2N NAI S . 7.15 34.22 6.78
O5D NAI S . 4.89 34.15 7.81
C5D NAI S . 4.46 35.24 7.02
C4D NAI S . 3.02 35.12 6.59
O4D NAI S . 2.96 33.99 5.79
C3D NAI S . 2.11 34.84 7.75
O3D NAI S . 0.87 35.43 7.49
C2D NAI S . 1.95 33.34 7.69
O2D NAI S . 0.75 32.93 8.26
C1D NAI S . 1.94 33.12 6.20
N1N NAI S . 2.27 31.75 5.87
C2N NAI S . 1.46 30.98 5.16
C3N NAI S . 1.73 29.67 4.90
C7N NAI S . 0.77 28.84 4.10
O7N NAI S . 0.78 27.65 4.18
N7N NAI S . -0.05 29.46 3.33
C4N NAI S . 3.00 29.05 5.38
C5N NAI S . 3.83 30.00 6.08
C6N NAI S . 3.41 31.29 6.31
C1 GOL T . 6.44 25.02 -11.23
O1 GOL T . 5.83 25.39 -12.42
C2 GOL T . 7.56 24.05 -11.50
O2 GOL T . 7.19 22.75 -11.21
C3 GOL T . 7.92 24.15 -12.95
O3 GOL T . 9.25 23.80 -13.10
C1 GOL U . -8.68 10.05 7.28
O1 GOL U . -8.69 8.69 7.02
C2 GOL U . -7.94 10.22 8.58
O2 GOL U . -8.10 11.52 9.02
C3 GOL U . -8.43 9.32 9.69
O3 GOL U . -7.72 9.55 10.88
C1 GOL V . 3.95 0.21 5.27
O1 GOL V . 2.63 0.57 5.08
C2 GOL V . 4.81 0.61 4.07
O2 GOL V . 4.41 1.86 3.59
C3 GOL V . 4.65 -0.45 3.01
O3 GOL V . 5.29 -0.05 1.84
S SO4 W . -1.03 5.24 29.35
O1 SO4 W . 0.05 4.96 28.50
O2 SO4 W . -2.23 5.42 28.58
O3 SO4 W . -0.72 6.39 30.16
O4 SO4 W . -1.22 4.11 30.19
PA NAI X . 15.71 -29.22 10.50
O1A NAI X . 17.11 -29.22 10.16
O2A NAI X . 15.28 -28.26 11.46
O5B NAI X . 15.24 -30.67 10.94
C5B NAI X . 15.59 -31.80 10.22
C4B NAI X . 15.53 -32.93 11.23
O4B NAI X . 15.72 -34.16 10.58
C3B NAI X . 16.66 -32.86 12.25
O3B NAI X . 16.15 -33.02 13.55
C2B NAI X . 17.56 -33.99 11.86
O2B NAI X . 18.31 -34.49 12.93
C1B NAI X . 16.58 -35.00 11.33
N9A NAI X . 17.11 -36.03 10.45
C8A NAI X . 18.02 -35.93 9.52
N7A NAI X . 18.17 -37.07 8.87
C5A NAI X . 17.34 -37.93 9.41
C6A NAI X . 16.96 -39.31 9.17
N6A NAI X . 17.60 -40.04 8.27
N1A NAI X . 16.01 -39.75 9.93
C2A NAI X . 15.44 -39.04 10.86
N3A NAI X . 15.69 -37.79 11.13
C4A NAI X . 16.62 -37.22 10.42
O3 NAI X . 15.01 -29.02 9.10
PN NAI X . 13.48 -28.69 8.76
O1N NAI X . 13.39 -27.25 8.48
O2N NAI X . 12.59 -29.22 9.73
O5D NAI X . 13.25 -29.42 7.44
C5D NAI X . 12.83 -30.75 7.40
C4D NAI X . 12.14 -31.09 6.08
O4D NAI X . 11.01 -30.26 5.95
C3D NAI X . 12.92 -30.81 4.80
O3D NAI X . 12.57 -31.70 3.77
C2D NAI X . 12.46 -29.44 4.42
O2D NAI X . 12.65 -29.25 3.03
C1D NAI X . 10.99 -29.53 4.76
N1N NAI X . 10.36 -28.24 4.94
C2N NAI X . 9.32 -27.88 4.21
C3N NAI X . 8.72 -26.67 4.35
C7N NAI X . 7.58 -26.27 3.51
O7N NAI X . 7.33 -25.13 3.42
N7N NAI X . 6.95 -27.24 2.93
C4N NAI X . 9.21 -25.67 5.34
C5N NAI X . 10.32 -26.17 6.11
C6N NAI X . 10.84 -27.43 5.86
C1 INS Y . 12.47 -24.75 3.36
C2 INS Y . 11.05 -24.75 2.72
C3 INS Y . 10.58 -23.35 2.59
C4 INS Y . 11.54 -22.63 1.64
C5 INS Y . 12.95 -22.62 2.21
C6 INS Y . 13.44 -24.12 2.34
O1 INS Y . 12.84 -26.07 3.46
O2 INS Y . 11.01 -25.46 1.57
O3 INS Y . 9.14 -23.32 2.17
O4 INS Y . 11.09 -21.28 1.70
O5 INS Y . 13.74 -22.07 1.23
O6 INS Y . 14.82 -24.22 2.88
C1 GOL Z . -5.72 -30.93 -3.32
O1 GOL Z . -6.77 -31.62 -2.78
C2 GOL Z . -5.93 -29.46 -3.02
O2 GOL Z . -7.05 -29.00 -3.71
C3 GOL Z . -4.69 -28.68 -3.39
O3 GOL Z . -4.42 -28.90 -4.74
C1 GOL AA . -5.57 -21.79 9.05
O1 GOL AA . -6.02 -22.98 9.57
C2 GOL AA . -6.32 -20.55 9.53
O2 GOL AA . -7.56 -20.38 8.91
C3 GOL AA . -5.46 -19.33 9.29
O3 GOL AA . -5.59 -18.92 7.97
C1 GOL BA . 6.95 -10.68 -8.74
O1 GOL BA . 6.55 -9.35 -8.95
C2 GOL BA . 8.37 -10.64 -8.18
O2 GOL BA . 9.04 -11.82 -8.47
C3 GOL BA . 9.20 -9.54 -8.80
O3 GOL BA . 10.56 -9.70 -8.48
C1 GOL CA . 26.67 -27.68 2.85
O1 GOL CA . 26.50 -29.07 2.65
C2 GOL CA . 27.50 -27.10 1.72
O2 GOL CA . 27.77 -28.08 0.77
C3 GOL CA . 28.83 -26.57 2.21
O3 GOL CA . 28.63 -25.36 2.84
S SO4 DA . -6.85 -27.95 -7.52
O1 SO4 DA . -6.52 -28.27 -8.86
O2 SO4 DA . -7.23 -29.11 -6.83
O3 SO4 DA . -5.74 -27.37 -6.86
O4 SO4 DA . -7.92 -27.04 -7.51
#